data_1TL6
#
_entry.id   1TL6
#
_entity_poly.entity_id   1
_entity_poly.type   'polypeptide(L)'
_entity_poly.pdbx_seq_one_letter_code
;MNKNIDTVREIITVASILIKFSREDIVENRANFIAFLNEIGVTHEGRKLNQNSFRKIVSELTQEDKKTLIDEFNEGFEGV
YRYLEMYTNK
;
_entity_poly.pdbx_strand_id   A
#
# COMPACT_ATOMS: atom_id res chain seq x y z
N ASN A 2 9.23 -12.17 -5.14
CA ASN A 2 10.30 -12.26 -4.20
C ASN A 2 10.70 -10.89 -3.76
N LYS A 3 10.19 -9.86 -4.44
CA LYS A 3 10.59 -8.51 -4.19
C LYS A 3 9.81 -7.83 -3.11
N ASN A 4 10.19 -6.57 -2.85
CA ASN A 4 9.46 -5.69 -2.00
C ASN A 4 8.38 -5.05 -2.81
N ILE A 5 8.47 -5.07 -4.15
CA ILE A 5 7.49 -4.55 -5.07
C ILE A 5 6.23 -5.34 -4.96
N ASP A 6 6.36 -6.67 -5.08
CA ASP A 6 5.42 -7.72 -4.82
C ASP A 6 4.67 -7.52 -3.55
N THR A 7 5.38 -7.43 -2.41
CA THR A 7 4.86 -7.04 -1.14
C THR A 7 4.07 -5.78 -1.13
N VAL A 8 4.69 -4.65 -1.50
CA VAL A 8 4.13 -3.33 -1.50
C VAL A 8 2.99 -3.15 -2.44
N ARG A 9 2.98 -3.67 -3.68
CA ARG A 9 1.89 -3.42 -4.56
C ARG A 9 0.62 -4.03 -4.06
N GLU A 10 0.73 -5.16 -3.34
CA GLU A 10 -0.34 -5.80 -2.66
C GLU A 10 -0.88 -5.00 -1.53
N ILE A 11 -0.03 -4.32 -0.73
CA ILE A 11 -0.46 -3.35 0.22
C ILE A 11 -1.25 -2.26 -0.41
N ILE A 12 -0.65 -1.50 -1.34
CA ILE A 12 -1.23 -0.37 -1.98
C ILE A 12 -2.47 -0.66 -2.76
N THR A 13 -2.49 -1.70 -3.59
CA THR A 13 -3.61 -2.00 -4.44
C THR A 13 -4.81 -2.44 -3.68
N VAL A 14 -4.65 -3.25 -2.63
CA VAL A 14 -5.75 -3.73 -1.85
C VAL A 14 -6.26 -2.63 -0.97
N ALA A 15 -5.37 -1.76 -0.47
CA ALA A 15 -5.71 -0.52 0.16
C ALA A 15 -6.54 0.38 -0.70
N SER A 16 -6.04 0.69 -1.91
CA SER A 16 -6.66 1.48 -2.93
C SER A 16 -8.05 1.04 -3.25
N ILE A 17 -8.28 -0.26 -3.52
CA ILE A 17 -9.58 -0.79 -3.78
C ILE A 17 -10.53 -0.57 -2.65
N LEU A 18 -10.12 -0.76 -1.39
CA LEU A 18 -10.95 -0.57 -0.24
C LEU A 18 -11.14 0.87 0.12
N ILE A 19 -10.26 1.81 -0.26
CA ILE A 19 -10.57 3.20 -0.11
C ILE A 19 -11.34 3.80 -1.24
N LYS A 20 -10.85 3.76 -2.49
CA LYS A 20 -11.35 4.36 -3.68
C LYS A 20 -12.83 4.54 -3.76
N PHE A 21 -13.71 3.57 -4.04
CA PHE A 21 -15.13 3.86 -4.05
C PHE A 21 -15.80 3.33 -2.82
N SER A 22 -15.08 3.02 -1.74
CA SER A 22 -15.66 2.35 -0.62
C SER A 22 -15.51 3.02 0.70
N ARG A 23 -14.34 2.97 1.35
CA ARG A 23 -14.23 3.21 2.75
C ARG A 23 -13.00 3.99 3.09
N GLU A 24 -13.10 5.33 3.12
CA GLU A 24 -11.99 6.22 3.27
C GLU A 24 -11.66 6.50 4.69
N ASP A 25 -12.70 6.51 5.55
CA ASP A 25 -12.70 6.79 6.95
C ASP A 25 -11.80 5.97 7.82
N ILE A 26 -11.29 4.86 7.28
CA ILE A 26 -10.40 3.94 7.92
C ILE A 26 -8.96 4.21 7.61
N VAL A 27 -8.66 4.90 6.49
CA VAL A 27 -7.35 5.35 6.14
C VAL A 27 -6.95 6.54 6.92
N GLU A 28 -7.95 7.28 7.42
CA GLU A 28 -7.91 8.29 8.43
C GLU A 28 -7.18 7.92 9.68
N ASN A 29 -7.67 6.84 10.32
CA ASN A 29 -7.09 6.21 11.47
C ASN A 29 -6.51 4.91 10.99
N ARG A 30 -5.23 4.94 10.55
CA ARG A 30 -4.67 3.98 9.66
C ARG A 30 -4.51 2.60 10.21
N ALA A 31 -4.78 2.35 11.50
CA ALA A 31 -4.78 1.04 12.08
C ALA A 31 -6.02 0.30 11.73
N ASN A 32 -7.13 1.02 11.56
CA ASN A 32 -8.39 0.50 11.14
C ASN A 32 -8.31 0.02 9.73
N PHE A 33 -7.69 0.80 8.83
CA PHE A 33 -7.28 0.41 7.52
C PHE A 33 -6.54 -0.89 7.46
N ILE A 34 -5.48 -1.08 8.27
CA ILE A 34 -4.60 -2.21 8.24
C ILE A 34 -5.36 -3.47 8.43
N ALA A 35 -6.15 -3.50 9.52
CA ALA A 35 -6.90 -4.66 9.89
C ALA A 35 -8.10 -4.95 9.05
N PHE A 36 -8.59 -4.05 8.19
CA PHE A 36 -9.55 -4.36 7.18
C PHE A 36 -8.88 -4.84 5.94
N LEU A 37 -7.61 -4.47 5.70
CA LEU A 37 -6.80 -4.94 4.62
C LEU A 37 -6.26 -6.30 4.87
N ASN A 38 -5.96 -6.68 6.12
CA ASN A 38 -5.51 -8.00 6.45
C ASN A 38 -6.58 -9.02 6.38
N GLU A 39 -7.81 -8.69 6.82
CA GLU A 39 -9.06 -9.33 6.58
C GLU A 39 -9.25 -9.99 5.26
N ILE A 40 -8.85 -9.33 4.16
CA ILE A 40 -8.84 -9.79 2.81
C ILE A 40 -8.21 -11.12 2.58
N GLY A 41 -7.10 -11.44 3.27
CA GLY A 41 -6.23 -12.52 2.92
C GLY A 41 -4.91 -12.06 2.43
N VAL A 42 -4.54 -10.83 2.85
CA VAL A 42 -3.28 -10.24 2.51
C VAL A 42 -2.24 -10.73 3.47
N THR A 43 -1.27 -11.57 3.08
CA THR A 43 -0.32 -12.10 4.00
C THR A 43 1.08 -11.68 3.68
N HIS A 44 1.92 -11.69 4.73
CA HIS A 44 3.30 -11.31 4.65
C HIS A 44 4.13 -12.41 5.24
N GLU A 45 4.98 -12.07 6.22
CA GLU A 45 6.02 -12.91 6.70
C GLU A 45 5.54 -13.84 7.76
N GLY A 46 4.65 -14.78 7.39
CA GLY A 46 4.01 -15.72 8.28
C GLY A 46 2.89 -15.15 9.08
N ARG A 47 2.75 -13.81 9.07
CA ARG A 47 2.04 -13.05 10.05
C ARG A 47 1.20 -12.00 9.40
N LYS A 48 0.39 -11.27 10.17
CA LYS A 48 -0.30 -10.11 9.67
C LYS A 48 0.61 -8.93 9.63
N LEU A 49 0.19 -7.80 9.02
CA LEU A 49 1.01 -6.65 8.82
C LEU A 49 1.11 -5.79 10.03
N ASN A 50 2.34 -5.39 10.40
CA ASN A 50 2.63 -4.46 11.45
C ASN A 50 3.08 -3.18 10.84
N GLN A 51 2.65 -2.01 11.36
CA GLN A 51 2.97 -0.74 10.79
C GLN A 51 4.40 -0.35 10.94
N ASN A 52 5.11 -0.99 11.89
CA ASN A 52 6.49 -0.82 12.20
C ASN A 52 7.41 -1.19 11.10
N SER A 53 6.99 -2.13 10.22
CA SER A 53 7.82 -2.67 9.19
C SER A 53 7.97 -1.81 7.97
N PHE A 54 7.48 -0.57 7.93
CA PHE A 54 7.76 0.40 6.92
C PHE A 54 9.21 0.68 6.69
N ARG A 55 10.05 0.55 7.73
CA ARG A 55 11.47 0.56 7.61
C ARG A 55 12.01 -0.53 6.74
N LYS A 56 11.48 -1.76 6.90
CA LYS A 56 11.67 -2.94 6.11
C LYS A 56 11.07 -2.88 4.74
N ILE A 57 10.18 -1.90 4.49
CA ILE A 57 9.63 -1.64 3.21
C ILE A 57 10.59 -0.83 2.41
N VAL A 58 10.80 0.46 2.78
CA VAL A 58 11.34 1.42 1.86
C VAL A 58 12.81 1.31 1.67
N SER A 59 13.56 0.80 2.67
CA SER A 59 14.98 0.79 2.63
C SER A 59 15.50 -0.21 1.66
N GLU A 60 14.80 -1.37 1.60
CA GLU A 60 15.05 -2.50 0.76
C GLU A 60 14.63 -2.38 -0.67
N LEU A 61 13.98 -1.29 -1.09
CA LEU A 61 13.70 -1.05 -2.47
C LEU A 61 14.87 -0.33 -3.07
N THR A 62 15.05 -0.41 -4.39
CA THR A 62 16.18 0.13 -5.10
C THR A 62 15.65 1.21 -5.97
N GLN A 63 16.45 1.89 -6.81
CA GLN A 63 15.95 2.79 -7.79
C GLN A 63 15.25 2.05 -8.89
N GLU A 64 15.80 0.87 -9.23
CA GLU A 64 15.31 -0.04 -10.22
C GLU A 64 13.87 -0.36 -10.06
N ASP A 65 13.55 -0.67 -8.80
CA ASP A 65 12.28 -1.03 -8.24
C ASP A 65 11.34 0.11 -8.16
N LYS A 66 11.82 1.31 -7.81
CA LYS A 66 11.05 2.52 -7.82
C LYS A 66 10.38 2.74 -9.14
N LYS A 67 11.20 2.66 -10.22
CA LYS A 67 10.85 2.98 -11.56
C LYS A 67 9.77 2.06 -12.05
N THR A 68 10.07 0.76 -11.95
CA THR A 68 9.26 -0.42 -12.05
C THR A 68 7.91 -0.33 -11.44
N LEU A 69 7.80 0.05 -10.15
CA LEU A 69 6.57 0.06 -9.43
C LEU A 69 5.53 0.90 -10.10
N ILE A 70 6.05 2.07 -10.48
CA ILE A 70 5.41 3.12 -11.23
C ILE A 70 5.15 2.66 -12.62
N ASP A 71 6.17 2.26 -13.40
CA ASP A 71 6.05 1.85 -14.76
C ASP A 71 5.10 0.73 -15.05
N GLU A 72 5.09 -0.35 -14.25
CA GLU A 72 4.21 -1.45 -14.44
C GLU A 72 2.79 -1.15 -14.11
N PHE A 73 2.52 -0.49 -12.97
CA PHE A 73 1.19 -0.19 -12.54
C PHE A 73 1.02 1.28 -12.36
N ASN A 74 1.15 2.05 -13.46
CA ASN A 74 1.06 3.48 -13.45
C ASN A 74 -0.32 3.96 -13.17
N GLU A 75 -1.34 3.15 -13.56
CA GLU A 75 -2.72 3.32 -13.20
C GLU A 75 -2.93 3.39 -11.73
N GLY A 76 -2.27 2.47 -10.99
CA GLY A 76 -2.33 2.40 -9.55
C GLY A 76 -1.53 3.45 -8.86
N PHE A 77 -0.41 3.90 -9.47
CA PHE A 77 0.37 4.98 -8.97
C PHE A 77 -0.39 6.27 -9.03
N GLU A 78 -0.89 6.67 -10.22
CA GLU A 78 -1.70 7.83 -10.39
C GLU A 78 -2.93 7.81 -9.56
N GLY A 79 -3.61 6.64 -9.48
CA GLY A 79 -4.70 6.39 -8.59
C GLY A 79 -4.47 6.79 -7.18
N VAL A 80 -3.43 6.29 -6.51
CA VAL A 80 -3.15 6.63 -5.15
C VAL A 80 -2.53 7.98 -4.99
N TYR A 81 -1.74 8.47 -5.97
CA TYR A 81 -1.16 9.78 -5.98
C TYR A 81 -2.19 10.86 -6.01
N ARG A 82 -3.30 10.64 -6.74
CA ARG A 82 -4.44 11.50 -6.76
C ARG A 82 -5.18 11.53 -5.46
N TYR A 83 -5.36 10.35 -4.82
CA TYR A 83 -5.91 10.22 -3.51
C TYR A 83 -5.08 10.94 -2.51
N LEU A 84 -3.75 10.78 -2.51
CA LEU A 84 -2.80 11.36 -1.63
C LEU A 84 -2.89 12.85 -1.49
N GLU A 85 -2.85 13.60 -2.60
CA GLU A 85 -2.92 15.03 -2.56
C GLU A 85 -4.24 15.57 -2.18
N MET A 86 -5.34 14.85 -2.51
CA MET A 86 -6.69 15.31 -2.35
C MET A 86 -7.29 14.98 -1.03
N TYR A 87 -7.07 13.75 -0.52
CA TYR A 87 -7.57 13.31 0.75
C TYR A 87 -6.63 13.66 1.85
N THR A 88 -5.49 12.97 1.98
CA THR A 88 -4.74 13.12 3.19
C THR A 88 -3.39 12.51 3.02
N ASN A 89 -2.31 13.13 3.54
CA ASN A 89 -0.99 12.61 3.35
C ASN A 89 -0.62 11.73 4.49
N LYS A 90 -0.30 10.46 4.24
CA LYS A 90 0.33 9.65 5.25
C LYS A 90 1.78 10.08 5.41
N ASN A 2 7.52 -12.85 -2.14
CA ASN A 2 7.87 -12.57 -3.49
C ASN A 2 8.88 -11.46 -3.50
N LYS A 3 8.64 -10.39 -4.28
CA LYS A 3 9.51 -9.27 -4.39
C LYS A 3 8.87 -8.13 -3.66
N ASN A 4 9.58 -7.03 -3.36
CA ASN A 4 9.00 -5.89 -2.71
C ASN A 4 8.07 -5.13 -3.58
N ILE A 5 8.17 -5.38 -4.89
CA ILE A 5 7.38 -4.79 -5.94
C ILE A 5 6.04 -5.44 -5.98
N ASP A 6 5.98 -6.77 -6.16
CA ASP A 6 4.80 -7.57 -6.08
C ASP A 6 4.07 -7.38 -4.79
N THR A 7 4.86 -7.37 -3.70
CA THR A 7 4.41 -7.10 -2.37
C THR A 7 3.66 -5.81 -2.28
N VAL A 8 4.26 -4.63 -2.53
CA VAL A 8 3.61 -3.38 -2.27
C VAL A 8 2.66 -3.00 -3.37
N ARG A 9 2.86 -3.39 -4.63
CA ARG A 9 1.93 -3.01 -5.66
C ARG A 9 0.63 -3.74 -5.57
N GLU A 10 0.56 -4.80 -4.75
CA GLU A 10 -0.67 -5.36 -4.30
C GLU A 10 -1.29 -4.54 -3.23
N ILE A 11 -0.59 -4.11 -2.17
CA ILE A 11 -1.03 -3.15 -1.19
C ILE A 11 -1.62 -1.91 -1.76
N ILE A 12 -0.95 -1.34 -2.76
CA ILE A 12 -1.31 -0.18 -3.52
C ILE A 12 -2.68 -0.34 -4.10
N THR A 13 -2.92 -1.40 -4.88
CA THR A 13 -4.20 -1.70 -5.45
C THR A 13 -5.26 -2.02 -4.46
N VAL A 14 -5.12 -3.05 -3.59
CA VAL A 14 -6.04 -3.36 -2.55
C VAL A 14 -6.46 -2.24 -1.66
N ALA A 15 -5.60 -1.26 -1.31
CA ALA A 15 -5.97 -0.13 -0.54
C ALA A 15 -6.78 0.88 -1.27
N SER A 16 -6.53 1.02 -2.58
CA SER A 16 -7.31 1.83 -3.46
C SER A 16 -8.64 1.22 -3.77
N ILE A 17 -8.69 -0.11 -3.97
CA ILE A 17 -9.90 -0.87 -4.12
C ILE A 17 -10.86 -0.65 -3.01
N LEU A 18 -10.43 -0.64 -1.73
CA LEU A 18 -11.30 -0.36 -0.63
C LEU A 18 -11.72 1.07 -0.62
N ILE A 19 -10.80 2.05 -0.65
CA ILE A 19 -11.20 3.40 -0.40
C ILE A 19 -12.06 4.06 -1.40
N LYS A 20 -11.82 3.90 -2.72
CA LYS A 20 -12.20 4.83 -3.73
C LYS A 20 -13.63 5.25 -3.69
N PHE A 21 -14.57 4.31 -3.90
CA PHE A 21 -15.95 4.48 -3.59
C PHE A 21 -16.40 3.53 -2.54
N SER A 22 -15.95 3.70 -1.28
CA SER A 22 -16.53 3.02 -0.16
C SER A 22 -16.36 3.76 1.11
N ARG A 23 -15.31 3.46 1.91
CA ARG A 23 -14.96 4.14 3.12
C ARG A 23 -13.60 4.76 3.08
N GLU A 24 -13.51 6.07 3.36
CA GLU A 24 -12.33 6.83 3.62
C GLU A 24 -12.01 6.90 5.08
N ASP A 25 -13.03 6.78 5.96
CA ASP A 25 -12.92 6.70 7.38
C ASP A 25 -11.88 5.76 7.90
N ILE A 26 -11.87 4.51 7.42
CA ILE A 26 -10.91 3.51 7.81
C ILE A 26 -9.50 3.92 7.61
N VAL A 27 -9.15 4.49 6.43
CA VAL A 27 -7.82 4.93 6.13
C VAL A 27 -7.35 6.10 6.92
N GLU A 28 -8.23 6.87 7.59
CA GLU A 28 -7.80 8.01 8.34
C GLU A 28 -6.97 7.64 9.52
N ASN A 29 -7.31 6.52 10.18
CA ASN A 29 -6.60 5.97 11.30
C ASN A 29 -5.90 4.73 10.86
N ARG A 30 -4.57 4.79 10.64
CA ARG A 30 -3.84 3.82 9.89
C ARG A 30 -4.06 2.40 10.30
N ALA A 31 -3.91 2.19 11.62
CA ALA A 31 -4.18 1.03 12.39
C ALA A 31 -5.45 0.33 12.04
N ASN A 32 -6.55 1.10 11.85
CA ASN A 32 -7.84 0.54 11.55
C ASN A 32 -7.85 -0.04 10.18
N PHE A 33 -7.14 0.62 9.25
CA PHE A 33 -7.09 0.26 7.86
C PHE A 33 -6.24 -0.93 7.65
N ILE A 34 -5.14 -1.05 8.42
CA ILE A 34 -4.26 -2.17 8.46
C ILE A 34 -4.97 -3.46 8.69
N ALA A 35 -5.92 -3.34 9.63
CA ALA A 35 -6.79 -4.32 10.21
C ALA A 35 -7.63 -5.03 9.21
N PHE A 36 -8.20 -4.19 8.33
CA PHE A 36 -8.76 -4.42 7.04
C PHE A 36 -7.82 -5.04 6.06
N LEU A 37 -6.59 -4.56 5.79
CA LEU A 37 -5.75 -5.14 4.79
C LEU A 37 -5.43 -6.59 5.02
N ASN A 38 -5.00 -6.81 6.27
CA ASN A 38 -4.96 -8.01 7.05
C ASN A 38 -6.10 -8.94 6.81
N GLU A 39 -7.36 -8.47 6.72
CA GLU A 39 -8.52 -9.28 6.46
C GLU A 39 -8.45 -9.99 5.15
N ILE A 40 -8.00 -9.25 4.12
CA ILE A 40 -7.88 -9.61 2.74
C ILE A 40 -6.83 -10.66 2.58
N GLY A 41 -5.75 -10.53 3.37
CA GLY A 41 -4.69 -11.48 3.48
C GLY A 41 -3.37 -10.98 3.02
N VAL A 42 -3.20 -9.65 2.94
CA VAL A 42 -1.98 -8.92 3.09
C VAL A 42 -1.22 -9.30 4.31
N THR A 43 -0.03 -9.90 4.17
CA THR A 43 0.82 -10.18 5.29
C THR A 43 2.23 -10.20 4.81
N HIS A 44 3.21 -10.55 5.67
CA HIS A 44 4.61 -10.43 5.36
C HIS A 44 5.43 -11.62 5.70
N GLU A 45 6.42 -11.46 6.59
CA GLU A 45 7.31 -12.37 7.24
C GLU A 45 6.63 -13.13 8.33
N GLY A 46 5.57 -13.87 7.99
CA GLY A 46 4.96 -14.87 8.80
C GLY A 46 4.08 -14.31 9.87
N ARG A 47 3.98 -12.97 9.83
CA ARG A 47 3.31 -12.06 10.70
C ARG A 47 2.42 -11.19 9.89
N LYS A 48 1.38 -10.61 10.53
CA LYS A 48 0.49 -9.63 10.01
C LYS A 48 1.15 -8.49 9.31
N LEU A 49 0.47 -7.67 8.49
CA LEU A 49 1.13 -6.50 8.01
C LEU A 49 1.02 -5.39 8.98
N ASN A 50 2.12 -4.92 9.62
CA ASN A 50 2.07 -3.79 10.48
C ASN A 50 2.33 -2.48 9.82
N GLN A 51 2.42 -1.43 10.66
CA GLN A 51 2.80 -0.09 10.35
C GLN A 51 4.27 0.14 10.23
N ASN A 52 5.07 -0.37 11.19
CA ASN A 52 6.48 -0.15 11.32
C ASN A 52 7.33 -0.82 10.27
N SER A 53 7.01 -2.09 9.98
CA SER A 53 7.48 -2.97 8.95
C SER A 53 7.75 -2.34 7.63
N PHE A 54 6.95 -1.34 7.25
CA PHE A 54 7.03 -0.65 6.00
C PHE A 54 8.35 0.02 5.77
N ARG A 55 9.17 0.18 6.82
CA ARG A 55 10.53 0.58 6.73
C ARG A 55 11.39 -0.52 6.18
N LYS A 56 11.14 -1.82 6.41
CA LYS A 56 11.91 -2.84 5.78
C LYS A 56 11.72 -2.81 4.29
N ILE A 57 10.48 -2.60 3.83
CA ILE A 57 10.20 -2.48 2.43
C ILE A 57 10.99 -1.42 1.74
N VAL A 58 10.69 -0.15 2.07
CA VAL A 58 11.37 1.07 1.81
C VAL A 58 12.86 1.06 1.86
N SER A 59 13.46 0.35 2.85
CA SER A 59 14.86 0.12 3.00
C SER A 59 15.47 -0.55 1.82
N GLU A 60 14.87 -1.70 1.45
CA GLU A 60 15.29 -2.56 0.38
C GLU A 60 14.86 -2.11 -0.98
N LEU A 61 14.22 -0.94 -1.21
CA LEU A 61 13.71 -0.69 -2.53
C LEU A 61 14.85 0.02 -3.18
N THR A 62 15.45 -0.59 -4.21
CA THR A 62 16.49 0.01 -4.99
C THR A 62 15.87 0.89 -6.01
N GLN A 63 16.68 1.73 -6.69
CA GLN A 63 16.26 2.61 -7.74
C GLN A 63 15.68 1.83 -8.88
N GLU A 64 16.24 0.63 -9.11
CA GLU A 64 15.79 -0.33 -10.08
C GLU A 64 14.44 -0.83 -9.73
N ASP A 65 14.20 -1.28 -8.49
CA ASP A 65 12.92 -1.63 -7.96
C ASP A 65 11.91 -0.55 -8.08
N LYS A 66 12.22 0.67 -7.61
CA LYS A 66 11.40 1.84 -7.67
C LYS A 66 10.96 2.13 -9.05
N LYS A 67 11.90 2.25 -10.01
CA LYS A 67 11.61 2.62 -11.36
C LYS A 67 10.80 1.54 -11.99
N THR A 68 11.12 0.26 -11.78
CA THR A 68 10.56 -0.85 -12.49
C THR A 68 9.19 -1.15 -12.00
N LEU A 69 8.85 -0.69 -10.78
CA LEU A 69 7.58 -0.85 -10.17
C LEU A 69 6.63 0.12 -10.79
N ILE A 70 6.97 1.42 -10.85
CA ILE A 70 6.10 2.46 -11.31
C ILE A 70 6.05 2.45 -12.80
N ASP A 71 6.94 1.68 -13.46
CA ASP A 71 6.95 1.47 -14.87
C ASP A 71 5.78 0.67 -15.32
N GLU A 72 5.43 -0.36 -14.52
CA GLU A 72 4.41 -1.31 -14.83
C GLU A 72 3.05 -0.77 -14.59
N PHE A 73 2.86 -0.16 -13.40
CA PHE A 73 1.60 0.39 -12.98
C PHE A 73 1.81 1.79 -12.51
N ASN A 74 1.56 2.76 -13.41
CA ASN A 74 1.50 4.15 -13.09
C ASN A 74 0.18 4.41 -12.44
N GLU A 75 -0.87 3.78 -12.97
CA GLU A 75 -2.24 3.78 -12.55
C GLU A 75 -2.48 3.60 -11.08
N GLY A 76 -1.76 2.67 -10.42
CA GLY A 76 -1.90 2.42 -9.02
C GLY A 76 -1.35 3.53 -8.18
N PHE A 77 -0.14 4.00 -8.51
CA PHE A 77 0.53 5.06 -7.82
C PHE A 77 -0.19 6.36 -7.93
N GLU A 78 -0.57 6.76 -9.15
CA GLU A 78 -1.32 7.94 -9.43
C GLU A 78 -2.69 7.90 -8.84
N GLY A 79 -3.27 6.70 -8.66
CA GLY A 79 -4.52 6.48 -7.99
C GLY A 79 -4.44 6.79 -6.54
N VAL A 80 -3.51 6.16 -5.81
CA VAL A 80 -3.35 6.37 -4.41
C VAL A 80 -2.85 7.73 -4.07
N TYR A 81 -1.85 8.26 -4.79
CA TYR A 81 -1.27 9.54 -4.56
C TYR A 81 -2.27 10.65 -4.61
N ARG A 82 -3.14 10.69 -5.63
CA ARG A 82 -4.09 11.74 -5.81
C ARG A 82 -5.25 11.65 -4.88
N TYR A 83 -5.72 10.44 -4.54
CA TYR A 83 -6.72 10.22 -3.55
C TYR A 83 -6.24 10.63 -2.20
N LEU A 84 -5.04 10.21 -1.79
CA LEU A 84 -4.47 10.53 -0.52
C LEU A 84 -4.04 11.95 -0.39
N GLU A 85 -3.67 12.65 -1.49
CA GLU A 85 -3.51 14.07 -1.55
C GLU A 85 -4.67 14.84 -1.02
N MET A 86 -5.87 14.46 -1.51
CA MET A 86 -7.10 15.14 -1.25
C MET A 86 -7.86 14.55 -0.12
N TYR A 87 -7.45 13.41 0.47
CA TYR A 87 -8.07 12.96 1.69
C TYR A 87 -7.09 13.16 2.79
N THR A 88 -6.06 12.31 2.92
CA THR A 88 -5.30 12.36 4.13
C THR A 88 -3.94 11.77 3.95
N ASN A 89 -2.87 12.55 4.21
CA ASN A 89 -1.51 12.13 4.15
C ASN A 89 -1.03 11.58 5.45
N LYS A 90 -0.03 10.69 5.35
CA LYS A 90 0.36 9.72 6.32
C LYS A 90 1.73 10.06 6.87
N ASN A 2 9.96 -13.88 -4.29
CA ASN A 2 9.00 -12.86 -4.07
C ASN A 2 9.63 -11.50 -4.13
N LYS A 3 9.04 -10.60 -4.93
CA LYS A 3 9.49 -9.26 -5.13
C LYS A 3 8.67 -8.37 -4.27
N ASN A 4 9.25 -7.27 -3.75
CA ASN A 4 8.50 -6.35 -2.94
C ASN A 4 7.63 -5.45 -3.77
N ILE A 5 7.88 -5.33 -5.08
CA ILE A 5 6.97 -4.81 -6.05
C ILE A 5 5.63 -5.47 -6.04
N ASP A 6 5.52 -6.78 -6.34
CA ASP A 6 4.37 -7.61 -6.13
C ASP A 6 3.64 -7.36 -4.86
N THR A 7 4.35 -7.63 -3.76
CA THR A 7 3.86 -7.48 -2.42
C THR A 7 3.25 -6.15 -2.17
N VAL A 8 3.96 -5.03 -2.41
CA VAL A 8 3.52 -3.74 -1.98
C VAL A 8 2.41 -3.27 -2.85
N ARG A 9 2.51 -3.49 -4.18
CA ARG A 9 1.51 -3.11 -5.13
C ARG A 9 0.17 -3.74 -4.92
N GLU A 10 0.10 -5.03 -4.59
CA GLU A 10 -1.04 -5.71 -4.06
C GLU A 10 -1.74 -5.05 -2.93
N ILE A 11 -0.96 -4.51 -1.96
CA ILE A 11 -1.46 -3.78 -0.84
C ILE A 11 -2.09 -2.50 -1.29
N ILE A 12 -1.32 -1.72 -2.07
CA ILE A 12 -1.65 -0.46 -2.64
C ILE A 12 -2.90 -0.50 -3.46
N THR A 13 -2.98 -1.33 -4.52
CA THR A 13 -4.12 -1.54 -5.34
C THR A 13 -5.40 -1.76 -4.60
N VAL A 14 -5.55 -2.91 -3.92
CA VAL A 14 -6.73 -3.24 -3.18
C VAL A 14 -7.16 -2.25 -2.15
N ALA A 15 -6.21 -1.46 -1.60
CA ALA A 15 -6.51 -0.38 -0.73
C ALA A 15 -7.16 0.77 -1.41
N SER A 16 -6.55 1.24 -2.52
CA SER A 16 -7.00 2.31 -3.37
C SER A 16 -8.35 2.04 -3.93
N ILE A 17 -8.57 0.81 -4.42
CA ILE A 17 -9.78 0.30 -4.98
C ILE A 17 -10.93 0.33 -4.03
N LEU A 18 -10.70 0.06 -2.73
CA LEU A 18 -11.67 0.17 -1.69
C LEU A 18 -11.91 1.59 -1.32
N ILE A 19 -10.91 2.39 -0.90
CA ILE A 19 -11.13 3.69 -0.37
C ILE A 19 -11.64 4.71 -1.34
N LYS A 20 -11.47 4.47 -2.65
CA LYS A 20 -12.00 5.22 -3.74
C LYS A 20 -13.46 5.51 -3.67
N PHE A 21 -14.35 4.50 -3.77
CA PHE A 21 -15.76 4.70 -3.91
C PHE A 21 -16.55 4.18 -2.76
N SER A 22 -15.93 4.03 -1.57
CA SER A 22 -16.65 3.79 -0.36
C SER A 22 -16.65 4.93 0.59
N ARG A 23 -15.56 5.05 1.37
CA ARG A 23 -15.39 5.71 2.63
C ARG A 23 -13.96 5.45 2.95
N GLU A 24 -13.30 6.44 3.57
CA GLU A 24 -11.92 6.52 3.96
C GLU A 24 -11.66 6.04 5.34
N ASP A 25 -12.64 5.50 6.09
CA ASP A 25 -12.62 5.46 7.51
C ASP A 25 -11.48 4.66 8.03
N ILE A 26 -11.29 3.52 7.33
CA ILE A 26 -10.25 2.55 7.38
C ILE A 26 -8.89 3.14 7.25
N VAL A 27 -8.55 3.78 6.11
CA VAL A 27 -7.30 4.43 5.90
C VAL A 27 -6.99 5.58 6.79
N GLU A 28 -8.00 6.35 7.25
CA GLU A 28 -7.85 7.35 8.27
C GLU A 28 -7.22 6.83 9.50
N ASN A 29 -7.80 5.80 10.16
CA ASN A 29 -7.12 5.19 11.25
C ASN A 29 -6.47 3.92 10.80
N ARG A 30 -5.27 4.09 10.23
CA ARG A 30 -4.37 3.14 9.64
C ARG A 30 -4.39 1.71 10.06
N ALA A 31 -4.64 1.41 11.35
CA ALA A 31 -4.65 0.10 11.94
C ALA A 31 -5.87 -0.68 11.57
N ASN A 32 -6.95 0.03 11.15
CA ASN A 32 -8.15 -0.45 10.55
C ASN A 32 -7.98 -0.56 9.08
N PHE A 33 -6.86 -0.13 8.47
CA PHE A 33 -6.63 -0.39 7.08
C PHE A 33 -5.95 -1.71 6.98
N ILE A 34 -4.76 -1.79 7.61
CA ILE A 34 -4.02 -2.93 8.01
C ILE A 34 -4.80 -4.15 8.37
N ALA A 35 -5.83 -3.93 9.22
CA ALA A 35 -6.70 -4.99 9.63
C ALA A 35 -7.80 -5.30 8.69
N PHE A 36 -8.22 -4.47 7.71
CA PHE A 36 -8.92 -4.99 6.57
C PHE A 36 -8.04 -5.83 5.69
N LEU A 37 -6.74 -5.54 5.52
CA LEU A 37 -5.85 -6.40 4.82
C LEU A 37 -5.68 -7.76 5.41
N ASN A 38 -5.87 -7.81 6.75
CA ASN A 38 -5.82 -8.99 7.55
C ASN A 38 -7.03 -9.83 7.36
N GLU A 39 -8.15 -9.23 6.88
CA GLU A 39 -9.34 -9.90 6.51
C GLU A 39 -9.09 -10.91 5.44
N ILE A 40 -8.46 -10.42 4.35
CA ILE A 40 -8.18 -11.13 3.13
C ILE A 40 -7.32 -12.33 3.34
N GLY A 41 -6.30 -12.09 4.19
CA GLY A 41 -5.25 -12.99 4.53
C GLY A 41 -3.96 -12.71 3.85
N VAL A 42 -3.65 -11.41 3.71
CA VAL A 42 -2.34 -10.88 3.48
C VAL A 42 -1.53 -11.08 4.71
N THR A 43 -0.22 -11.36 4.58
CA THR A 43 0.74 -11.27 5.64
C THR A 43 1.95 -10.72 4.96
N HIS A 44 3.10 -10.64 5.64
CA HIS A 44 4.35 -10.39 4.98
C HIS A 44 5.22 -11.58 5.14
N GLU A 45 6.51 -11.38 5.43
CA GLU A 45 7.28 -12.25 6.27
C GLU A 45 6.66 -12.51 7.60
N GLY A 46 6.39 -13.80 7.88
CA GLY A 46 6.03 -14.43 9.11
C GLY A 46 4.82 -14.02 9.88
N ARG A 47 4.38 -12.75 9.75
CA ARG A 47 3.37 -12.15 10.56
C ARG A 47 2.51 -11.32 9.69
N LYS A 48 1.40 -10.83 10.27
CA LYS A 48 0.67 -9.67 9.85
C LYS A 48 1.51 -8.44 9.81
N LEU A 49 0.96 -7.40 9.18
CA LEU A 49 1.60 -6.14 8.95
C LEU A 49 1.62 -5.32 10.20
N ASN A 50 2.78 -4.90 10.74
CA ASN A 50 2.79 -3.98 11.83
C ASN A 50 2.89 -2.59 11.29
N GLN A 51 2.24 -1.62 11.94
CA GLN A 51 2.10 -0.27 11.51
C GLN A 51 3.39 0.43 11.21
N ASN A 52 4.45 0.10 11.97
CA ASN A 52 5.80 0.55 11.83
C ASN A 52 6.49 0.18 10.56
N SER A 53 6.20 -0.98 9.95
CA SER A 53 7.04 -1.55 8.93
C SER A 53 7.09 -0.91 7.59
N PHE A 54 6.28 0.11 7.28
CA PHE A 54 6.56 1.18 6.37
C PHE A 54 7.97 1.57 6.11
N ARG A 55 8.75 1.66 7.20
CA ARG A 55 10.17 1.87 7.30
C ARG A 55 10.91 0.94 6.41
N LYS A 56 10.77 -0.38 6.67
CA LYS A 56 11.38 -1.42 5.90
C LYS A 56 10.93 -1.47 4.48
N ILE A 57 9.71 -1.07 4.06
CA ILE A 57 9.24 -1.35 2.74
C ILE A 57 9.94 -0.46 1.78
N VAL A 58 9.72 0.86 1.92
CA VAL A 58 10.35 1.96 1.27
C VAL A 58 11.85 1.97 1.32
N SER A 59 12.43 1.34 2.36
CA SER A 59 13.85 1.15 2.47
C SER A 59 14.29 0.12 1.48
N GLU A 60 13.52 -0.96 1.28
CA GLU A 60 14.01 -2.07 0.51
C GLU A 60 13.93 -1.76 -0.94
N LEU A 61 12.88 -1.08 -1.45
CA LEU A 61 12.73 -0.81 -2.85
C LEU A 61 13.72 0.22 -3.26
N THR A 62 14.64 -0.14 -4.17
CA THR A 62 15.71 0.67 -4.66
C THR A 62 15.22 1.83 -5.47
N GLN A 63 16.07 2.65 -6.12
CA GLN A 63 15.63 3.52 -7.17
C GLN A 63 15.10 2.78 -8.35
N GLU A 64 15.71 1.60 -8.56
CA GLU A 64 15.32 0.58 -9.49
C GLU A 64 13.92 0.09 -9.33
N ASP A 65 13.58 -0.44 -8.13
CA ASP A 65 12.34 -1.08 -7.83
C ASP A 65 11.21 -0.11 -7.88
N LYS A 66 11.45 1.13 -7.43
CA LYS A 66 10.65 2.29 -7.67
C LYS A 66 10.28 2.44 -9.11
N LYS A 67 11.24 2.61 -10.04
CA LYS A 67 10.89 2.93 -11.39
C LYS A 67 10.18 1.77 -12.01
N THR A 68 10.58 0.54 -11.64
CA THR A 68 10.17 -0.69 -12.24
C THR A 68 8.74 -1.01 -11.95
N LEU A 69 8.31 -0.85 -10.67
CA LEU A 69 6.95 -0.82 -10.24
C LEU A 69 6.03 -0.05 -11.10
N ILE A 70 6.37 1.25 -11.25
CA ILE A 70 5.80 2.24 -12.10
C ILE A 70 5.82 1.88 -13.54
N ASP A 71 6.90 1.31 -14.09
CA ASP A 71 7.00 0.90 -15.46
C ASP A 71 5.99 -0.12 -15.83
N GLU A 72 5.87 -1.19 -15.02
CA GLU A 72 4.96 -2.27 -15.27
C GLU A 72 3.54 -1.93 -14.94
N PHE A 73 3.30 -1.26 -13.80
CA PHE A 73 1.99 -0.98 -13.32
C PHE A 73 1.98 0.33 -12.61
N ASN A 74 1.75 1.45 -13.32
CA ASN A 74 1.70 2.76 -12.74
C ASN A 74 0.43 3.06 -12.02
N GLU A 75 -0.71 2.55 -12.52
CA GLU A 75 -2.05 2.82 -12.11
C GLU A 75 -2.35 2.64 -10.66
N GLY A 76 -1.73 1.65 -10.00
CA GLY A 76 -1.85 1.43 -8.59
C GLY A 76 -1.31 2.55 -7.76
N PHE A 77 0.00 2.80 -7.86
CA PHE A 77 0.70 3.85 -7.19
C PHE A 77 0.23 5.22 -7.56
N GLU A 78 0.14 5.56 -8.86
CA GLU A 78 -0.09 6.91 -9.26
C GLU A 78 -1.52 7.34 -9.14
N GLY A 79 -2.47 6.39 -9.11
CA GLY A 79 -3.83 6.66 -8.75
C GLY A 79 -3.99 6.92 -7.29
N VAL A 80 -3.32 6.12 -6.44
CA VAL A 80 -3.32 6.32 -5.02
C VAL A 80 -2.60 7.56 -4.63
N TYR A 81 -1.60 7.99 -5.40
CA TYR A 81 -0.96 9.27 -5.29
C TYR A 81 -1.91 10.42 -5.37
N ARG A 82 -2.89 10.42 -6.29
CA ARG A 82 -3.90 11.43 -6.34
C ARG A 82 -4.77 11.47 -5.13
N TYR A 83 -5.13 10.30 -4.57
CA TYR A 83 -5.78 10.20 -3.29
C TYR A 83 -4.94 10.78 -2.22
N LEU A 84 -3.63 10.49 -2.16
CA LEU A 84 -2.71 11.07 -1.23
C LEU A 84 -2.58 12.56 -1.35
N GLU A 85 -2.69 13.16 -2.54
CA GLU A 85 -2.62 14.58 -2.71
C GLU A 85 -3.76 15.27 -2.04
N MET A 86 -4.94 14.62 -2.13
CA MET A 86 -6.23 15.16 -1.77
C MET A 86 -6.67 14.82 -0.40
N TYR A 87 -6.40 13.60 0.11
CA TYR A 87 -6.80 13.22 1.43
C TYR A 87 -5.67 13.42 2.38
N THR A 88 -4.65 12.55 2.46
CA THR A 88 -3.66 12.86 3.46
C THR A 88 -2.39 12.18 3.13
N ASN A 89 -1.30 12.96 2.96
CA ASN A 89 0.01 12.47 2.73
C ASN A 89 0.83 12.74 3.94
N LYS A 90 1.69 11.82 4.40
CA LYS A 90 2.67 12.14 5.40
C LYS A 90 4.02 11.81 4.79
N ASN A 2 9.59 -13.51 -2.52
CA ASN A 2 8.96 -12.63 -3.45
C ASN A 2 9.68 -11.32 -3.50
N LYS A 3 9.28 -10.44 -4.43
CA LYS A 3 9.91 -9.16 -4.61
C LYS A 3 9.31 -8.11 -3.75
N ASN A 4 10.08 -7.07 -3.39
CA ASN A 4 9.59 -5.87 -2.79
C ASN A 4 8.54 -5.22 -3.63
N ILE A 5 8.71 -5.28 -4.96
CA ILE A 5 7.88 -4.69 -5.96
C ILE A 5 6.53 -5.31 -5.99
N ASP A 6 6.51 -6.66 -6.07
CA ASP A 6 5.45 -7.56 -5.75
C ASP A 6 4.66 -7.23 -4.53
N THR A 7 5.23 -7.26 -3.31
CA THR A 7 4.54 -6.92 -2.10
C THR A 7 3.90 -5.58 -2.17
N VAL A 8 4.66 -4.55 -2.55
CA VAL A 8 4.19 -3.21 -2.66
C VAL A 8 3.15 -3.00 -3.71
N ARG A 9 3.28 -3.51 -4.94
CA ARG A 9 2.32 -3.27 -5.98
C ARG A 9 0.96 -3.75 -5.64
N GLU A 10 0.90 -4.97 -5.08
CA GLU A 10 -0.21 -5.64 -4.48
C GLU A 10 -0.84 -4.92 -3.34
N ILE A 11 -0.07 -4.34 -2.40
CA ILE A 11 -0.58 -3.47 -1.37
C ILE A 11 -1.37 -2.34 -1.91
N ILE A 12 -0.80 -1.62 -2.90
CA ILE A 12 -1.36 -0.49 -3.57
C ILE A 12 -2.62 -0.80 -4.29
N THR A 13 -2.63 -1.88 -5.10
CA THR A 13 -3.76 -2.35 -5.85
C THR A 13 -4.93 -2.65 -4.98
N VAL A 14 -4.75 -3.43 -3.90
CA VAL A 14 -5.81 -3.83 -3.03
C VAL A 14 -6.34 -2.68 -2.25
N ALA A 15 -5.44 -1.78 -1.78
CA ALA A 15 -5.80 -0.56 -1.13
C ALA A 15 -6.65 0.37 -1.94
N SER A 16 -6.22 0.72 -3.17
CA SER A 16 -6.89 1.64 -4.02
C SER A 16 -8.24 1.17 -4.43
N ILE A 17 -8.40 -0.14 -4.70
CA ILE A 17 -9.66 -0.75 -5.00
C ILE A 17 -10.64 -0.57 -3.91
N LEU A 18 -10.25 -0.69 -2.63
CA LEU A 18 -11.13 -0.57 -1.50
C LEU A 18 -11.35 0.85 -1.13
N ILE A 19 -10.32 1.69 -0.90
CA ILE A 19 -10.51 2.99 -0.34
C ILE A 19 -11.21 3.99 -1.19
N LYS A 20 -11.08 3.88 -2.52
CA LYS A 20 -11.87 4.58 -3.48
C LYS A 20 -13.35 4.55 -3.22
N PHE A 21 -14.08 3.45 -3.47
CA PHE A 21 -15.46 3.38 -3.13
C PHE A 21 -15.73 2.51 -1.96
N SER A 22 -15.52 3.04 -0.74
CA SER A 22 -15.94 2.39 0.46
C SER A 22 -15.89 3.31 1.63
N ARG A 23 -14.69 3.53 2.19
CA ARG A 23 -14.42 4.36 3.32
C ARG A 23 -13.07 4.98 3.19
N GLU A 24 -12.95 6.33 3.28
CA GLU A 24 -11.70 7.02 3.46
C GLU A 24 -11.38 7.15 4.90
N ASP A 25 -12.42 7.11 5.75
CA ASP A 25 -12.52 6.71 7.12
C ASP A 25 -11.81 5.48 7.58
N ILE A 26 -11.08 4.74 6.72
CA ILE A 26 -10.13 3.77 7.18
C ILE A 26 -8.79 4.39 7.29
N VAL A 27 -8.30 4.97 6.19
CA VAL A 27 -7.01 5.56 6.00
C VAL A 27 -6.61 6.65 6.93
N GLU A 28 -7.56 7.34 7.59
CA GLU A 28 -7.39 8.28 8.65
C GLU A 28 -6.39 7.94 9.71
N ASN A 29 -6.31 6.65 10.05
CA ASN A 29 -5.41 6.10 11.02
C ASN A 29 -4.68 4.96 10.40
N ARG A 30 -3.33 5.01 10.28
CA ARG A 30 -2.48 3.90 9.97
C ARG A 30 -2.87 2.53 10.39
N ALA A 31 -2.97 2.19 11.68
CA ALA A 31 -3.28 0.85 12.08
C ALA A 31 -4.63 0.37 11.69
N ASN A 32 -5.58 1.31 11.51
CA ASN A 32 -6.92 1.06 11.08
C ASN A 32 -6.93 0.73 9.63
N PHE A 33 -6.04 1.38 8.85
CA PHE A 33 -5.91 1.21 7.44
C PHE A 33 -5.39 -0.17 7.15
N ILE A 34 -4.27 -0.52 7.80
CA ILE A 34 -3.61 -1.79 7.72
C ILE A 34 -4.48 -2.92 8.14
N ALA A 35 -5.10 -2.82 9.34
CA ALA A 35 -5.84 -3.91 9.90
C ALA A 35 -7.13 -4.24 9.24
N PHE A 36 -7.76 -3.31 8.50
CA PHE A 36 -8.92 -3.59 7.73
C PHE A 36 -8.53 -4.12 6.37
N LEU A 37 -7.28 -3.91 5.95
CA LEU A 37 -6.67 -4.45 4.77
C LEU A 37 -6.16 -5.81 5.02
N ASN A 38 -5.70 -6.17 6.25
CA ASN A 38 -5.40 -7.50 6.65
C ASN A 38 -6.57 -8.43 6.66
N GLU A 39 -7.76 -7.96 7.11
CA GLU A 39 -9.07 -8.54 6.99
C GLU A 39 -9.32 -9.32 5.75
N ILE A 40 -9.06 -8.69 4.59
CA ILE A 40 -9.14 -9.15 3.24
C ILE A 40 -8.47 -10.45 2.97
N GLY A 41 -7.34 -10.71 3.64
CA GLY A 41 -6.49 -11.84 3.38
C GLY A 41 -5.17 -11.39 2.84
N VAL A 42 -4.62 -10.32 3.44
CA VAL A 42 -3.37 -9.76 3.03
C VAL A 42 -2.35 -10.10 4.07
N THR A 43 -1.33 -10.92 3.79
CA THR A 43 -0.49 -11.45 4.83
C THR A 43 0.93 -11.16 4.51
N HIS A 44 1.83 -11.14 5.51
CA HIS A 44 3.24 -11.15 5.26
C HIS A 44 3.82 -12.44 5.71
N GLU A 45 4.80 -12.48 6.63
CA GLU A 45 5.69 -13.60 6.76
C GLU A 45 5.21 -14.48 7.86
N GLY A 46 4.10 -15.21 7.66
CA GLY A 46 3.41 -15.89 8.72
C GLY A 46 2.69 -15.03 9.69
N ARG A 47 2.81 -13.70 9.55
CA ARG A 47 2.39 -12.74 10.51
C ARG A 47 1.48 -11.75 9.86
N LYS A 48 0.60 -11.07 10.63
CA LYS A 48 -0.16 -9.96 10.14
C LYS A 48 0.73 -8.81 9.83
N LEU A 49 0.31 -7.85 8.99
CA LEU A 49 1.13 -6.69 8.74
C LEU A 49 0.89 -5.68 9.81
N ASN A 50 1.98 -5.18 10.44
CA ASN A 50 1.93 -4.17 11.45
C ASN A 50 2.44 -2.87 10.91
N GLN A 51 2.07 -1.74 11.54
CA GLN A 51 2.46 -0.43 11.11
C GLN A 51 3.88 -0.09 11.36
N ASN A 52 4.61 -0.91 12.15
CA ASN A 52 6.03 -0.78 12.31
C ASN A 52 6.76 -1.27 11.12
N SER A 53 6.35 -2.41 10.53
CA SER A 53 7.00 -3.08 9.45
C SER A 53 6.90 -2.41 8.12
N PHE A 54 6.34 -1.20 8.05
CA PHE A 54 6.47 -0.31 6.94
C PHE A 54 7.87 0.16 6.76
N ARG A 55 8.71 0.10 7.81
CA ARG A 55 10.13 0.26 7.74
C ARG A 55 10.77 -0.70 6.81
N LYS A 56 10.49 -2.00 7.03
CA LYS A 56 10.89 -3.13 6.24
C LYS A 56 10.44 -3.11 4.82
N ILE A 57 9.32 -2.44 4.52
CA ILE A 57 8.86 -2.15 3.20
C ILE A 57 9.82 -1.26 2.47
N VAL A 58 9.93 0.00 2.92
CA VAL A 58 10.41 1.09 2.11
C VAL A 58 11.87 1.31 2.24
N SER A 59 12.54 0.72 3.24
CA SER A 59 13.97 0.79 3.35
C SER A 59 14.64 -0.06 2.33
N GLU A 60 13.91 -1.02 1.74
CA GLU A 60 14.37 -1.99 0.81
C GLU A 60 14.22 -1.50 -0.59
N LEU A 61 13.39 -0.47 -0.80
CA LEU A 61 13.06 0.08 -2.08
C LEU A 61 14.08 1.09 -2.49
N THR A 62 14.66 1.02 -3.70
CA THR A 62 15.72 1.87 -4.14
C THR A 62 15.29 2.50 -5.42
N GLN A 63 16.19 3.14 -6.18
CA GLN A 63 15.87 3.89 -7.37
C GLN A 63 15.62 3.02 -8.55
N GLU A 64 16.43 1.96 -8.73
CA GLU A 64 16.32 1.00 -9.79
C GLU A 64 14.98 0.41 -9.94
N ASP A 65 14.42 -0.01 -8.80
CA ASP A 65 13.17 -0.68 -8.64
C ASP A 65 12.02 0.27 -8.64
N LYS A 66 12.22 1.54 -8.24
CA LYS A 66 11.26 2.59 -8.20
C LYS A 66 10.58 2.79 -9.50
N LYS A 67 11.41 2.96 -10.54
CA LYS A 67 11.04 3.25 -11.89
C LYS A 67 10.61 2.02 -12.61
N THR A 68 11.18 0.85 -12.24
CA THR A 68 10.75 -0.45 -12.66
C THR A 68 9.30 -0.71 -12.44
N LEU A 69 8.82 -0.32 -11.24
CA LEU A 69 7.50 -0.53 -10.74
C LEU A 69 6.49 0.22 -11.54
N ILE A 70 6.70 1.55 -11.59
CA ILE A 70 5.99 2.54 -12.35
C ILE A 70 5.86 2.20 -13.80
N ASP A 71 6.96 1.87 -14.49
CA ASP A 71 6.98 1.41 -15.84
C ASP A 71 6.07 0.26 -16.13
N GLU A 72 6.01 -0.73 -15.21
CA GLU A 72 5.14 -1.86 -15.33
C GLU A 72 3.71 -1.54 -15.07
N PHE A 73 3.41 -0.81 -13.97
CA PHE A 73 2.05 -0.53 -13.60
C PHE A 73 1.94 0.77 -12.87
N ASN A 74 1.56 1.84 -13.59
CA ASN A 74 1.36 3.15 -13.05
C ASN A 74 0.04 3.30 -12.35
N GLU A 75 -1.04 2.75 -12.91
CA GLU A 75 -2.41 2.94 -12.57
C GLU A 75 -2.80 2.90 -11.13
N GLY A 76 -2.25 1.97 -10.31
CA GLY A 76 -2.57 1.89 -8.92
C GLY A 76 -1.97 2.98 -8.11
N PHE A 77 -0.67 3.24 -8.30
CA PHE A 77 0.10 4.28 -7.70
C PHE A 77 -0.42 5.62 -8.09
N GLU A 78 -0.74 5.82 -9.38
CA GLU A 78 -1.33 6.99 -9.93
C GLU A 78 -2.69 7.27 -9.40
N GLY A 79 -3.58 6.25 -9.40
CA GLY A 79 -4.86 6.25 -8.76
C GLY A 79 -4.85 6.69 -7.34
N VAL A 80 -4.05 6.07 -6.47
CA VAL A 80 -3.96 6.47 -5.09
C VAL A 80 -3.22 7.74 -4.90
N TYR A 81 -2.42 8.23 -5.87
CA TYR A 81 -1.80 9.52 -5.81
C TYR A 81 -2.82 10.60 -5.91
N ARG A 82 -3.87 10.48 -6.74
CA ARG A 82 -4.91 11.44 -6.78
C ARG A 82 -5.73 11.47 -5.53
N TYR A 83 -5.88 10.32 -4.85
CA TYR A 83 -6.41 10.23 -3.52
C TYR A 83 -5.52 10.92 -2.53
N LEU A 84 -4.19 10.73 -2.61
CA LEU A 84 -3.18 11.32 -1.79
C LEU A 84 -3.22 12.80 -1.79
N GLU A 85 -3.37 13.44 -2.97
CA GLU A 85 -3.48 14.86 -3.09
C GLU A 85 -4.68 15.38 -2.37
N MET A 86 -5.85 14.73 -2.55
CA MET A 86 -7.07 15.10 -1.90
C MET A 86 -7.13 14.85 -0.43
N TYR A 87 -6.73 13.68 0.08
CA TYR A 87 -6.96 13.35 1.46
C TYR A 87 -5.80 13.62 2.37
N THR A 88 -4.71 12.84 2.37
CA THR A 88 -3.88 12.90 3.54
C THR A 88 -2.52 12.31 3.31
N ASN A 89 -1.44 13.06 3.59
CA ASN A 89 -0.10 12.58 3.53
C ASN A 89 0.40 12.53 4.93
N LYS A 90 0.91 11.37 5.38
CA LYS A 90 1.27 11.15 6.75
C LYS A 90 2.68 11.66 6.99
N ASN A 2 8.43 -13.72 -2.74
CA ASN A 2 8.05 -12.88 -3.83
C ASN A 2 8.93 -11.69 -3.87
N LYS A 3 8.71 -10.83 -4.89
CA LYS A 3 9.43 -9.62 -5.11
C LYS A 3 8.88 -8.48 -4.31
N ASN A 4 9.70 -7.51 -3.90
CA ASN A 4 9.30 -6.31 -3.24
C ASN A 4 8.35 -5.48 -4.03
N ILE A 5 8.53 -5.47 -5.37
CA ILE A 5 7.72 -4.80 -6.34
C ILE A 5 6.32 -5.28 -6.38
N ASP A 6 6.06 -6.57 -6.69
CA ASP A 6 4.87 -7.30 -6.42
C ASP A 6 4.32 -7.14 -5.05
N THR A 7 5.07 -7.33 -3.95
CA THR A 7 4.62 -7.10 -2.61
C THR A 7 4.00 -5.77 -2.37
N VAL A 8 4.60 -4.67 -2.87
CA VAL A 8 4.08 -3.35 -2.72
C VAL A 8 3.03 -3.08 -3.74
N ARG A 9 3.11 -3.63 -4.97
CA ARG A 9 2.10 -3.51 -5.97
C ARG A 9 0.77 -3.99 -5.52
N GLU A 10 0.74 -5.18 -4.89
CA GLU A 10 -0.38 -5.78 -4.23
C GLU A 10 -0.98 -4.92 -3.17
N ILE A 11 -0.16 -4.38 -2.25
CA ILE A 11 -0.56 -3.49 -1.20
C ILE A 11 -1.30 -2.30 -1.70
N ILE A 12 -0.73 -1.57 -2.68
CA ILE A 12 -1.29 -0.43 -3.32
C ILE A 12 -2.60 -0.71 -3.99
N THR A 13 -2.70 -1.86 -4.68
CA THR A 13 -3.87 -2.32 -5.35
C THR A 13 -5.01 -2.51 -4.41
N VAL A 14 -4.83 -3.31 -3.34
CA VAL A 14 -5.86 -3.62 -2.40
C VAL A 14 -6.22 -2.44 -1.58
N ALA A 15 -5.23 -1.64 -1.12
CA ALA A 15 -5.43 -0.42 -0.41
C ALA A 15 -6.20 0.64 -1.12
N SER A 16 -6.17 0.68 -2.46
CA SER A 16 -6.94 1.59 -3.23
C SER A 16 -8.35 1.12 -3.42
N ILE A 17 -8.56 -0.20 -3.63
CA ILE A 17 -9.84 -0.83 -3.68
C ILE A 17 -10.61 -0.67 -2.42
N LEU A 18 -9.93 -0.80 -1.27
CA LEU A 18 -10.37 -0.41 0.04
C LEU A 18 -11.04 0.92 0.14
N ILE A 19 -10.30 1.99 -0.22
CA ILE A 19 -10.75 3.33 -0.04
C ILE A 19 -11.64 3.87 -1.11
N LYS A 20 -11.24 3.78 -2.40
CA LYS A 20 -11.88 4.30 -3.56
C LYS A 20 -13.37 4.44 -3.49
N PHE A 21 -14.19 3.41 -3.73
CA PHE A 21 -15.61 3.60 -3.78
C PHE A 21 -16.28 3.11 -2.54
N SER A 22 -15.54 2.91 -1.44
CA SER A 22 -16.12 2.40 -0.23
C SER A 22 -15.92 3.26 0.96
N ARG A 23 -14.72 3.29 1.56
CA ARG A 23 -14.55 3.86 2.87
C ARG A 23 -13.27 4.60 3.04
N GLU A 24 -13.28 5.94 3.10
CA GLU A 24 -12.13 6.74 3.42
C GLU A 24 -12.00 6.95 4.89
N ASP A 25 -13.13 6.83 5.62
CA ASP A 25 -13.31 6.43 6.98
C ASP A 25 -12.54 5.27 7.50
N ILE A 26 -11.66 4.60 6.72
CA ILE A 26 -10.69 3.70 7.26
C ILE A 26 -9.36 4.37 7.34
N VAL A 27 -8.82 4.88 6.22
CA VAL A 27 -7.55 5.51 6.09
C VAL A 27 -7.28 6.70 6.96
N GLU A 28 -8.32 7.32 7.54
CA GLU A 28 -8.25 8.30 8.57
C GLU A 28 -7.41 7.98 9.75
N ASN A 29 -7.28 6.68 10.08
CA ASN A 29 -6.48 6.15 11.12
C ASN A 29 -5.78 4.94 10.58
N ARG A 30 -4.47 4.97 10.33
CA ARG A 30 -3.82 3.92 9.62
C ARG A 30 -3.76 2.57 10.25
N ALA A 31 -3.76 2.35 11.58
CA ALA A 31 -3.85 1.02 12.12
C ALA A 31 -5.06 0.25 11.74
N ASN A 32 -6.21 0.94 11.63
CA ASN A 32 -7.44 0.41 11.15
C ASN A 32 -7.35 -0.03 9.73
N PHE A 33 -6.90 0.86 8.82
CA PHE A 33 -6.63 0.59 7.44
C PHE A 33 -5.85 -0.64 7.17
N ILE A 34 -4.67 -0.78 7.81
CA ILE A 34 -3.79 -1.90 7.75
C ILE A 34 -4.46 -3.17 8.13
N ALA A 35 -5.10 -3.18 9.31
CA ALA A 35 -5.73 -4.34 9.85
C ALA A 35 -6.94 -4.77 9.07
N PHE A 36 -7.64 -3.84 8.41
CA PHE A 36 -8.82 -4.10 7.65
C PHE A 36 -8.46 -4.61 6.30
N LEU A 37 -7.27 -4.24 5.78
CA LEU A 37 -6.71 -4.78 4.59
C LEU A 37 -6.01 -6.08 4.82
N ASN A 38 -5.56 -6.38 6.04
CA ASN A 38 -5.00 -7.66 6.39
C ASN A 38 -6.01 -8.76 6.42
N GLU A 39 -7.25 -8.48 6.85
CA GLU A 39 -8.44 -9.24 6.62
C GLU A 39 -8.58 -9.94 5.30
N ILE A 40 -8.25 -9.25 4.19
CA ILE A 40 -8.20 -9.73 2.84
C ILE A 40 -7.40 -10.98 2.67
N GLY A 41 -6.33 -11.15 3.47
CA GLY A 41 -5.38 -12.21 3.40
C GLY A 41 -4.06 -11.74 2.90
N VAL A 42 -3.81 -10.42 3.04
CA VAL A 42 -2.62 -9.78 2.59
C VAL A 42 -1.52 -10.07 3.55
N THR A 43 -0.66 -11.06 3.28
CA THR A 43 0.17 -11.65 4.28
C THR A 43 1.61 -11.53 3.95
N HIS A 44 2.44 -11.36 4.99
CA HIS A 44 3.87 -11.25 4.86
C HIS A 44 4.49 -12.48 5.42
N GLU A 45 5.34 -12.50 6.46
CA GLU A 45 6.09 -13.69 6.72
C GLU A 45 5.47 -14.33 7.92
N GLY A 46 4.30 -14.98 7.80
CA GLY A 46 3.61 -15.58 8.88
C GLY A 46 2.77 -14.70 9.76
N ARG A 47 2.90 -13.36 9.65
CA ARG A 47 2.54 -12.47 10.70
C ARG A 47 1.76 -11.31 10.15
N LYS A 48 0.87 -10.68 10.93
CA LYS A 48 0.07 -9.60 10.44
C LYS A 48 0.86 -8.35 10.27
N LEU A 49 0.40 -7.34 9.51
CA LEU A 49 1.16 -6.17 9.20
C LEU A 49 1.01 -5.15 10.27
N ASN A 50 2.14 -4.69 10.86
CA ASN A 50 2.21 -3.69 11.88
C ASN A 50 2.74 -2.44 11.27
N GLN A 51 2.28 -1.24 11.70
CA GLN A 51 2.33 -0.07 10.89
C GLN A 51 3.72 0.46 10.68
N ASN A 52 4.57 0.15 11.67
CA ASN A 52 5.96 0.45 11.77
C ASN A 52 6.78 -0.15 10.69
N SER A 53 6.28 -1.21 10.02
CA SER A 53 6.96 -1.88 8.96
C SER A 53 6.99 -1.20 7.64
N PHE A 54 6.55 0.06 7.49
CA PHE A 54 6.82 0.85 6.34
C PHE A 54 8.28 1.07 6.07
N ARG A 55 9.09 1.13 7.14
CA ARG A 55 10.51 1.21 7.10
C ARG A 55 11.14 0.00 6.47
N LYS A 56 10.60 -1.19 6.77
CA LYS A 56 10.96 -2.46 6.22
C LYS A 56 10.72 -2.56 4.75
N ILE A 57 9.63 -1.95 4.26
CA ILE A 57 9.37 -1.76 2.87
C ILE A 57 10.48 -1.01 2.21
N VAL A 58 10.69 0.25 2.61
CA VAL A 58 11.26 1.24 1.77
C VAL A 58 12.73 1.05 1.61
N SER A 59 13.42 0.38 2.56
CA SER A 59 14.82 0.16 2.49
C SER A 59 15.18 -0.89 1.50
N GLU A 60 14.34 -1.95 1.40
CA GLU A 60 14.47 -3.02 0.47
C GLU A 60 14.28 -2.60 -0.94
N LEU A 61 13.36 -1.65 -1.21
CA LEU A 61 13.24 -1.04 -2.51
C LEU A 61 14.41 -0.17 -2.82
N THR A 62 15.01 -0.30 -4.02
CA THR A 62 16.08 0.52 -4.47
C THR A 62 15.49 1.49 -5.43
N GLN A 63 16.29 2.39 -6.03
CA GLN A 63 15.92 3.22 -7.13
C GLN A 63 15.35 2.46 -8.28
N GLU A 64 15.95 1.29 -8.58
CA GLU A 64 15.52 0.35 -9.57
C GLU A 64 14.08 -0.02 -9.46
N ASP A 65 13.75 -0.46 -8.23
CA ASP A 65 12.52 -0.99 -7.74
C ASP A 65 11.46 0.05 -7.65
N LYS A 66 11.80 1.21 -7.08
CA LYS A 66 11.04 2.42 -6.99
C LYS A 66 10.37 2.77 -8.28
N LYS A 67 11.19 2.83 -9.34
CA LYS A 67 10.78 3.08 -10.68
C LYS A 67 10.10 1.87 -11.25
N THR A 68 10.53 0.63 -10.98
CA THR A 68 9.98 -0.57 -11.55
C THR A 68 8.51 -0.69 -11.37
N LEU A 69 8.01 -0.44 -10.14
CA LEU A 69 6.64 -0.61 -9.79
C LEU A 69 5.81 0.60 -10.11
N ILE A 70 6.40 1.79 -10.26
CA ILE A 70 5.77 2.88 -10.93
C ILE A 70 5.55 2.54 -12.38
N ASP A 71 6.61 2.13 -13.10
CA ASP A 71 6.64 1.63 -14.43
C ASP A 71 5.65 0.58 -14.79
N GLU A 72 5.61 -0.59 -14.11
CA GLU A 72 4.75 -1.67 -14.48
C GLU A 72 3.29 -1.41 -14.36
N PHE A 73 2.83 -0.63 -13.34
CA PHE A 73 1.47 -0.22 -13.27
C PHE A 73 1.35 1.24 -12.99
N ASN A 74 1.44 2.05 -14.05
CA ASN A 74 1.44 3.48 -14.02
C ASN A 74 0.19 4.07 -13.48
N GLU A 75 -0.97 3.52 -13.88
CA GLU A 75 -2.26 3.93 -13.42
C GLU A 75 -2.53 3.60 -11.98
N GLY A 76 -1.71 2.72 -11.37
CA GLY A 76 -1.76 2.40 -9.98
C GLY A 76 -1.30 3.57 -9.18
N PHE A 77 -0.09 4.08 -9.49
CA PHE A 77 0.49 5.26 -8.94
C PHE A 77 -0.41 6.44 -9.05
N GLU A 78 -1.02 6.69 -10.22
CA GLU A 78 -1.90 7.78 -10.47
C GLU A 78 -3.06 7.91 -9.54
N GLY A 79 -3.86 6.84 -9.31
CA GLY A 79 -5.04 6.91 -8.50
C GLY A 79 -4.78 6.91 -7.03
N VAL A 80 -3.65 6.26 -6.66
CA VAL A 80 -3.17 6.26 -5.32
C VAL A 80 -2.52 7.54 -4.91
N TYR A 81 -1.72 8.17 -5.79
CA TYR A 81 -1.17 9.47 -5.57
C TYR A 81 -2.22 10.53 -5.59
N ARG A 82 -3.20 10.47 -6.51
CA ARG A 82 -4.34 11.33 -6.52
C ARG A 82 -5.10 11.34 -5.25
N TYR A 83 -5.49 10.16 -4.72
CA TYR A 83 -6.19 10.09 -3.48
C TYR A 83 -5.33 10.49 -2.33
N LEU A 84 -4.06 10.07 -2.24
CA LEU A 84 -3.14 10.49 -1.23
C LEU A 84 -2.96 11.96 -1.10
N GLU A 85 -2.89 12.68 -2.24
CA GLU A 85 -2.86 14.11 -2.30
C GLU A 85 -4.10 14.73 -1.78
N MET A 86 -5.28 14.19 -2.13
CA MET A 86 -6.55 14.58 -1.64
C MET A 86 -6.77 14.41 -0.17
N TYR A 87 -6.71 13.18 0.39
CA TYR A 87 -7.15 12.94 1.73
C TYR A 87 -6.20 13.41 2.77
N THR A 88 -5.04 12.77 3.02
CA THR A 88 -4.30 13.18 4.17
C THR A 88 -2.87 12.78 4.10
N ASN A 89 -1.96 13.74 4.36
CA ASN A 89 -0.54 13.60 4.25
C ASN A 89 0.10 13.65 5.59
N LYS A 90 1.24 12.96 5.74
CA LYS A 90 1.91 12.82 7.01
C LYS A 90 3.37 12.47 6.74
N ASN A 2 7.17 -13.89 -1.61
CA ASN A 2 6.94 -13.52 -2.98
C ASN A 2 8.06 -12.63 -3.39
N LYS A 3 7.80 -11.35 -3.69
CA LYS A 3 8.82 -10.37 -3.93
C LYS A 3 8.56 -9.19 -3.05
N ASN A 4 9.32 -8.09 -3.22
CA ASN A 4 9.15 -6.88 -2.50
C ASN A 4 8.19 -6.00 -3.22
N ILE A 5 8.20 -6.10 -4.56
CA ILE A 5 7.41 -5.38 -5.50
C ILE A 5 6.04 -5.96 -5.63
N ASP A 6 5.91 -7.29 -5.82
CA ASP A 6 4.75 -8.08 -5.53
C ASP A 6 4.09 -7.79 -4.23
N THR A 7 4.76 -7.78 -3.06
CA THR A 7 4.15 -7.35 -1.84
C THR A 7 3.52 -5.99 -1.95
N VAL A 8 4.38 -4.96 -2.13
CA VAL A 8 3.97 -3.59 -2.16
C VAL A 8 2.95 -3.22 -3.19
N ARG A 9 2.99 -3.79 -4.41
CA ARG A 9 2.09 -3.43 -5.47
C ARG A 9 0.68 -3.81 -5.21
N GLU A 10 0.52 -4.94 -4.49
CA GLU A 10 -0.69 -5.44 -3.93
C GLU A 10 -1.25 -4.51 -2.90
N ILE A 11 -0.50 -4.08 -1.87
CA ILE A 11 -0.90 -3.11 -0.90
C ILE A 11 -1.61 -1.91 -1.43
N ILE A 12 -0.90 -1.29 -2.39
CA ILE A 12 -1.20 -0.08 -3.08
C ILE A 12 -2.38 -0.21 -3.98
N THR A 13 -2.43 -1.25 -4.82
CA THR A 13 -3.53 -1.51 -5.71
C THR A 13 -4.80 -1.83 -5.01
N VAL A 14 -4.77 -2.76 -4.03
CA VAL A 14 -5.92 -3.23 -3.31
C VAL A 14 -6.58 -2.13 -2.57
N ALA A 15 -5.78 -1.32 -1.85
CA ALA A 15 -6.16 -0.08 -1.24
C ALA A 15 -6.92 0.89 -2.07
N SER A 16 -6.39 1.16 -3.27
CA SER A 16 -6.91 2.11 -4.21
C SER A 16 -8.23 1.65 -4.72
N ILE A 17 -8.34 0.34 -5.03
CA ILE A 17 -9.56 -0.31 -5.38
C ILE A 17 -10.65 -0.10 -4.39
N LEU A 18 -10.38 -0.11 -3.07
CA LEU A 18 -11.38 0.16 -2.08
C LEU A 18 -11.53 1.60 -1.76
N ILE A 19 -10.49 2.42 -1.54
CA ILE A 19 -10.71 3.73 -1.01
C ILE A 19 -11.32 4.75 -1.92
N LYS A 20 -11.21 4.58 -3.26
CA LYS A 20 -11.82 5.45 -4.20
C LYS A 20 -13.30 5.34 -4.15
N PHE A 21 -13.84 4.11 -4.32
CA PHE A 21 -15.20 3.72 -4.17
C PHE A 21 -15.39 2.75 -3.05
N SER A 22 -15.43 3.26 -1.81
CA SER A 22 -15.97 2.58 -0.67
C SER A 22 -15.99 3.50 0.50
N ARG A 23 -14.93 3.44 1.34
CA ARG A 23 -14.74 4.22 2.53
C ARG A 23 -13.38 4.82 2.54
N GLU A 24 -13.22 6.09 2.96
CA GLU A 24 -11.95 6.67 3.26
C GLU A 24 -11.58 6.42 4.69
N ASP A 25 -12.59 6.20 5.56
CA ASP A 25 -12.53 5.83 6.93
C ASP A 25 -11.49 4.85 7.38
N ILE A 26 -11.23 3.77 6.61
CA ILE A 26 -10.25 2.79 6.97
C ILE A 26 -8.86 3.29 6.78
N VAL A 27 -8.65 3.99 5.66
CA VAL A 27 -7.37 4.49 5.25
C VAL A 27 -6.88 5.66 6.02
N GLU A 28 -7.73 6.64 6.36
CA GLU A 28 -7.50 7.80 7.17
C GLU A 28 -6.63 7.75 8.38
N ASN A 29 -6.39 6.53 8.92
CA ASN A 29 -5.40 6.28 9.92
C ASN A 29 -4.93 4.89 9.68
N ARG A 30 -3.91 4.75 8.82
CA ARG A 30 -3.30 3.54 8.37
C ARG A 30 -3.31 2.32 9.20
N ALA A 31 -3.16 2.38 10.54
CA ALA A 31 -3.38 1.34 11.50
C ALA A 31 -4.57 0.46 11.30
N ASN A 32 -5.73 1.05 10.97
CA ASN A 32 -6.98 0.45 10.66
C ASN A 32 -7.00 -0.24 9.33
N PHE A 33 -6.57 0.45 8.26
CA PHE A 33 -6.25 -0.11 6.98
C PHE A 33 -5.46 -1.37 7.01
N ILE A 34 -4.40 -1.34 7.84
CA ILE A 34 -3.39 -2.34 7.99
C ILE A 34 -4.07 -3.60 8.40
N ALA A 35 -4.86 -3.53 9.49
CA ALA A 35 -5.51 -4.71 9.97
C ALA A 35 -6.61 -5.25 9.11
N PHE A 36 -7.23 -4.52 8.16
CA PHE A 36 -8.10 -5.09 7.18
C PHE A 36 -7.34 -5.69 6.05
N LEU A 37 -6.03 -5.41 5.95
CA LEU A 37 -5.19 -6.25 5.15
C LEU A 37 -4.77 -7.51 5.86
N ASN A 38 -4.74 -7.50 7.20
CA ASN A 38 -4.66 -8.65 8.04
C ASN A 38 -5.85 -9.54 7.91
N GLU A 39 -7.09 -9.03 7.85
CA GLU A 39 -8.25 -9.70 7.37
C GLU A 39 -8.11 -10.55 6.15
N ILE A 40 -7.52 -10.03 5.05
CA ILE A 40 -7.15 -10.76 3.89
C ILE A 40 -6.24 -11.93 4.07
N GLY A 41 -5.23 -11.81 4.96
CA GLY A 41 -4.21 -12.79 5.18
C GLY A 41 -2.86 -12.46 4.64
N VAL A 42 -2.60 -11.21 4.25
CA VAL A 42 -1.33 -10.65 3.94
C VAL A 42 -0.32 -10.76 5.05
N THR A 43 0.66 -11.64 4.84
CA THR A 43 1.86 -11.77 5.61
C THR A 43 3.07 -11.32 4.89
N HIS A 44 3.95 -10.72 5.71
CA HIS A 44 5.33 -10.40 5.50
C HIS A 44 6.10 -11.35 6.35
N GLU A 45 7.40 -11.12 6.62
CA GLU A 45 8.24 -12.08 7.28
C GLU A 45 7.69 -12.62 8.55
N GLY A 46 7.35 -13.92 8.48
CA GLY A 46 6.62 -14.73 9.41
C GLY A 46 5.32 -14.27 9.97
N ARG A 47 4.87 -13.03 9.71
CA ARG A 47 3.90 -12.36 10.52
C ARG A 47 2.94 -11.57 9.70
N LYS A 48 1.70 -11.32 10.16
CA LYS A 48 0.81 -10.34 9.63
C LYS A 48 1.39 -8.98 9.50
N LEU A 49 1.10 -8.18 8.46
CA LEU A 49 1.80 -6.95 8.28
C LEU A 49 1.41 -5.91 9.27
N ASN A 50 2.35 -5.56 10.17
CA ASN A 50 2.19 -4.60 11.21
C ASN A 50 2.30 -3.18 10.76
N GLN A 51 1.98 -2.22 11.64
CA GLN A 51 1.86 -0.85 11.23
C GLN A 51 3.21 -0.30 10.91
N ASN A 52 4.13 -0.67 11.83
CA ASN A 52 5.52 -0.37 11.94
C ASN A 52 6.37 -1.10 10.97
N SER A 53 5.81 -2.07 10.23
CA SER A 53 6.52 -2.82 9.23
C SER A 53 6.89 -2.01 8.03
N PHE A 54 6.52 -0.71 7.99
CA PHE A 54 6.69 0.16 6.88
C PHE A 54 8.11 0.58 6.74
N ARG A 55 8.90 0.55 7.83
CA ARG A 55 10.33 0.68 7.82
C ARG A 55 11.02 -0.36 7.01
N LYS A 56 10.77 -1.65 7.31
CA LYS A 56 11.10 -2.81 6.54
C LYS A 56 10.82 -2.74 5.08
N ILE A 57 9.54 -2.42 4.79
CA ILE A 57 9.00 -1.95 3.56
C ILE A 57 9.89 -0.93 2.92
N VAL A 58 10.07 0.30 3.41
CA VAL A 58 10.59 1.33 2.56
C VAL A 58 12.03 1.13 2.26
N SER A 59 12.77 0.47 3.16
CA SER A 59 14.18 0.23 3.02
C SER A 59 14.52 -0.79 2.00
N GLU A 60 13.91 -2.00 2.04
CA GLU A 60 13.93 -2.98 1.00
C GLU A 60 13.71 -2.48 -0.38
N LEU A 61 12.83 -1.47 -0.53
CA LEU A 61 12.51 -0.80 -1.76
C LEU A 61 13.48 0.27 -2.12
N THR A 62 14.38 0.01 -3.08
CA THR A 62 15.35 0.96 -3.54
C THR A 62 14.86 1.69 -4.74
N GLN A 63 15.79 2.26 -5.54
CA GLN A 63 15.51 2.92 -6.77
C GLN A 63 14.94 1.97 -7.76
N GLU A 64 15.42 0.72 -7.71
CA GLU A 64 14.95 -0.42 -8.45
C GLU A 64 13.48 -0.63 -8.40
N ASP A 65 12.89 -0.54 -7.19
CA ASP A 65 11.48 -0.62 -6.96
C ASP A 65 10.81 0.54 -7.59
N LYS A 66 11.23 1.76 -7.22
CA LYS A 66 10.43 2.94 -7.25
C LYS A 66 9.82 3.13 -8.59
N LYS A 67 10.79 3.13 -9.53
CA LYS A 67 10.70 3.38 -10.94
C LYS A 67 10.21 2.17 -11.66
N THR A 68 10.43 0.93 -11.19
CA THR A 68 9.82 -0.24 -11.74
C THR A 68 8.35 -0.21 -11.64
N LEU A 69 7.84 0.10 -10.43
CA LEU A 69 6.48 -0.04 -10.01
C LEU A 69 5.54 0.86 -10.73
N ILE A 70 5.75 2.17 -10.58
CA ILE A 70 5.62 3.23 -11.54
C ILE A 70 5.68 2.86 -12.99
N ASP A 71 6.71 2.21 -13.56
CA ASP A 71 6.74 1.94 -14.97
C ASP A 71 5.75 0.91 -15.39
N GLU A 72 5.65 -0.19 -14.63
CA GLU A 72 4.77 -1.30 -14.88
C GLU A 72 3.33 -0.97 -14.67
N PHE A 73 2.97 -0.30 -13.56
CA PHE A 73 1.62 0.04 -13.26
C PHE A 73 1.57 1.47 -12.82
N ASN A 74 1.18 2.37 -13.74
CA ASN A 74 1.21 3.78 -13.53
C ASN A 74 0.07 4.20 -12.65
N GLU A 75 -1.11 3.62 -12.92
CA GLU A 75 -2.39 3.90 -12.34
C GLU A 75 -2.46 3.76 -10.85
N GLY A 76 -1.78 2.77 -10.25
CA GLY A 76 -1.72 2.58 -8.84
C GLY A 76 -1.09 3.73 -8.13
N PHE A 77 0.03 4.25 -8.68
CA PHE A 77 0.69 5.42 -8.21
C PHE A 77 -0.14 6.63 -8.42
N GLU A 78 -0.61 6.85 -9.66
CA GLU A 78 -1.46 7.92 -10.09
C GLU A 78 -2.66 8.15 -9.23
N GLY A 79 -3.44 7.08 -8.99
CA GLY A 79 -4.62 7.10 -8.17
C GLY A 79 -4.43 7.42 -6.73
N VAL A 80 -3.33 6.99 -6.10
CA VAL A 80 -3.08 7.34 -4.73
C VAL A 80 -2.47 8.70 -4.61
N TYR A 81 -1.68 9.14 -5.60
CA TYR A 81 -1.08 10.44 -5.69
C TYR A 81 -2.10 11.52 -5.70
N ARG A 82 -3.16 11.37 -6.51
CA ARG A 82 -4.29 12.25 -6.57
C ARG A 82 -5.11 12.24 -5.33
N TYR A 83 -5.42 11.06 -4.77
CA TYR A 83 -6.15 10.90 -3.54
C TYR A 83 -5.45 11.56 -2.40
N LEU A 84 -4.19 11.20 -2.11
CA LEU A 84 -3.51 11.59 -0.92
C LEU A 84 -3.28 13.06 -0.81
N GLU A 85 -3.09 13.75 -1.94
CA GLU A 85 -2.91 15.17 -2.00
C GLU A 85 -4.15 15.91 -1.63
N MET A 86 -5.31 15.48 -2.13
CA MET A 86 -6.55 16.10 -1.77
C MET A 86 -7.06 15.70 -0.44
N TYR A 87 -6.94 14.42 -0.04
CA TYR A 87 -7.46 13.94 1.21
C TYR A 87 -6.62 14.30 2.39
N THR A 88 -5.44 13.69 2.56
CA THR A 88 -5.04 13.47 3.93
C THR A 88 -3.59 13.60 4.22
N ASN A 89 -2.69 12.88 3.53
CA ASN A 89 -1.29 12.94 3.79
C ASN A 89 -0.57 13.56 2.62
N LYS A 90 -0.23 14.85 2.69
CA LYS A 90 0.58 15.49 1.70
C LYS A 90 2.05 15.17 1.94
N ASN A 2 10.78 -14.06 -1.94
CA ASN A 2 11.14 -12.79 -1.38
C ASN A 2 10.99 -11.76 -2.46
N LYS A 3 9.76 -11.25 -2.62
CA LYS A 3 9.40 -10.28 -3.61
C LYS A 3 8.82 -9.09 -2.94
N ASN A 4 9.63 -8.07 -2.60
CA ASN A 4 9.14 -6.94 -1.87
C ASN A 4 8.28 -6.05 -2.70
N ILE A 5 8.45 -5.95 -4.03
CA ILE A 5 7.62 -5.15 -4.87
C ILE A 5 6.27 -5.72 -5.11
N ASP A 6 6.02 -7.04 -5.01
CA ASP A 6 4.68 -7.56 -4.91
C ASP A 6 4.05 -7.32 -3.58
N THR A 7 4.73 -7.21 -2.43
CA THR A 7 4.10 -6.71 -1.24
C THR A 7 3.60 -5.32 -1.38
N VAL A 8 4.45 -4.45 -1.98
CA VAL A 8 4.30 -3.05 -2.22
C VAL A 8 3.31 -2.65 -3.25
N ARG A 9 3.34 -3.18 -4.49
CA ARG A 9 2.35 -2.91 -5.48
C ARG A 9 0.97 -3.26 -5.06
N GLU A 10 0.81 -4.35 -4.30
CA GLU A 10 -0.37 -4.64 -3.55
C GLU A 10 -0.78 -3.66 -2.51
N ILE A 11 0.09 -2.98 -1.75
CA ILE A 11 -0.31 -2.02 -0.78
C ILE A 11 -0.92 -0.83 -1.44
N ILE A 12 -0.30 -0.40 -2.56
CA ILE A 12 -0.71 0.80 -3.23
C ILE A 12 -2.02 0.58 -3.91
N THR A 13 -2.17 -0.59 -4.54
CA THR A 13 -3.35 -1.00 -5.23
C THR A 13 -4.51 -1.20 -4.32
N VAL A 14 -4.40 -2.11 -3.33
CA VAL A 14 -5.46 -2.48 -2.45
C VAL A 14 -5.93 -1.35 -1.59
N ALA A 15 -5.03 -0.50 -1.08
CA ALA A 15 -5.42 0.62 -0.28
C ALA A 15 -6.07 1.70 -1.08
N SER A 16 -5.66 1.91 -2.35
CA SER A 16 -6.35 2.77 -3.25
C SER A 16 -7.72 2.26 -3.55
N ILE A 17 -7.88 1.00 -3.98
CA ILE A 17 -9.11 0.30 -4.20
C ILE A 17 -10.14 0.54 -3.15
N LEU A 18 -9.79 0.35 -1.87
CA LEU A 18 -10.67 0.52 -0.76
C LEU A 18 -11.03 1.95 -0.50
N ILE A 19 -10.17 2.95 -0.69
CA ILE A 19 -10.59 4.31 -0.52
C ILE A 19 -11.35 4.87 -1.67
N LYS A 20 -10.82 4.71 -2.89
CA LYS A 20 -11.41 4.96 -4.17
C LYS A 20 -12.87 4.75 -4.29
N PHE A 21 -13.38 3.52 -4.32
CA PHE A 21 -14.77 3.26 -4.51
C PHE A 21 -15.45 2.64 -3.35
N SER A 22 -14.87 2.70 -2.13
CA SER A 22 -15.52 2.15 -0.99
C SER A 22 -15.51 3.07 0.18
N ARG A 23 -14.54 2.97 1.11
CA ARG A 23 -14.60 3.64 2.37
C ARG A 23 -13.34 4.29 2.82
N GLU A 24 -13.30 5.63 2.97
CA GLU A 24 -12.15 6.35 3.39
C GLU A 24 -11.88 6.28 4.85
N ASP A 25 -12.93 6.25 5.69
CA ASP A 25 -12.99 5.85 7.07
C ASP A 25 -12.20 4.67 7.50
N ILE A 26 -11.89 3.62 6.72
CA ILE A 26 -10.95 2.64 7.17
C ILE A 26 -9.53 3.07 7.07
N VAL A 27 -9.20 4.06 6.22
CA VAL A 27 -7.86 4.47 5.95
C VAL A 27 -7.37 5.53 6.86
N GLU A 28 -8.27 6.30 7.51
CA GLU A 28 -7.97 7.45 8.32
C GLU A 28 -7.22 7.18 9.57
N ASN A 29 -7.02 5.88 9.86
CA ASN A 29 -6.24 5.42 10.98
C ASN A 29 -5.59 4.12 10.63
N ARG A 30 -4.25 4.15 10.60
CA ARG A 30 -3.33 3.05 10.53
C ARG A 30 -3.82 1.75 11.06
N ALA A 31 -4.11 1.52 12.36
CA ALA A 31 -4.47 0.19 12.76
C ALA A 31 -5.74 -0.38 12.24
N ASN A 32 -6.70 0.45 11.78
CA ASN A 32 -7.95 -0.05 11.29
C ASN A 32 -7.84 -0.39 9.85
N PHE A 33 -6.84 0.17 9.16
CA PHE A 33 -6.56 -0.03 7.77
C PHE A 33 -5.83 -1.33 7.63
N ILE A 34 -4.83 -1.58 8.49
CA ILE A 34 -4.21 -2.85 8.73
C ILE A 34 -5.23 -3.92 8.98
N ALA A 35 -6.13 -3.70 9.96
CA ALA A 35 -7.21 -4.59 10.20
C ALA A 35 -8.06 -4.98 9.03
N PHE A 36 -8.29 -4.14 8.01
CA PHE A 36 -9.06 -4.56 6.88
C PHE A 36 -8.26 -5.45 5.99
N LEU A 37 -6.93 -5.27 5.96
CA LEU A 37 -5.99 -6.10 5.27
C LEU A 37 -5.76 -7.37 6.02
N ASN A 38 -6.19 -7.46 7.29
CA ASN A 38 -6.14 -8.69 8.01
C ASN A 38 -7.37 -9.46 7.72
N GLU A 39 -8.47 -8.82 7.27
CA GLU A 39 -9.67 -9.43 6.80
C GLU A 39 -9.46 -10.18 5.52
N ILE A 40 -8.89 -9.55 4.48
CA ILE A 40 -8.47 -10.16 3.26
C ILE A 40 -7.63 -11.37 3.38
N GLY A 41 -6.76 -11.44 4.41
CA GLY A 41 -5.84 -12.53 4.56
C GLY A 41 -4.44 -12.21 4.18
N VAL A 42 -3.94 -11.01 4.57
CA VAL A 42 -2.60 -10.59 4.31
C VAL A 42 -1.67 -10.98 5.41
N THR A 43 -0.73 -11.93 5.16
CA THR A 43 0.35 -12.26 6.04
C THR A 43 1.62 -12.00 5.30
N HIS A 44 2.73 -11.64 5.96
CA HIS A 44 3.97 -11.55 5.26
C HIS A 44 5.05 -12.23 6.04
N GLU A 45 6.09 -11.47 6.41
CA GLU A 45 7.29 -11.89 7.06
C GLU A 45 7.16 -12.47 8.43
N GLY A 46 6.38 -13.55 8.57
CA GLY A 46 6.03 -14.21 9.79
C GLY A 46 4.78 -13.68 10.41
N ARG A 47 4.42 -12.40 10.18
CA ARG A 47 3.40 -11.75 10.94
C ARG A 47 2.31 -11.20 10.09
N LYS A 48 1.45 -10.38 10.70
CA LYS A 48 0.48 -9.52 10.06
C LYS A 48 1.20 -8.29 9.63
N LEU A 49 0.57 -7.42 8.82
CA LEU A 49 1.27 -6.28 8.32
C LEU A 49 1.14 -5.14 9.28
N ASN A 50 2.25 -4.82 9.96
CA ASN A 50 2.33 -3.83 10.99
C ASN A 50 3.06 -2.63 10.52
N GLN A 51 2.60 -1.40 10.80
CA GLN A 51 3.00 -0.25 10.04
C GLN A 51 4.36 0.26 10.35
N ASN A 52 4.94 -0.17 11.48
CA ASN A 52 6.29 0.18 11.82
C ASN A 52 7.28 -0.57 11.01
N SER A 53 6.87 -1.66 10.35
CA SER A 53 7.66 -2.44 9.45
C SER A 53 7.59 -1.93 8.05
N PHE A 54 6.98 -0.75 7.81
CA PHE A 54 7.10 -0.01 6.60
C PHE A 54 8.50 0.47 6.37
N ARG A 55 9.29 0.73 7.43
CA ARG A 55 10.72 0.73 7.38
C ARG A 55 11.37 -0.32 6.56
N LYS A 56 10.94 -1.59 6.70
CA LYS A 56 11.55 -2.71 6.05
C LYS A 56 11.04 -2.87 4.66
N ILE A 57 9.88 -2.26 4.36
CA ILE A 57 9.42 -2.02 3.03
C ILE A 57 10.34 -1.07 2.35
N VAL A 58 10.36 0.25 2.64
CA VAL A 58 11.01 1.19 1.78
C VAL A 58 12.50 1.13 1.81
N SER A 59 13.08 0.39 2.77
CA SER A 59 14.50 0.19 2.85
C SER A 59 14.96 -1.02 2.10
N GLU A 60 14.16 -2.06 1.81
CA GLU A 60 14.61 -3.17 1.03
C GLU A 60 14.24 -3.10 -0.41
N LEU A 61 13.28 -2.22 -0.76
CA LEU A 61 13.10 -1.73 -2.10
C LEU A 61 14.28 -0.92 -2.52
N THR A 62 14.73 -1.12 -3.78
CA THR A 62 15.86 -0.45 -4.35
C THR A 62 15.30 0.62 -5.23
N GLN A 63 16.11 1.26 -6.09
CA GLN A 63 15.60 1.95 -7.23
C GLN A 63 14.77 1.13 -8.15
N GLU A 64 15.18 -0.04 -8.67
CA GLU A 64 14.58 -0.56 -9.86
C GLU A 64 13.17 -0.99 -9.67
N ASP A 65 12.84 -1.35 -8.41
CA ASP A 65 11.55 -1.70 -7.89
C ASP A 65 10.57 -0.58 -8.04
N LYS A 66 11.02 0.64 -7.70
CA LYS A 66 10.28 1.84 -7.86
C LYS A 66 9.96 2.10 -9.29
N LYS A 67 10.96 2.17 -10.19
CA LYS A 67 10.79 2.34 -11.60
C LYS A 67 9.86 1.39 -12.28
N THR A 68 9.98 0.07 -12.01
CA THR A 68 9.01 -0.95 -12.25
C THR A 68 7.58 -0.63 -11.97
N LEU A 69 7.27 -0.14 -10.76
CA LEU A 69 5.93 0.05 -10.28
C LEU A 69 5.38 1.39 -10.57
N ILE A 70 6.19 2.46 -10.72
CA ILE A 70 5.88 3.59 -11.53
C ILE A 70 5.31 3.25 -12.87
N ASP A 71 6.17 2.71 -13.74
CA ASP A 71 5.92 2.22 -15.07
C ASP A 71 4.74 1.34 -15.27
N GLU A 72 4.69 0.14 -14.68
CA GLU A 72 3.65 -0.80 -14.94
C GLU A 72 2.31 -0.37 -14.48
N PHE A 73 2.21 0.26 -13.29
CA PHE A 73 0.96 0.67 -12.73
C PHE A 73 0.89 2.16 -12.67
N ASN A 74 1.12 2.81 -13.82
CA ASN A 74 1.15 4.23 -13.99
C ASN A 74 -0.21 4.84 -13.84
N GLU A 75 -1.25 4.18 -14.39
CA GLU A 75 -2.61 4.56 -14.19
C GLU A 75 -3.07 4.46 -12.78
N GLY A 76 -2.45 3.54 -12.01
CA GLY A 76 -2.62 3.40 -10.61
C GLY A 76 -2.01 4.51 -9.83
N PHE A 77 -0.83 5.00 -10.27
CA PHE A 77 -0.13 6.09 -9.69
C PHE A 77 -0.91 7.36 -9.73
N GLU A 78 -1.57 7.66 -10.87
CA GLU A 78 -2.45 8.77 -11.03
C GLU A 78 -3.58 8.81 -10.07
N GLY A 79 -4.43 7.77 -10.04
CA GLY A 79 -5.54 7.62 -9.15
C GLY A 79 -5.24 7.70 -7.69
N VAL A 80 -4.03 7.28 -7.31
CA VAL A 80 -3.57 7.32 -5.96
C VAL A 80 -2.94 8.62 -5.62
N TYR A 81 -2.25 9.30 -6.55
CA TYR A 81 -1.77 10.65 -6.44
C TYR A 81 -2.86 11.63 -6.17
N ARG A 82 -3.97 11.60 -6.94
CA ARG A 82 -5.09 12.45 -6.75
C ARG A 82 -5.73 12.28 -5.41
N TYR A 83 -5.85 11.01 -4.97
CA TYR A 83 -6.30 10.68 -3.65
C TYR A 83 -5.34 11.16 -2.61
N LEU A 84 -4.01 11.05 -2.80
CA LEU A 84 -3.00 11.48 -1.88
C LEU A 84 -2.97 12.92 -1.55
N GLU A 85 -3.48 13.81 -2.42
CA GLU A 85 -3.75 15.17 -2.06
C GLU A 85 -4.93 15.29 -1.15
N MET A 86 -6.00 14.50 -1.36
CA MET A 86 -7.18 14.47 -0.54
C MET A 86 -7.04 14.15 0.91
N TYR A 87 -6.65 12.89 1.21
CA TYR A 87 -6.80 12.28 2.50
C TYR A 87 -5.78 12.59 3.52
N THR A 88 -4.55 12.04 3.51
CA THR A 88 -3.60 12.43 4.51
C THR A 88 -2.24 11.96 4.14
N ASN A 89 -1.20 12.58 4.75
CA ASN A 89 0.17 12.37 4.39
C ASN A 89 0.80 11.44 5.38
N LYS A 90 0.88 10.15 5.07
CA LYS A 90 1.60 9.18 5.83
C LYS A 90 3.11 9.46 5.79
N ASN A 2 8.24 -13.47 -3.54
CA ASN A 2 7.85 -12.27 -4.22
C ASN A 2 8.72 -11.11 -3.91
N LYS A 3 8.94 -10.23 -4.89
CA LYS A 3 9.77 -9.06 -4.86
C LYS A 3 9.29 -8.03 -3.90
N ASN A 4 9.96 -6.86 -3.83
CA ASN A 4 9.52 -5.77 -3.01
C ASN A 4 8.54 -4.96 -3.79
N ILE A 5 8.60 -5.10 -5.13
CA ILE A 5 7.77 -4.40 -6.08
C ILE A 5 6.48 -5.13 -6.19
N ASP A 6 6.53 -6.47 -6.22
CA ASP A 6 5.43 -7.36 -6.02
C ASP A 6 4.71 -7.11 -4.74
N THR A 7 5.36 -7.27 -3.58
CA THR A 7 4.85 -6.93 -2.29
C THR A 7 4.11 -5.63 -2.17
N VAL A 8 4.65 -4.53 -2.72
CA VAL A 8 4.15 -3.22 -2.45
C VAL A 8 3.10 -2.85 -3.43
N ARG A 9 3.23 -3.24 -4.71
CA ARG A 9 2.19 -2.99 -5.68
C ARG A 9 0.99 -3.85 -5.45
N GLU A 10 1.10 -4.97 -4.71
CA GLU A 10 -0.05 -5.65 -4.21
C GLU A 10 -0.78 -4.85 -3.19
N ILE A 11 -0.11 -4.35 -2.14
CA ILE A 11 -0.70 -3.53 -1.12
C ILE A 11 -1.38 -2.32 -1.68
N ILE A 12 -0.66 -1.54 -2.50
CA ILE A 12 -1.14 -0.36 -3.15
C ILE A 12 -2.33 -0.63 -4.02
N THR A 13 -2.35 -1.75 -4.77
CA THR A 13 -3.48 -2.13 -5.56
C THR A 13 -4.67 -2.46 -4.72
N VAL A 14 -4.56 -3.40 -3.76
CA VAL A 14 -5.68 -3.86 -2.99
C VAL A 14 -6.22 -2.77 -2.13
N ALA A 15 -5.39 -1.97 -1.45
CA ALA A 15 -5.75 -0.79 -0.74
C ALA A 15 -6.60 0.17 -1.51
N SER A 16 -6.24 0.41 -2.78
CA SER A 16 -6.92 1.33 -3.66
C SER A 16 -8.25 0.82 -4.07
N ILE A 17 -8.38 -0.51 -4.32
CA ILE A 17 -9.61 -1.19 -4.60
C ILE A 17 -10.49 -1.23 -3.41
N LEU A 18 -9.92 -1.28 -2.19
CA LEU A 18 -10.62 -1.21 -0.95
C LEU A 18 -11.23 0.13 -0.70
N ILE A 19 -10.36 1.16 -0.65
CA ILE A 19 -10.64 2.45 -0.11
C ILE A 19 -11.35 3.44 -0.97
N LYS A 20 -11.36 3.30 -2.30
CA LYS A 20 -11.98 4.21 -3.20
C LYS A 20 -13.37 4.59 -2.83
N PHE A 21 -14.37 3.69 -2.94
CA PHE A 21 -15.69 3.93 -2.47
C PHE A 21 -16.01 3.08 -1.29
N SER A 22 -15.30 3.29 -0.17
CA SER A 22 -15.62 2.67 1.08
C SER A 22 -15.73 3.74 2.11
N ARG A 23 -14.64 3.99 2.84
CA ARG A 23 -14.51 5.00 3.86
C ARG A 23 -13.10 5.50 3.82
N GLU A 24 -12.81 6.78 4.07
CA GLU A 24 -11.50 7.25 4.40
C GLU A 24 -11.24 7.21 5.87
N ASP A 25 -12.29 7.03 6.70
CA ASP A 25 -12.25 6.86 8.12
C ASP A 25 -11.29 5.82 8.58
N ILE A 26 -11.19 4.70 7.84
CA ILE A 26 -10.23 3.65 8.02
C ILE A 26 -8.82 4.06 7.73
N VAL A 27 -8.58 4.91 6.73
CA VAL A 27 -7.27 5.36 6.33
C VAL A 27 -6.74 6.38 7.30
N GLU A 28 -7.62 7.26 7.80
CA GLU A 28 -7.36 8.31 8.74
C GLU A 28 -6.70 7.91 10.02
N ASN A 29 -7.07 6.75 10.58
CA ASN A 29 -6.41 6.23 11.73
C ASN A 29 -5.94 4.91 11.23
N ARG A 30 -4.74 4.77 10.64
CA ARG A 30 -4.42 3.73 9.72
C ARG A 30 -4.30 2.37 10.33
N ALA A 31 -4.21 2.26 11.67
CA ALA A 31 -4.46 1.09 12.44
C ALA A 31 -5.61 0.27 11.97
N ASN A 32 -6.80 0.89 11.83
CA ASN A 32 -7.96 0.47 11.12
C ASN A 32 -7.84 -0.01 9.71
N PHE A 33 -7.07 0.65 8.84
CA PHE A 33 -6.81 0.35 7.47
C PHE A 33 -5.95 -0.86 7.31
N ILE A 34 -4.97 -1.00 8.22
CA ILE A 34 -3.99 -2.06 8.18
C ILE A 34 -4.67 -3.32 8.59
N ALA A 35 -5.56 -3.22 9.59
CA ALA A 35 -6.35 -4.36 9.96
C ALA A 35 -7.34 -4.76 8.92
N PHE A 36 -8.00 -3.83 8.20
CA PHE A 36 -8.54 -4.16 6.92
C PHE A 36 -7.71 -4.95 5.97
N LEU A 37 -6.38 -4.82 5.85
CA LEU A 37 -5.56 -5.74 5.13
C LEU A 37 -5.21 -7.01 5.83
N ASN A 38 -5.23 -7.06 7.18
CA ASN A 38 -5.13 -8.24 7.97
C ASN A 38 -6.13 -9.29 7.63
N GLU A 39 -7.45 -8.99 7.66
CA GLU A 39 -8.53 -9.81 7.19
C GLU A 39 -8.31 -10.60 5.94
N ILE A 40 -8.06 -9.87 4.84
CA ILE A 40 -7.75 -10.38 3.53
C ILE A 40 -6.71 -11.42 3.51
N GLY A 41 -5.67 -11.24 4.35
CA GLY A 41 -4.59 -12.15 4.52
C GLY A 41 -3.32 -11.65 3.91
N VAL A 42 -3.06 -10.33 3.94
CA VAL A 42 -1.89 -9.73 3.37
C VAL A 42 -0.65 -10.06 4.13
N THR A 43 0.32 -10.82 3.59
CA THR A 43 1.44 -11.28 4.35
C THR A 43 2.74 -10.68 3.93
N HIS A 44 3.70 -10.63 4.89
CA HIS A 44 5.10 -10.58 4.60
C HIS A 44 5.68 -11.89 5.01
N GLU A 45 6.88 -11.92 5.62
CA GLU A 45 7.50 -13.14 6.01
C GLU A 45 6.79 -13.82 7.11
N GLY A 46 5.81 -14.69 6.78
CA GLY A 46 5.05 -15.48 7.69
C GLY A 46 3.93 -14.80 8.41
N ARG A 47 3.98 -13.47 8.58
CA ARG A 47 3.20 -12.72 9.52
C ARG A 47 2.41 -11.69 8.79
N LYS A 48 1.32 -11.18 9.39
CA LYS A 48 0.52 -10.13 8.84
C LYS A 48 1.22 -8.82 8.91
N LEU A 49 0.70 -7.72 8.32
CA LEU A 49 1.35 -6.45 8.38
C LEU A 49 0.88 -5.66 9.56
N ASN A 50 1.84 -4.96 10.19
CA ASN A 50 1.68 -4.17 11.36
C ASN A 50 1.92 -2.74 10.97
N GLN A 51 1.99 -1.78 11.90
CA GLN A 51 2.17 -0.41 11.52
C GLN A 51 3.58 -0.21 11.07
N ASN A 52 4.47 -0.64 11.97
CA ASN A 52 5.89 -0.52 11.99
C ASN A 52 6.57 -1.17 10.83
N SER A 53 6.00 -2.27 10.28
CA SER A 53 6.49 -3.00 9.16
C SER A 53 6.63 -2.25 7.88
N PHE A 54 6.25 -0.98 7.81
CA PHE A 54 6.53 -0.10 6.71
C PHE A 54 7.94 0.38 6.71
N ARG A 55 8.61 0.38 7.87
CA ARG A 55 10.03 0.44 8.04
C ARG A 55 10.76 -0.56 7.21
N LYS A 56 10.34 -1.84 7.19
CA LYS A 56 10.86 -2.83 6.31
C LYS A 56 10.75 -2.46 4.87
N ILE A 57 9.51 -2.23 4.43
CA ILE A 57 9.09 -1.76 3.14
C ILE A 57 9.93 -0.66 2.60
N VAL A 58 10.00 0.53 3.22
CA VAL A 58 10.64 1.66 2.60
C VAL A 58 12.12 1.67 2.79
N SER A 59 12.65 0.86 3.71
CA SER A 59 14.06 0.57 3.78
C SER A 59 14.54 -0.18 2.59
N GLU A 60 13.86 -1.26 2.19
CA GLU A 60 14.33 -2.15 1.16
C GLU A 60 14.14 -1.72 -0.25
N LEU A 61 13.33 -0.68 -0.48
CA LEU A 61 12.94 -0.20 -1.77
C LEU A 61 13.92 0.80 -2.27
N THR A 62 14.55 0.54 -3.43
CA THR A 62 15.53 1.40 -4.02
C THR A 62 14.97 2.14 -5.19
N GLN A 63 15.85 2.89 -5.89
CA GLN A 63 15.60 3.53 -7.14
C GLN A 63 15.15 2.62 -8.22
N GLU A 64 15.84 1.47 -8.37
CA GLU A 64 15.52 0.37 -9.24
C GLU A 64 14.12 -0.14 -9.13
N ASP A 65 13.74 -0.47 -7.89
CA ASP A 65 12.46 -0.94 -7.46
C ASP A 65 11.38 0.03 -7.81
N LYS A 66 11.57 1.31 -7.46
CA LYS A 66 10.54 2.29 -7.56
C LYS A 66 10.13 2.51 -8.98
N LYS A 67 11.13 2.48 -9.87
CA LYS A 67 10.98 2.69 -11.28
C LYS A 67 10.35 1.51 -11.94
N THR A 68 10.73 0.28 -11.54
CA THR A 68 10.14 -0.97 -11.91
C THR A 68 8.68 -1.06 -11.61
N LEU A 69 8.27 -0.52 -10.44
CA LEU A 69 6.91 -0.43 -10.01
C LEU A 69 6.09 0.45 -10.89
N ILE A 70 6.38 1.77 -10.91
CA ILE A 70 5.89 2.78 -11.79
C ILE A 70 5.81 2.39 -13.24
N ASP A 71 6.85 1.81 -13.85
CA ASP A 71 6.85 1.31 -15.19
C ASP A 71 5.77 0.34 -15.53
N GLU A 72 5.43 -0.58 -14.62
CA GLU A 72 4.37 -1.53 -14.82
C GLU A 72 3.05 -0.99 -14.42
N PHE A 73 3.00 -0.24 -13.30
CA PHE A 73 1.84 0.19 -12.59
C PHE A 73 1.60 1.64 -12.83
N ASN A 74 1.08 2.02 -14.00
CA ASN A 74 1.07 3.37 -14.47
C ASN A 74 -0.06 4.14 -13.91
N GLU A 75 -1.30 3.86 -14.36
CA GLU A 75 -2.51 4.44 -13.86
C GLU A 75 -2.90 3.90 -12.53
N GLY A 76 -2.22 2.83 -12.06
CA GLY A 76 -2.34 2.34 -10.73
C GLY A 76 -1.73 3.25 -9.72
N PHE A 77 -0.49 3.71 -9.99
CA PHE A 77 0.22 4.66 -9.18
C PHE A 77 -0.42 6.01 -9.22
N GLU A 78 -0.68 6.54 -10.42
CA GLU A 78 -1.30 7.83 -10.55
C GLU A 78 -2.73 7.87 -10.15
N GLY A 79 -3.42 6.72 -10.16
CA GLY A 79 -4.75 6.56 -9.66
C GLY A 79 -4.79 6.83 -8.19
N VAL A 80 -3.90 6.21 -7.40
CA VAL A 80 -3.83 6.48 -6.00
C VAL A 80 -3.22 7.79 -5.65
N TYR A 81 -2.33 8.34 -6.49
CA TYR A 81 -1.81 9.67 -6.36
C TYR A 81 -2.88 10.70 -6.34
N ARG A 82 -3.91 10.55 -7.19
CA ARG A 82 -5.08 11.38 -7.17
C ARG A 82 -5.83 11.33 -5.89
N TYR A 83 -6.10 10.14 -5.33
CA TYR A 83 -6.71 10.00 -4.04
C TYR A 83 -5.88 10.59 -2.97
N LEU A 84 -4.55 10.36 -2.97
CA LEU A 84 -3.60 10.89 -2.04
C LEU A 84 -3.55 12.38 -1.91
N GLU A 85 -3.43 13.10 -3.04
CA GLU A 85 -3.42 14.53 -3.05
C GLU A 85 -4.70 15.16 -2.66
N MET A 86 -5.84 14.45 -2.88
CA MET A 86 -7.12 14.76 -2.32
C MET A 86 -7.23 14.53 -0.85
N TYR A 87 -7.20 13.31 -0.28
CA TYR A 87 -7.66 13.13 1.06
C TYR A 87 -6.70 13.53 2.12
N THR A 88 -5.62 12.75 2.35
CA THR A 88 -4.97 12.78 3.62
C THR A 88 -3.70 12.02 3.45
N ASN A 89 -2.60 12.56 3.97
CA ASN A 89 -1.29 12.06 3.63
C ASN A 89 -0.88 11.14 4.73
N LYS A 90 -1.32 9.87 4.69
CA LYS A 90 -1.10 8.97 5.78
C LYS A 90 -0.84 7.59 5.20
N ASN A 2 10.97 -13.37 -2.52
CA ASN A 2 9.96 -12.44 -2.11
C ASN A 2 9.88 -11.36 -3.12
N LYS A 3 8.74 -11.13 -3.79
CA LYS A 3 8.63 -10.01 -4.67
C LYS A 3 8.22 -8.82 -3.88
N ASN A 4 9.15 -8.15 -3.18
CA ASN A 4 9.06 -6.89 -2.52
C ASN A 4 8.17 -5.88 -3.17
N ILE A 5 8.42 -5.50 -4.44
CA ILE A 5 7.48 -4.89 -5.34
C ILE A 5 6.05 -5.30 -5.26
N ASP A 6 5.71 -6.60 -5.38
CA ASP A 6 4.43 -7.23 -5.31
C ASP A 6 3.81 -7.17 -3.95
N THR A 7 4.59 -7.05 -2.86
CA THR A 7 4.01 -6.90 -1.55
C THR A 7 3.48 -5.51 -1.40
N VAL A 8 4.27 -4.52 -1.87
CA VAL A 8 3.89 -3.14 -1.90
C VAL A 8 2.81 -2.84 -2.88
N ARG A 9 3.00 -3.07 -4.19
CA ARG A 9 2.01 -2.86 -5.19
C ARG A 9 0.70 -3.55 -5.01
N GLU A 10 0.65 -4.71 -4.34
CA GLU A 10 -0.61 -5.24 -3.90
C GLU A 10 -1.28 -4.40 -2.87
N ILE A 11 -0.61 -3.86 -1.85
CA ILE A 11 -1.21 -3.18 -0.75
C ILE A 11 -1.67 -1.84 -1.22
N ILE A 12 -0.98 -1.25 -2.21
CA ILE A 12 -1.39 -0.05 -2.88
C ILE A 12 -2.66 -0.27 -3.63
N THR A 13 -2.82 -1.44 -4.26
CA THR A 13 -3.92 -1.80 -5.10
C THR A 13 -5.18 -1.95 -4.33
N VAL A 14 -5.25 -2.84 -3.33
CA VAL A 14 -6.48 -3.13 -2.64
C VAL A 14 -6.94 -1.98 -1.81
N ALA A 15 -6.03 -1.25 -1.16
CA ALA A 15 -6.22 0.08 -0.67
C ALA A 15 -6.87 1.04 -1.61
N SER A 16 -6.27 1.38 -2.76
CA SER A 16 -6.87 2.29 -3.69
C SER A 16 -8.21 1.88 -4.18
N ILE A 17 -8.42 0.58 -4.50
CA ILE A 17 -9.69 0.03 -4.88
C ILE A 17 -10.72 0.15 -3.81
N LEU A 18 -10.40 -0.13 -2.54
CA LEU A 18 -11.22 0.13 -1.40
C LEU A 18 -11.72 1.54 -1.32
N ILE A 19 -10.81 2.51 -1.17
CA ILE A 19 -11.19 3.87 -0.92
C ILE A 19 -11.80 4.56 -2.09
N LYS A 20 -11.52 4.08 -3.32
CA LYS A 20 -12.05 4.62 -4.53
C LYS A 20 -13.53 4.77 -4.57
N PHE A 21 -14.28 3.67 -4.37
CA PHE A 21 -15.70 3.66 -4.42
C PHE A 21 -16.38 3.33 -3.13
N SER A 22 -15.76 3.43 -1.95
CA SER A 22 -16.45 3.06 -0.75
C SER A 22 -16.21 4.01 0.36
N ARG A 23 -15.26 3.75 1.29
CA ARG A 23 -15.19 4.46 2.53
C ARG A 23 -13.81 4.84 2.93
N GLU A 24 -13.57 6.16 3.06
CA GLU A 24 -12.34 6.79 3.42
C GLU A 24 -11.83 6.58 4.80
N ASP A 25 -12.77 6.34 5.74
CA ASP A 25 -12.55 6.50 7.14
C ASP A 25 -11.64 5.51 7.76
N ILE A 26 -11.19 4.51 6.97
CA ILE A 26 -10.29 3.47 7.37
C ILE A 26 -8.87 3.90 7.29
N VAL A 27 -8.49 4.76 6.33
CA VAL A 27 -7.16 5.25 6.15
C VAL A 27 -6.90 6.51 6.90
N GLU A 28 -7.97 7.21 7.34
CA GLU A 28 -7.97 8.11 8.44
C GLU A 28 -7.14 7.73 9.63
N ASN A 29 -7.36 6.60 10.32
CA ASN A 29 -6.35 6.06 11.18
C ASN A 29 -5.72 4.92 10.45
N ARG A 30 -4.53 5.20 9.88
CA ARG A 30 -3.92 4.40 8.86
C ARG A 30 -3.65 2.99 9.26
N ALA A 31 -3.20 2.77 10.51
CA ALA A 31 -3.01 1.42 10.97
C ALA A 31 -4.18 0.52 10.91
N ASN A 32 -5.42 1.05 10.88
CA ASN A 32 -6.64 0.32 10.71
C ASN A 32 -6.96 0.07 9.27
N PHE A 33 -6.28 0.71 8.30
CA PHE A 33 -6.37 0.35 6.92
C PHE A 33 -5.61 -0.91 6.68
N ILE A 34 -4.41 -1.00 7.30
CA ILE A 34 -3.61 -2.18 7.41
C ILE A 34 -4.37 -3.33 8.00
N ALA A 35 -5.27 -3.03 8.96
CA ALA A 35 -6.10 -3.98 9.59
C ALA A 35 -7.17 -4.54 8.71
N PHE A 36 -7.86 -3.69 7.92
CA PHE A 36 -8.55 -4.02 6.71
C PHE A 36 -7.83 -4.92 5.77
N LEU A 37 -6.50 -4.82 5.58
CA LEU A 37 -5.74 -5.73 4.78
C LEU A 37 -5.41 -7.01 5.45
N ASN A 38 -5.08 -6.93 6.75
CA ASN A 38 -4.92 -8.02 7.67
C ASN A 38 -5.99 -9.06 7.56
N GLU A 39 -7.23 -8.63 7.26
CA GLU A 39 -8.38 -9.43 6.96
C GLU A 39 -8.20 -10.48 5.94
N ILE A 40 -7.41 -10.16 4.90
CA ILE A 40 -7.23 -10.90 3.69
C ILE A 40 -6.13 -11.89 3.91
N GLY A 41 -5.07 -11.45 4.60
CA GLY A 41 -3.95 -12.25 4.96
C GLY A 41 -2.66 -11.82 4.35
N VAL A 42 -2.42 -10.49 4.33
CA VAL A 42 -1.16 -9.84 4.14
C VAL A 42 -0.08 -10.28 5.06
N THR A 43 0.90 -11.04 4.56
CA THR A 43 1.92 -11.66 5.35
C THR A 43 3.29 -11.27 4.90
N HIS A 44 4.27 -11.24 5.82
CA HIS A 44 5.66 -11.11 5.48
C HIS A 44 6.36 -12.29 6.04
N GLU A 45 7.53 -12.18 6.69
CA GLU A 45 8.33 -13.34 6.99
C GLU A 45 7.80 -14.22 8.06
N GLY A 46 6.60 -14.80 7.91
CA GLY A 46 5.85 -15.54 8.88
C GLY A 46 4.71 -14.79 9.48
N ARG A 47 4.74 -13.45 9.64
CA ARG A 47 3.66 -12.81 10.32
C ARG A 47 2.97 -11.78 9.50
N LYS A 48 1.92 -11.18 10.10
CA LYS A 48 1.03 -10.19 9.57
C LYS A 48 1.74 -8.89 9.43
N LEU A 49 1.24 -8.01 8.54
CA LEU A 49 1.84 -6.75 8.24
C LEU A 49 1.31 -5.73 9.17
N ASN A 50 2.20 -5.01 9.89
CA ASN A 50 1.91 -3.97 10.81
C ASN A 50 2.31 -2.67 10.21
N GLN A 51 2.26 -1.54 10.95
CA GLN A 51 2.77 -0.30 10.49
C GLN A 51 4.23 -0.22 10.74
N ASN A 52 4.69 -0.69 11.92
CA ASN A 52 6.07 -0.88 12.26
C ASN A 52 6.91 -1.78 11.43
N SER A 53 6.28 -2.55 10.52
CA SER A 53 6.79 -3.20 9.34
C SER A 53 7.34 -2.33 8.27
N PHE A 54 7.04 -1.02 8.21
CA PHE A 54 7.49 -0.07 7.25
C PHE A 54 8.95 -0.07 6.94
N ARG A 55 9.83 0.07 7.96
CA ARG A 55 11.25 -0.09 7.90
C ARG A 55 11.75 -1.22 7.08
N LYS A 56 11.16 -2.37 7.45
CA LYS A 56 11.39 -3.71 6.99
C LYS A 56 11.09 -3.86 5.54
N ILE A 57 9.97 -3.30 5.03
CA ILE A 57 9.64 -3.37 3.64
C ILE A 57 10.66 -2.66 2.83
N VAL A 58 10.97 -1.42 3.26
CA VAL A 58 11.66 -0.42 2.50
C VAL A 58 13.09 -0.74 2.30
N SER A 59 13.82 -1.22 3.32
CA SER A 59 15.19 -1.65 3.30
C SER A 59 15.67 -2.54 2.22
N GLU A 60 14.76 -3.13 1.42
CA GLU A 60 15.04 -4.03 0.36
C GLU A 60 14.79 -3.46 -1.01
N LEU A 61 13.86 -2.49 -1.08
CA LEU A 61 13.61 -1.57 -2.15
C LEU A 61 14.71 -0.58 -2.34
N THR A 62 15.07 -0.30 -3.60
CA THR A 62 16.11 0.59 -4.01
C THR A 62 15.39 1.54 -4.90
N GLN A 63 16.04 2.30 -5.81
CA GLN A 63 15.37 3.02 -6.86
C GLN A 63 14.96 2.20 -8.03
N GLU A 64 15.47 0.97 -8.21
CA GLU A 64 14.86 -0.11 -8.93
C GLU A 64 13.38 -0.25 -8.84
N ASP A 65 12.85 -0.36 -7.62
CA ASP A 65 11.46 -0.41 -7.23
C ASP A 65 10.69 0.72 -7.82
N LYS A 66 11.08 1.96 -7.47
CA LYS A 66 10.53 3.19 -7.97
C LYS A 66 10.34 3.21 -9.44
N LYS A 67 11.39 2.93 -10.24
CA LYS A 67 11.30 2.97 -11.67
C LYS A 67 10.33 1.97 -12.22
N THR A 68 10.36 0.74 -11.67
CA THR A 68 9.60 -0.41 -12.00
C THR A 68 8.15 -0.30 -11.72
N LEU A 69 7.78 0.11 -10.50
CA LEU A 69 6.45 0.29 -10.01
C LEU A 69 5.62 1.21 -10.84
N ILE A 70 6.23 2.38 -11.14
CA ILE A 70 5.80 3.40 -12.04
C ILE A 70 5.50 2.85 -13.39
N ASP A 71 6.54 2.28 -14.03
CA ASP A 71 6.53 1.67 -15.31
C ASP A 71 5.37 0.77 -15.62
N GLU A 72 5.03 -0.15 -14.71
CA GLU A 72 3.89 -0.99 -14.89
C GLU A 72 2.60 -0.34 -14.52
N PHE A 73 2.52 0.34 -13.36
CA PHE A 73 1.27 0.72 -12.77
C PHE A 73 1.14 2.20 -12.61
N ASN A 74 1.45 2.97 -13.66
CA ASN A 74 1.40 4.40 -13.69
C ASN A 74 0.03 4.94 -13.47
N GLU A 75 -0.98 4.26 -14.05
CA GLU A 75 -2.37 4.53 -13.93
C GLU A 75 -2.87 4.44 -12.54
N GLY A 76 -2.43 3.41 -11.80
CA GLY A 76 -2.70 3.22 -10.40
C GLY A 76 -2.00 4.21 -9.53
N PHE A 77 -0.72 4.51 -9.82
CA PHE A 77 0.07 5.47 -9.12
C PHE A 77 -0.50 6.84 -9.13
N GLU A 78 -0.92 7.36 -10.29
CA GLU A 78 -1.50 8.66 -10.39
C GLU A 78 -2.81 8.76 -9.69
N GLY A 79 -3.76 7.86 -9.99
CA GLY A 79 -4.97 7.62 -9.25
C GLY A 79 -4.92 7.51 -7.76
N VAL A 80 -3.81 7.01 -7.20
CA VAL A 80 -3.64 6.91 -5.79
C VAL A 80 -3.02 8.13 -5.22
N TYR A 81 -2.07 8.77 -5.91
CA TYR A 81 -1.50 10.04 -5.61
C TYR A 81 -2.52 11.13 -5.53
N ARG A 82 -3.43 11.22 -6.51
CA ARG A 82 -4.53 12.14 -6.52
C ARG A 82 -5.44 11.99 -5.35
N TYR A 83 -5.74 10.74 -4.96
CA TYR A 83 -6.45 10.43 -3.76
C TYR A 83 -5.73 10.87 -2.53
N LEU A 84 -4.44 10.51 -2.35
CA LEU A 84 -3.59 10.87 -1.26
C LEU A 84 -3.57 12.31 -0.93
N GLU A 85 -3.48 13.19 -1.95
CA GLU A 85 -3.44 14.61 -1.78
C GLU A 85 -4.69 15.15 -1.18
N MET A 86 -5.86 14.89 -1.78
CA MET A 86 -7.16 15.29 -1.34
C MET A 86 -7.58 14.89 0.05
N TYR A 87 -7.04 13.74 0.49
CA TYR A 87 -7.37 13.05 1.70
C TYR A 87 -6.32 12.98 2.75
N THR A 88 -5.31 12.10 2.64
CA THR A 88 -4.48 11.82 3.77
C THR A 88 -3.41 10.85 3.43
N ASN A 89 -2.33 10.83 4.23
CA ASN A 89 -1.06 10.29 3.86
C ASN A 89 -0.77 9.04 4.62
N LYS A 90 -0.01 8.08 4.07
CA LYS A 90 0.53 6.98 4.81
C LYS A 90 1.59 7.46 5.78
N ASN A 2 10.90 -11.49 -1.16
CA ASN A 2 12.08 -10.84 -1.63
C ASN A 2 11.82 -9.96 -2.81
N LYS A 3 10.53 -9.71 -3.12
CA LYS A 3 10.12 -8.78 -4.13
C LYS A 3 9.42 -7.69 -3.42
N ASN A 4 10.13 -6.62 -2.99
CA ASN A 4 9.56 -5.56 -2.22
C ASN A 4 8.42 -4.90 -2.91
N ILE A 5 8.57 -4.71 -4.24
CA ILE A 5 7.60 -4.42 -5.24
C ILE A 5 6.29 -5.14 -5.15
N ASP A 6 6.31 -6.48 -5.00
CA ASP A 6 5.19 -7.36 -4.98
C ASP A 6 4.32 -7.09 -3.80
N THR A 7 4.93 -7.01 -2.60
CA THR A 7 4.21 -6.78 -1.38
C THR A 7 3.54 -5.45 -1.39
N VAL A 8 4.24 -4.37 -1.75
CA VAL A 8 3.73 -3.04 -1.59
C VAL A 8 2.72 -2.72 -2.64
N ARG A 9 2.99 -3.06 -3.92
CA ARG A 9 2.04 -2.87 -4.97
C ARG A 9 0.72 -3.53 -4.76
N GLU A 10 0.64 -4.63 -3.98
CA GLU A 10 -0.60 -5.24 -3.63
C GLU A 10 -1.35 -4.48 -2.60
N ILE A 11 -0.71 -4.04 -1.51
CA ILE A 11 -1.11 -3.02 -0.60
C ILE A 11 -1.69 -1.80 -1.22
N ILE A 12 -0.99 -1.08 -2.10
CA ILE A 12 -1.46 0.11 -2.74
C ILE A 12 -2.70 -0.14 -3.54
N THR A 13 -2.57 -0.99 -4.57
CA THR A 13 -3.61 -1.48 -5.42
C THR A 13 -4.91 -1.80 -4.75
N VAL A 14 -4.92 -2.67 -3.72
CA VAL A 14 -6.14 -3.20 -3.19
C VAL A 14 -6.84 -2.17 -2.38
N ALA A 15 -6.06 -1.41 -1.59
CA ALA A 15 -6.48 -0.23 -0.90
C ALA A 15 -7.12 0.79 -1.77
N SER A 16 -6.53 1.14 -2.93
CA SER A 16 -7.15 1.97 -3.91
C SER A 16 -8.46 1.49 -4.43
N ILE A 17 -8.63 0.18 -4.72
CA ILE A 17 -9.82 -0.44 -5.19
C ILE A 17 -10.95 -0.35 -4.23
N LEU A 18 -10.68 -0.57 -2.93
CA LEU A 18 -11.42 -0.13 -1.78
C LEU A 18 -11.68 1.34 -1.79
N ILE A 19 -10.72 2.27 -1.54
CA ILE A 19 -11.11 3.60 -1.17
C ILE A 19 -11.76 4.48 -2.17
N LYS A 20 -11.41 4.40 -3.47
CA LYS A 20 -11.65 5.37 -4.49
C LYS A 20 -13.05 5.71 -4.89
N PHE A 21 -14.06 4.82 -4.83
CA PHE A 21 -15.42 5.25 -4.96
C PHE A 21 -16.18 5.11 -3.67
N SER A 22 -15.46 4.95 -2.54
CA SER A 22 -16.09 4.68 -1.29
C SER A 22 -15.85 5.70 -0.23
N ARG A 23 -14.73 5.60 0.51
CA ARG A 23 -14.73 6.13 1.84
C ARG A 23 -13.38 5.99 2.48
N GLU A 24 -12.62 7.09 2.59
CA GLU A 24 -11.58 7.41 3.52
C GLU A 24 -11.50 6.84 4.89
N ASP A 25 -12.61 6.60 5.62
CA ASP A 25 -12.65 6.14 6.97
C ASP A 25 -11.73 5.04 7.39
N ILE A 26 -11.49 4.03 6.53
CA ILE A 26 -10.49 3.03 6.73
C ILE A 26 -9.11 3.56 6.63
N VAL A 27 -8.79 4.26 5.53
CA VAL A 27 -7.50 4.83 5.27
C VAL A 27 -7.12 6.00 6.10
N GLU A 28 -8.00 6.81 6.73
CA GLU A 28 -7.67 8.08 7.29
C GLU A 28 -6.88 8.02 8.54
N ASN A 29 -6.72 6.78 9.05
CA ASN A 29 -5.92 6.40 10.17
C ASN A 29 -5.29 5.17 9.60
N ARG A 30 -4.07 4.83 10.03
CA ARG A 30 -3.46 3.70 9.40
C ARG A 30 -3.75 2.37 10.00
N ALA A 31 -3.93 2.31 11.34
CA ALA A 31 -4.38 1.19 12.09
C ALA A 31 -5.42 0.33 11.45
N ASN A 32 -6.52 1.00 11.05
CA ASN A 32 -7.72 0.42 10.53
C ASN A 32 -7.51 -0.23 9.20
N PHE A 33 -6.85 0.53 8.31
CA PHE A 33 -6.45 0.18 6.97
C PHE A 33 -5.81 -1.16 6.92
N ILE A 34 -4.90 -1.36 7.88
CA ILE A 34 -3.94 -2.42 7.99
C ILE A 34 -4.66 -3.71 8.20
N ALA A 35 -5.49 -3.66 9.24
CA ALA A 35 -6.54 -4.55 9.67
C ALA A 35 -7.49 -5.00 8.61
N PHE A 36 -8.08 -4.12 7.78
CA PHE A 36 -8.90 -4.51 6.68
C PHE A 36 -8.28 -5.55 5.82
N LEU A 37 -7.00 -5.24 5.54
CA LEU A 37 -6.04 -6.07 4.90
C LEU A 37 -5.74 -7.34 5.61
N ASN A 38 -5.49 -7.31 6.93
CA ASN A 38 -5.19 -8.42 7.78
C ASN A 38 -6.24 -9.47 7.75
N GLU A 39 -7.52 -9.02 7.73
CA GLU A 39 -8.74 -9.74 7.61
C GLU A 39 -8.87 -10.44 6.31
N ILE A 40 -8.55 -9.80 5.17
CA ILE A 40 -8.58 -10.42 3.88
C ILE A 40 -7.72 -11.62 3.88
N GLY A 41 -6.63 -11.43 4.65
CA GLY A 41 -5.56 -12.30 5.02
C GLY A 41 -4.21 -11.85 4.56
N VAL A 42 -3.96 -10.55 4.33
CA VAL A 42 -2.78 -10.09 3.67
C VAL A 42 -1.65 -10.16 4.64
N THR A 43 -0.72 -11.13 4.53
CA THR A 43 0.30 -11.36 5.49
C THR A 43 1.65 -10.99 4.95
N HIS A 44 2.72 -11.29 5.71
CA HIS A 44 4.06 -11.21 5.21
C HIS A 44 4.80 -12.28 5.94
N GLU A 45 6.14 -12.32 5.91
CA GLU A 45 6.98 -13.29 6.53
C GLU A 45 6.70 -13.71 7.93
N GLY A 46 5.90 -14.77 8.13
CA GLY A 46 5.65 -15.39 9.40
C GLY A 46 4.66 -14.70 10.28
N ARG A 47 4.17 -13.52 9.86
CA ARG A 47 3.41 -12.61 10.66
C ARG A 47 2.22 -12.15 9.90
N LYS A 48 1.48 -11.14 10.38
CA LYS A 48 0.61 -10.37 9.55
C LYS A 48 1.41 -9.23 9.02
N LEU A 49 0.78 -8.18 8.47
CA LEU A 49 1.46 -6.97 8.10
C LEU A 49 1.18 -6.03 9.23
N ASN A 50 2.25 -5.58 9.91
CA ASN A 50 2.22 -4.69 11.03
C ASN A 50 2.75 -3.40 10.51
N GLN A 51 2.28 -2.23 10.98
CA GLN A 51 2.64 -0.98 10.39
C GLN A 51 4.09 -0.65 10.57
N ASN A 52 4.61 -1.02 11.75
CA ASN A 52 5.95 -0.92 12.24
C ASN A 52 6.98 -1.66 11.45
N SER A 53 6.58 -2.69 10.69
CA SER A 53 7.36 -3.40 9.72
C SER A 53 7.69 -2.66 8.49
N PHE A 54 7.65 -1.31 8.52
CA PHE A 54 7.87 -0.45 7.39
C PHE A 54 9.30 -0.28 7.08
N ARG A 55 10.22 -0.57 8.02
CA ARG A 55 11.63 -0.35 7.83
C ARG A 55 12.13 -1.31 6.81
N LYS A 56 11.62 -2.55 6.90
CA LYS A 56 11.76 -3.59 5.93
C LYS A 56 11.22 -3.19 4.59
N ILE A 57 9.98 -2.67 4.54
CA ILE A 57 9.41 -2.13 3.34
C ILE A 57 10.26 -1.12 2.65
N VAL A 58 10.71 -0.01 3.28
CA VAL A 58 11.23 1.07 2.51
C VAL A 58 12.66 0.94 2.13
N SER A 59 13.54 0.40 3.00
CA SER A 59 14.95 0.65 2.90
C SER A 59 15.55 -0.06 1.74
N GLU A 60 14.80 -1.10 1.34
CA GLU A 60 15.05 -2.10 0.34
C GLU A 60 14.22 -1.94 -0.87
N LEU A 61 13.47 -0.83 -1.01
CA LEU A 61 12.91 -0.41 -2.26
C LEU A 61 13.89 0.56 -2.85
N THR A 62 14.61 0.16 -3.90
CA THR A 62 15.66 0.93 -4.51
C THR A 62 15.19 1.60 -5.75
N GLN A 63 16.12 1.98 -6.65
CA GLN A 63 15.91 2.57 -7.93
C GLN A 63 15.23 1.71 -8.94
N GLU A 64 15.59 0.41 -8.92
CA GLU A 64 15.12 -0.63 -9.78
C GLU A 64 13.65 -0.85 -9.65
N ASP A 65 13.15 -0.87 -8.40
CA ASP A 65 11.78 -0.72 -8.01
C ASP A 65 11.16 0.45 -8.69
N LYS A 66 11.53 1.68 -8.29
CA LYS A 66 10.94 2.92 -8.67
C LYS A 66 10.51 3.08 -10.09
N LYS A 67 11.40 2.88 -11.07
CA LYS A 67 11.04 2.85 -12.45
C LYS A 67 10.04 1.78 -12.81
N THR A 68 10.39 0.53 -12.51
CA THR A 68 9.63 -0.67 -12.72
C THR A 68 8.23 -0.58 -12.21
N LEU A 69 8.01 -0.28 -10.92
CA LEU A 69 6.72 -0.31 -10.31
C LEU A 69 5.79 0.63 -10.99
N ILE A 70 6.35 1.82 -11.32
CA ILE A 70 5.68 2.94 -11.88
C ILE A 70 5.34 2.74 -13.32
N ASP A 71 6.20 2.08 -14.11
CA ASP A 71 6.03 1.89 -15.52
C ASP A 71 4.95 0.90 -15.79
N GLU A 72 4.90 -0.21 -15.04
CA GLU A 72 3.91 -1.22 -15.19
C GLU A 72 2.62 -0.95 -14.48
N PHE A 73 2.66 -0.47 -13.23
CA PHE A 73 1.50 -0.37 -12.40
C PHE A 73 1.15 1.04 -12.09
N ASN A 74 1.27 1.92 -13.10
CA ASN A 74 0.97 3.31 -13.04
C ASN A 74 -0.44 3.61 -12.67
N GLU A 75 -1.37 2.69 -13.00
CA GLU A 75 -2.76 2.70 -12.65
C GLU A 75 -3.05 2.91 -11.21
N GLY A 76 -2.21 2.32 -10.32
CA GLY A 76 -2.33 2.45 -8.90
C GLY A 76 -1.71 3.72 -8.41
N PHE A 77 -0.54 4.09 -8.96
CA PHE A 77 0.21 5.25 -8.61
C PHE A 77 -0.50 6.52 -8.93
N GLU A 78 -1.16 6.60 -10.09
CA GLU A 78 -2.01 7.69 -10.49
C GLU A 78 -3.21 7.87 -9.64
N GLY A 79 -4.00 6.82 -9.35
CA GLY A 79 -5.16 6.96 -8.53
C GLY A 79 -4.89 7.40 -7.14
N VAL A 80 -3.98 6.70 -6.43
CA VAL A 80 -3.56 7.11 -5.13
C VAL A 80 -2.94 8.45 -5.03
N TYR A 81 -2.42 9.07 -6.10
CA TYR A 81 -2.03 10.44 -6.14
C TYR A 81 -3.17 11.35 -5.87
N ARG A 82 -4.28 11.14 -6.61
CA ARG A 82 -5.50 11.89 -6.52
C ARG A 82 -6.21 11.67 -5.24
N TYR A 83 -6.38 10.40 -4.81
CA TYR A 83 -7.05 10.10 -3.59
C TYR A 83 -6.32 10.56 -2.37
N LEU A 84 -4.97 10.51 -2.33
CA LEU A 84 -4.16 11.01 -1.26
C LEU A 84 -4.42 12.44 -0.94
N GLU A 85 -4.47 13.30 -1.98
CA GLU A 85 -4.83 14.67 -1.85
C GLU A 85 -6.23 14.87 -1.40
N MET A 86 -7.17 13.92 -1.45
CA MET A 86 -8.39 13.99 -0.69
C MET A 86 -8.21 13.56 0.73
N TYR A 87 -7.93 12.27 0.96
CA TYR A 87 -7.97 11.58 2.22
C TYR A 87 -7.14 11.89 3.41
N THR A 88 -5.99 12.57 3.27
CA THR A 88 -5.12 13.06 4.29
C THR A 88 -3.72 12.55 4.17
N ASN A 89 -2.70 13.22 4.71
CA ASN A 89 -1.43 12.61 4.97
C ASN A 89 -1.44 12.15 6.39
N LYS A 90 -1.67 10.84 6.58
CA LYS A 90 -1.90 10.19 7.84
C LYS A 90 -0.60 10.03 8.62
N ASN A 2 13.20 -10.92 -1.41
CA ASN A 2 12.75 -11.63 -2.57
C ASN A 2 12.24 -10.66 -3.57
N LYS A 3 10.97 -10.27 -3.37
CA LYS A 3 10.14 -9.47 -4.22
C LYS A 3 9.37 -8.51 -3.39
N ASN A 4 10.05 -7.49 -2.83
CA ASN A 4 9.44 -6.44 -2.07
C ASN A 4 8.40 -5.67 -2.83
N ILE A 5 8.53 -5.58 -4.17
CA ILE A 5 7.65 -4.95 -5.09
C ILE A 5 6.29 -5.56 -5.16
N ASP A 6 6.24 -6.89 -5.32
CA ASP A 6 5.14 -7.79 -5.15
C ASP A 6 4.36 -7.53 -3.92
N THR A 7 5.03 -7.48 -2.75
CA THR A 7 4.49 -7.08 -1.49
C THR A 7 3.89 -5.72 -1.48
N VAL A 8 4.63 -4.65 -1.85
CA VAL A 8 4.09 -3.33 -1.94
C VAL A 8 2.98 -3.19 -2.92
N ARG A 9 3.08 -3.60 -4.20
CA ARG A 9 2.09 -3.19 -5.16
C ARG A 9 0.74 -3.72 -4.86
N GLU A 10 0.73 -4.89 -4.19
CA GLU A 10 -0.39 -5.49 -3.54
C GLU A 10 -0.99 -4.62 -2.49
N ILE A 11 -0.23 -4.13 -1.50
CA ILE A 11 -0.61 -3.17 -0.50
C ILE A 11 -1.17 -1.91 -1.07
N ILE A 12 -0.71 -1.52 -2.28
CA ILE A 12 -1.16 -0.29 -2.87
C ILE A 12 -2.49 -0.53 -3.48
N THR A 13 -2.62 -1.64 -4.24
CA THR A 13 -3.82 -2.17 -4.82
C THR A 13 -4.92 -2.35 -3.83
N VAL A 14 -4.71 -3.14 -2.77
CA VAL A 14 -5.74 -3.52 -1.86
C VAL A 14 -6.18 -2.40 -0.98
N ALA A 15 -5.26 -1.50 -0.60
CA ALA A 15 -5.58 -0.24 0.01
C ALA A 15 -6.48 0.58 -0.83
N SER A 16 -6.08 0.88 -2.09
CA SER A 16 -6.80 1.64 -3.06
C SER A 16 -8.16 1.11 -3.36
N ILE A 17 -8.37 -0.22 -3.37
CA ILE A 17 -9.68 -0.79 -3.52
C ILE A 17 -10.61 -0.37 -2.43
N LEU A 18 -10.16 -0.34 -1.15
CA LEU A 18 -10.98 0.02 -0.05
C LEU A 18 -11.01 1.49 0.17
N ILE A 19 -9.97 2.29 -0.16
CA ILE A 19 -10.08 3.69 0.05
C ILE A 19 -10.61 4.52 -1.07
N LYS A 20 -10.53 4.09 -2.35
CA LYS A 20 -11.15 4.83 -3.40
C LYS A 20 -12.64 4.74 -3.36
N PHE A 21 -13.31 3.80 -4.06
CA PHE A 21 -14.74 3.75 -4.05
C PHE A 21 -15.24 2.81 -3.01
N SER A 22 -15.15 3.24 -1.75
CA SER A 22 -15.56 2.47 -0.60
C SER A 22 -15.54 3.29 0.65
N ARG A 23 -14.39 3.36 1.34
CA ARG A 23 -14.30 3.79 2.70
C ARG A 23 -13.02 4.49 2.98
N GLU A 24 -13.04 5.84 3.03
CA GLU A 24 -11.90 6.65 3.30
C GLU A 24 -11.69 6.82 4.77
N ASP A 25 -12.78 6.79 5.56
CA ASP A 25 -12.84 6.93 6.98
C ASP A 25 -11.90 6.06 7.75
N ILE A 26 -11.57 4.90 7.16
CA ILE A 26 -10.75 3.87 7.70
C ILE A 26 -9.30 4.21 7.58
N VAL A 27 -8.84 4.79 6.45
CA VAL A 27 -7.49 5.20 6.27
C VAL A 27 -7.04 6.36 7.09
N GLU A 28 -8.00 7.16 7.58
CA GLU A 28 -7.80 8.26 8.49
C GLU A 28 -7.14 7.87 9.76
N ASN A 29 -7.70 6.81 10.37
CA ASN A 29 -7.22 6.15 11.54
C ASN A 29 -6.53 4.90 11.09
N ARG A 30 -5.19 4.94 10.94
CA ARG A 30 -4.45 3.88 10.32
C ARG A 30 -4.51 2.54 10.98
N ALA A 31 -4.80 2.40 12.28
CA ALA A 31 -4.87 1.10 12.87
C ALA A 31 -6.17 0.42 12.60
N ASN A 32 -7.18 1.19 12.16
CA ASN A 32 -8.41 0.69 11.64
C ASN A 32 -8.15 0.12 10.27
N PHE A 33 -7.50 0.93 9.41
CA PHE A 33 -7.12 0.56 8.08
C PHE A 33 -6.35 -0.72 8.01
N ILE A 34 -5.28 -0.83 8.83
CA ILE A 34 -4.37 -1.93 8.84
C ILE A 34 -5.09 -3.20 9.14
N ALA A 35 -5.84 -3.21 10.26
CA ALA A 35 -6.41 -4.43 10.76
C ALA A 35 -7.49 -4.93 9.86
N PHE A 36 -8.07 -4.08 9.01
CA PHE A 36 -9.01 -4.41 7.99
C PHE A 36 -8.33 -4.81 6.72
N LEU A 37 -7.08 -4.37 6.47
CA LEU A 37 -6.28 -4.85 5.38
C LEU A 37 -5.79 -6.23 5.62
N ASN A 38 -5.68 -6.64 6.90
CA ASN A 38 -5.44 -8.01 7.26
C ASN A 38 -6.62 -8.91 7.16
N GLU A 39 -7.85 -8.41 7.42
CA GLU A 39 -9.11 -9.01 7.11
C GLU A 39 -9.23 -9.56 5.72
N ILE A 40 -8.74 -8.84 4.69
CA ILE A 40 -8.60 -9.27 3.34
C ILE A 40 -7.90 -10.58 3.18
N GLY A 41 -6.96 -10.88 4.10
CA GLY A 41 -6.16 -12.06 4.04
C GLY A 41 -4.85 -11.81 3.39
N VAL A 42 -4.22 -10.63 3.56
CA VAL A 42 -2.93 -10.37 3.01
C VAL A 42 -2.06 -10.37 4.22
N THR A 43 -1.04 -11.26 4.22
CA THR A 43 -0.15 -11.54 5.30
C THR A 43 1.20 -11.74 4.69
N HIS A 44 2.29 -11.76 5.49
CA HIS A 44 3.61 -11.96 5.00
C HIS A 44 4.43 -12.88 5.85
N GLU A 45 5.51 -12.38 6.47
CA GLU A 45 6.56 -13.11 7.12
C GLU A 45 6.17 -13.86 8.35
N GLY A 46 5.26 -14.82 8.20
CA GLY A 46 4.70 -15.65 9.23
C GLY A 46 3.59 -14.97 9.95
N ARG A 47 3.40 -13.68 9.66
CA ARG A 47 2.56 -12.77 10.40
C ARG A 47 1.72 -11.95 9.50
N LYS A 48 0.79 -11.16 10.08
CA LYS A 48 0.06 -10.10 9.46
C LYS A 48 0.93 -8.98 9.03
N LEU A 49 0.39 -8.06 8.20
CA LEU A 49 1.06 -6.85 7.82
C LEU A 49 0.83 -5.83 8.87
N ASN A 50 1.90 -5.44 9.57
CA ASN A 50 1.91 -4.38 10.54
C ASN A 50 2.68 -3.24 9.97
N GLN A 51 2.44 -1.99 10.41
CA GLN A 51 2.94 -0.85 9.72
C GLN A 51 4.39 -0.55 9.91
N ASN A 52 4.98 -0.93 11.05
CA ASN A 52 6.35 -0.65 11.36
C ASN A 52 7.30 -1.32 10.44
N SER A 53 6.99 -2.55 10.00
CA SER A 53 7.81 -3.31 9.09
C SER A 53 7.85 -2.84 7.68
N PHE A 54 7.49 -1.58 7.38
CA PHE A 54 7.60 -1.01 6.07
C PHE A 54 8.88 -0.25 6.00
N ARG A 55 9.52 0.07 7.13
CA ARG A 55 10.92 0.37 7.20
C ARG A 55 11.82 -0.63 6.56
N LYS A 56 11.65 -1.92 6.87
CA LYS A 56 12.28 -3.05 6.26
C LYS A 56 12.07 -3.16 4.78
N ILE A 57 10.81 -3.09 4.34
CA ILE A 57 10.39 -2.97 2.97
C ILE A 57 11.13 -1.92 2.20
N VAL A 58 11.07 -0.67 2.65
CA VAL A 58 11.47 0.47 1.86
C VAL A 58 12.94 0.73 1.93
N SER A 59 13.63 0.14 2.92
CA SER A 59 15.05 0.20 3.03
C SER A 59 15.68 -0.66 1.98
N GLU A 60 15.05 -1.80 1.66
CA GLU A 60 15.40 -2.63 0.55
C GLU A 60 15.06 -2.10 -0.81
N LEU A 61 14.02 -1.25 -0.94
CA LEU A 61 13.58 -0.66 -2.15
C LEU A 61 14.14 0.69 -2.43
N THR A 62 14.99 0.84 -3.47
CA THR A 62 15.43 2.11 -3.97
C THR A 62 14.59 2.53 -5.12
N GLN A 63 15.10 3.43 -5.99
CA GLN A 63 14.45 4.06 -7.10
C GLN A 63 13.98 3.10 -8.11
N GLU A 64 14.61 1.90 -8.05
CA GLU A 64 14.26 0.67 -8.69
C GLU A 64 12.81 0.32 -8.70
N ASP A 65 12.13 0.45 -7.54
CA ASP A 65 10.73 0.22 -7.35
C ASP A 65 9.85 1.11 -8.16
N LYS A 66 9.91 2.42 -7.89
CA LYS A 66 9.38 3.54 -8.60
C LYS A 66 9.41 3.37 -10.07
N LYS A 67 10.61 3.27 -10.67
CA LYS A 67 10.87 3.03 -12.05
C LYS A 67 10.08 1.96 -12.71
N THR A 68 10.20 0.77 -12.10
CA THR A 68 9.72 -0.52 -12.48
C THR A 68 8.24 -0.55 -12.53
N LEU A 69 7.62 -0.02 -11.45
CA LEU A 69 6.21 -0.07 -11.21
C LEU A 69 5.53 0.75 -12.24
N ILE A 70 6.07 1.97 -12.39
CA ILE A 70 5.64 3.03 -13.24
C ILE A 70 5.73 2.66 -14.68
N ASP A 71 6.89 2.18 -15.16
CA ASP A 71 7.09 1.62 -16.46
C ASP A 71 6.04 0.68 -16.93
N GLU A 72 5.63 -0.28 -16.08
CA GLU A 72 4.62 -1.24 -16.42
C GLU A 72 3.24 -0.71 -16.35
N PHE A 73 2.87 0.03 -15.28
CA PHE A 73 1.57 0.63 -15.21
C PHE A 73 1.53 1.90 -14.44
N ASN A 74 0.84 2.92 -14.98
CA ASN A 74 0.74 4.23 -14.40
C ASN A 74 -0.39 4.37 -13.44
N GLU A 75 -1.52 3.70 -13.71
CA GLU A 75 -2.80 3.93 -13.11
C GLU A 75 -2.90 3.79 -11.63
N GLY A 76 -2.20 2.81 -11.02
CA GLY A 76 -2.27 2.56 -9.62
C GLY A 76 -1.47 3.53 -8.82
N PHE A 77 -0.25 3.82 -9.29
CA PHE A 77 0.64 4.80 -8.74
C PHE A 77 0.07 6.18 -8.76
N GLU A 78 -0.42 6.62 -9.93
CA GLU A 78 -1.07 7.88 -10.10
C GLU A 78 -2.32 7.99 -9.31
N GLY A 79 -3.17 6.94 -9.37
CA GLY A 79 -4.38 6.80 -8.61
C GLY A 79 -4.23 7.02 -7.15
N VAL A 80 -3.29 6.35 -6.48
CA VAL A 80 -3.08 6.54 -5.08
C VAL A 80 -2.38 7.82 -4.75
N TYR A 81 -1.48 8.34 -5.60
CA TYR A 81 -0.85 9.61 -5.40
C TYR A 81 -1.83 10.73 -5.46
N ARG A 82 -2.82 10.67 -6.36
CA ARG A 82 -3.95 11.54 -6.43
C ARG A 82 -4.79 11.49 -5.20
N TYR A 83 -4.97 10.31 -4.59
CA TYR A 83 -5.55 10.16 -3.29
C TYR A 83 -4.75 10.85 -2.24
N LEU A 84 -3.41 10.64 -2.16
CA LEU A 84 -2.57 11.25 -1.18
C LEU A 84 -2.65 12.73 -1.09
N GLU A 85 -2.62 13.45 -2.22
CA GLU A 85 -2.69 14.88 -2.21
C GLU A 85 -4.04 15.40 -1.86
N MET A 86 -5.14 14.69 -2.20
CA MET A 86 -6.46 15.14 -1.94
C MET A 86 -6.95 14.81 -0.57
N TYR A 87 -6.65 13.58 -0.09
CA TYR A 87 -7.11 13.08 1.16
C TYR A 87 -6.05 13.15 2.21
N THR A 88 -5.02 12.28 2.20
CA THR A 88 -4.12 12.29 3.31
C THR A 88 -2.90 11.50 3.01
N ASN A 89 -1.75 11.78 3.65
CA ASN A 89 -0.60 10.96 3.45
C ASN A 89 -0.60 9.82 4.42
N LYS A 90 -0.15 8.63 4.05
CA LYS A 90 -0.10 7.49 4.92
C LYS A 90 1.21 7.48 5.69
N ASN A 2 13.80 -7.92 -7.38
CA ASN A 2 12.47 -7.39 -7.28
C ASN A 2 11.57 -8.39 -6.64
N LYS A 3 11.04 -8.12 -5.42
CA LYS A 3 10.02 -8.93 -4.84
C LYS A 3 9.34 -8.25 -3.72
N ASN A 4 10.05 -7.44 -2.91
CA ASN A 4 9.48 -6.50 -2.00
C ASN A 4 8.46 -5.60 -2.61
N ILE A 5 8.63 -5.33 -3.92
CA ILE A 5 7.76 -4.54 -4.74
C ILE A 5 6.39 -5.11 -4.85
N ASP A 6 6.32 -6.44 -5.05
CA ASP A 6 5.18 -7.30 -5.08
C ASP A 6 4.32 -7.15 -3.87
N THR A 7 4.90 -7.27 -2.67
CA THR A 7 4.26 -6.98 -1.43
C THR A 7 3.66 -5.62 -1.38
N VAL A 8 4.45 -4.59 -1.71
CA VAL A 8 4.00 -3.22 -1.70
C VAL A 8 2.96 -2.92 -2.73
N ARG A 9 3.14 -3.32 -3.99
CA ARG A 9 2.30 -2.92 -5.08
C ARG A 9 0.88 -3.29 -4.86
N GLU A 10 0.73 -4.48 -4.26
CA GLU A 10 -0.50 -5.10 -3.84
C GLU A 10 -1.14 -4.34 -2.73
N ILE A 11 -0.42 -3.99 -1.64
CA ILE A 11 -0.93 -3.25 -0.53
C ILE A 11 -1.60 -1.99 -0.95
N ILE A 12 -0.88 -1.15 -1.72
CA ILE A 12 -1.34 0.13 -2.16
C ILE A 12 -2.39 0.09 -3.22
N THR A 13 -2.30 -0.83 -4.20
CA THR A 13 -3.30 -0.98 -5.21
C THR A 13 -4.62 -1.40 -4.66
N VAL A 14 -4.64 -2.41 -3.77
CA VAL A 14 -5.85 -2.92 -3.19
C VAL A 14 -6.43 -1.94 -2.23
N ALA A 15 -5.58 -1.14 -1.56
CA ALA A 15 -6.00 -0.02 -0.78
C ALA A 15 -6.75 1.00 -1.57
N SER A 16 -6.14 1.48 -2.67
CA SER A 16 -6.64 2.46 -3.58
C SER A 16 -8.01 2.20 -4.12
N ILE A 17 -8.33 0.91 -4.32
CA ILE A 17 -9.63 0.42 -4.66
C ILE A 17 -10.61 0.72 -3.58
N LEU A 18 -10.36 0.29 -2.33
CA LEU A 18 -11.31 0.42 -1.27
C LEU A 18 -11.38 1.80 -0.72
N ILE A 19 -10.32 2.62 -0.73
CA ILE A 19 -10.41 3.95 -0.20
C ILE A 19 -11.09 4.93 -1.08
N LYS A 20 -11.08 4.76 -2.42
CA LYS A 20 -11.70 5.68 -3.31
C LYS A 20 -13.16 5.40 -3.39
N PHE A 21 -13.52 4.37 -4.17
CA PHE A 21 -14.72 3.60 -4.34
C PHE A 21 -15.33 2.95 -3.13
N SER A 22 -15.09 3.38 -1.89
CA SER A 22 -15.85 2.85 -0.80
C SER A 22 -15.68 3.58 0.49
N ARG A 23 -14.48 3.49 1.11
CA ARG A 23 -14.28 3.77 2.49
C ARG A 23 -12.92 4.33 2.76
N GLU A 24 -12.82 5.67 2.91
CA GLU A 24 -11.61 6.39 3.09
C GLU A 24 -11.19 6.38 4.52
N ASP A 25 -12.18 6.46 5.43
CA ASP A 25 -12.08 6.52 6.85
C ASP A 25 -11.31 5.45 7.54
N ILE A 26 -11.01 4.37 6.80
CA ILE A 26 -10.25 3.21 7.20
C ILE A 26 -8.79 3.44 7.07
N VAL A 27 -8.30 4.06 5.98
CA VAL A 27 -6.91 4.33 5.78
C VAL A 27 -6.45 5.55 6.50
N GLU A 28 -7.35 6.53 6.68
CA GLU A 28 -7.31 7.65 7.56
C GLU A 28 -6.72 7.39 8.90
N ASN A 29 -7.01 6.22 9.50
CA ASN A 29 -6.57 5.83 10.79
C ASN A 29 -5.94 4.51 10.55
N ARG A 30 -4.62 4.40 10.32
CA ARG A 30 -4.04 3.37 9.53
C ARG A 30 -4.20 1.98 10.03
N ALA A 31 -4.29 1.74 11.35
CA ALA A 31 -4.26 0.43 11.93
C ALA A 31 -5.53 -0.33 11.69
N ASN A 32 -6.56 0.45 11.31
CA ASN A 32 -7.86 0.05 10.87
C ASN A 32 -7.79 -0.61 9.54
N PHE A 33 -7.09 0.02 8.58
CA PHE A 33 -6.89 -0.50 7.25
C PHE A 33 -6.21 -1.82 7.28
N ILE A 34 -5.10 -1.86 8.04
CA ILE A 34 -4.30 -3.01 8.34
C ILE A 34 -5.13 -4.10 8.95
N ALA A 35 -6.02 -3.73 9.89
CA ALA A 35 -6.76 -4.70 10.65
C ALA A 35 -7.63 -5.53 9.77
N PHE A 36 -8.04 -4.87 8.67
CA PHE A 36 -8.88 -5.35 7.62
C PHE A 36 -8.08 -6.05 6.57
N LEU A 37 -6.84 -5.68 6.24
CA LEU A 37 -5.96 -6.47 5.43
C LEU A 37 -5.71 -7.83 6.02
N ASN A 38 -5.48 -7.89 7.34
CA ASN A 38 -5.30 -9.10 8.06
C ASN A 38 -6.37 -10.12 7.85
N GLU A 39 -7.60 -9.66 8.12
CA GLU A 39 -8.84 -10.29 7.77
C GLU A 39 -8.88 -11.05 6.50
N ILE A 40 -8.37 -10.50 5.38
CA ILE A 40 -8.31 -11.11 4.09
C ILE A 40 -7.61 -12.43 4.09
N GLY A 41 -6.53 -12.50 4.90
CA GLY A 41 -5.58 -13.56 4.90
C GLY A 41 -4.25 -13.10 4.38
N VAL A 42 -3.77 -11.94 4.83
CA VAL A 42 -2.50 -11.39 4.44
C VAL A 42 -1.55 -11.51 5.57
N THR A 43 -0.47 -12.30 5.38
CA THR A 43 0.64 -12.49 6.26
C THR A 43 1.89 -12.22 5.51
N HIS A 44 2.97 -11.77 6.18
CA HIS A 44 4.22 -11.62 5.51
C HIS A 44 5.20 -12.58 6.07
N GLU A 45 6.31 -12.09 6.65
CA GLU A 45 7.39 -12.92 7.11
C GLU A 45 7.06 -13.61 8.39
N GLY A 46 6.39 -14.78 8.41
CA GLY A 46 5.92 -15.34 9.63
C GLY A 46 4.81 -14.71 10.41
N ARG A 47 4.59 -13.39 10.29
CA ARG A 47 3.74 -12.64 11.16
C ARG A 47 2.77 -11.95 10.26
N LYS A 48 1.99 -10.93 10.67
CA LYS A 48 1.04 -10.30 9.79
C LYS A 48 1.77 -9.15 9.18
N LEU A 49 1.15 -8.05 8.72
CA LEU A 49 1.82 -6.81 8.50
C LEU A 49 1.57 -5.91 9.66
N ASN A 50 2.61 -5.32 10.28
CA ASN A 50 2.45 -4.34 11.32
C ASN A 50 2.42 -2.98 10.73
N GLN A 51 2.06 -1.95 11.52
CA GLN A 51 2.20 -0.57 11.14
C GLN A 51 3.64 -0.20 11.14
N ASN A 52 4.38 -0.65 12.16
CA ASN A 52 5.80 -0.53 12.32
C ASN A 52 6.62 -0.96 11.14
N SER A 53 6.23 -2.03 10.43
CA SER A 53 7.06 -2.65 9.44
C SER A 53 7.32 -1.86 8.20
N PHE A 54 6.79 -0.63 8.06
CA PHE A 54 7.06 0.24 6.97
C PHE A 54 8.46 0.76 6.92
N ARG A 55 9.22 0.73 8.03
CA ARG A 55 10.65 0.82 8.02
C ARG A 55 11.31 -0.21 7.16
N LYS A 56 11.02 -1.50 7.41
CA LYS A 56 11.47 -2.64 6.67
C LYS A 56 11.13 -2.64 5.22
N ILE A 57 9.88 -2.28 4.88
CA ILE A 57 9.40 -1.97 3.56
C ILE A 57 10.27 -1.05 2.79
N VAL A 58 10.34 0.22 3.23
CA VAL A 58 10.92 1.30 2.49
C VAL A 58 12.41 1.22 2.42
N SER A 59 13.08 0.55 3.37
CA SER A 59 14.50 0.40 3.40
C SER A 59 14.97 -0.43 2.26
N GLU A 60 14.35 -1.60 2.06
CA GLU A 60 14.63 -2.56 1.03
C GLU A 60 14.49 -2.14 -0.39
N LEU A 61 13.36 -1.48 -0.74
CA LEU A 61 12.98 -1.03 -2.04
C LEU A 61 13.96 -0.09 -2.68
N THR A 62 14.37 -0.32 -3.93
CA THR A 62 15.27 0.55 -4.63
C THR A 62 14.57 1.31 -5.70
N GLN A 63 15.33 2.00 -6.57
CA GLN A 63 14.79 2.86 -7.57
C GLN A 63 14.31 2.10 -8.76
N GLU A 64 14.93 0.92 -8.96
CA GLU A 64 14.56 -0.07 -9.93
C GLU A 64 13.14 -0.51 -9.79
N ASP A 65 12.76 -0.87 -8.55
CA ASP A 65 11.45 -1.18 -8.07
C ASP A 65 10.43 -0.13 -8.34
N LYS A 66 10.60 1.09 -7.82
CA LYS A 66 9.91 2.28 -8.19
C LYS A 66 9.49 2.44 -9.61
N LYS A 67 10.41 2.36 -10.58
CA LYS A 67 10.07 2.51 -11.97
C LYS A 67 9.58 1.24 -12.58
N THR A 68 9.88 0.06 -12.04
CA THR A 68 9.20 -1.16 -12.32
C THR A 68 7.75 -1.13 -11.97
N LEU A 69 7.30 -0.42 -10.93
CA LEU A 69 5.94 -0.42 -10.48
C LEU A 69 5.11 0.44 -11.37
N ILE A 70 5.72 1.56 -11.80
CA ILE A 70 5.15 2.52 -12.69
C ILE A 70 5.04 1.94 -14.05
N ASP A 71 6.05 1.18 -14.52
CA ASP A 71 5.99 0.43 -15.74
C ASP A 71 4.92 -0.60 -15.80
N GLU A 72 4.73 -1.43 -14.75
CA GLU A 72 3.66 -2.37 -14.72
C GLU A 72 2.30 -1.75 -14.60
N PHE A 73 2.12 -0.81 -13.65
CA PHE A 73 0.87 -0.14 -13.45
C PHE A 73 1.06 1.27 -13.02
N ASN A 74 0.99 2.21 -13.99
CA ASN A 74 0.93 3.63 -13.75
C ASN A 74 -0.27 4.05 -12.97
N GLU A 75 -1.37 3.30 -13.17
CA GLU A 75 -2.68 3.49 -12.65
C GLU A 75 -2.79 3.70 -11.18
N GLY A 76 -2.13 2.84 -10.38
CA GLY A 76 -2.16 2.90 -8.95
C GLY A 76 -1.38 4.06 -8.41
N PHE A 77 -0.29 4.45 -9.09
CA PHE A 77 0.57 5.52 -8.72
C PHE A 77 -0.09 6.85 -8.91
N GLU A 78 -0.66 7.11 -10.10
CA GLU A 78 -1.37 8.31 -10.42
C GLU A 78 -2.64 8.45 -9.66
N GLY A 79 -3.46 7.39 -9.57
CA GLY A 79 -4.58 7.31 -8.68
C GLY A 79 -4.33 7.68 -7.26
N VAL A 80 -3.31 7.11 -6.62
CA VAL A 80 -2.98 7.41 -5.25
C VAL A 80 -2.36 8.76 -5.08
N TYR A 81 -1.72 9.33 -6.12
CA TYR A 81 -1.23 10.67 -6.17
C TYR A 81 -2.33 11.67 -6.06
N ARG A 82 -3.45 11.50 -6.79
CA ARG A 82 -4.58 12.35 -6.69
C ARG A 82 -5.33 12.23 -5.40
N TYR A 83 -5.25 11.06 -4.74
CA TYR A 83 -5.67 10.90 -3.38
C TYR A 83 -4.76 11.64 -2.46
N LEU A 84 -3.42 11.50 -2.57
CA LEU A 84 -2.41 12.14 -1.80
C LEU A 84 -2.54 13.62 -1.68
N GLU A 85 -2.56 14.32 -2.83
CA GLU A 85 -3.14 15.60 -3.07
C GLU A 85 -4.39 15.92 -2.31
N MET A 86 -5.59 15.37 -2.59
CA MET A 86 -6.76 15.96 -2.02
C MET A 86 -7.04 15.54 -0.63
N TYR A 87 -6.65 14.31 -0.24
CA TYR A 87 -6.98 13.73 1.03
C TYR A 87 -5.93 13.97 2.06
N THR A 88 -4.77 13.28 1.97
CA THR A 88 -4.01 13.10 3.16
C THR A 88 -2.69 12.51 2.78
N ASN A 89 -1.59 13.03 3.36
CA ASN A 89 -0.27 12.50 3.18
C ASN A 89 0.07 11.93 4.51
N LYS A 90 0.74 10.76 4.57
CA LYS A 90 0.82 9.95 5.74
C LYS A 90 2.26 9.87 6.25
N ASN A 2 7.29 -13.33 -3.08
CA ASN A 2 8.68 -13.63 -3.24
C ASN A 2 9.39 -12.60 -4.04
N LYS A 3 8.68 -11.52 -4.46
CA LYS A 3 9.29 -10.28 -4.82
C LYS A 3 8.82 -9.27 -3.82
N ASN A 4 9.55 -8.18 -3.52
CA ASN A 4 9.08 -7.25 -2.54
C ASN A 4 8.04 -6.39 -3.16
N ILE A 5 8.26 -5.96 -4.42
CA ILE A 5 7.35 -5.36 -5.33
C ILE A 5 6.09 -6.14 -5.57
N ASP A 6 6.13 -7.48 -5.44
CA ASP A 6 4.96 -8.29 -5.27
C ASP A 6 4.11 -7.91 -4.12
N THR A 7 4.65 -7.87 -2.88
CA THR A 7 3.91 -7.53 -1.71
C THR A 7 3.41 -6.13 -1.71
N VAL A 8 4.30 -5.15 -1.98
CA VAL A 8 4.04 -3.75 -2.14
C VAL A 8 2.88 -3.42 -3.02
N ARG A 9 2.82 -3.99 -4.23
CA ARG A 9 1.82 -3.71 -5.21
C ARG A 9 0.56 -4.47 -4.97
N GLU A 10 0.55 -5.44 -4.05
CA GLU A 10 -0.67 -5.96 -3.52
C GLU A 10 -1.31 -4.99 -2.59
N ILE A 11 -0.50 -4.28 -1.79
CA ILE A 11 -0.92 -3.26 -0.89
C ILE A 11 -1.46 -2.07 -1.61
N ILE A 12 -0.67 -1.39 -2.47
CA ILE A 12 -1.09 -0.19 -3.12
C ILE A 12 -2.21 -0.34 -4.09
N THR A 13 -2.34 -1.48 -4.79
CA THR A 13 -3.37 -1.66 -5.77
C THR A 13 -4.71 -1.80 -5.14
N VAL A 14 -4.78 -2.60 -4.06
CA VAL A 14 -6.03 -2.92 -3.44
C VAL A 14 -6.47 -1.82 -2.54
N ALA A 15 -5.53 -1.11 -1.88
CA ALA A 15 -5.85 -0.04 -1.00
C ALA A 15 -6.55 1.09 -1.69
N SER A 16 -6.01 1.53 -2.84
CA SER A 16 -6.63 2.46 -3.73
C SER A 16 -8.00 2.09 -4.18
N ILE A 17 -8.31 0.81 -4.41
CA ILE A 17 -9.63 0.35 -4.73
C ILE A 17 -10.60 0.52 -3.62
N LEU A 18 -10.28 -0.04 -2.43
CA LEU A 18 -10.84 0.28 -1.16
C LEU A 18 -11.08 1.73 -0.92
N ILE A 19 -10.12 2.66 -1.00
CA ILE A 19 -10.42 4.00 -0.66
C ILE A 19 -11.19 4.76 -1.68
N LYS A 20 -10.87 4.60 -2.99
CA LYS A 20 -11.45 5.39 -4.03
C LYS A 20 -12.84 5.00 -4.37
N PHE A 21 -13.27 3.72 -4.30
CA PHE A 21 -14.65 3.42 -4.49
C PHE A 21 -15.34 2.96 -3.25
N SER A 22 -14.74 3.12 -2.06
CA SER A 22 -15.41 2.76 -0.86
C SER A 22 -15.25 3.69 0.29
N ARG A 23 -14.13 3.64 1.04
CA ARG A 23 -14.06 4.27 2.32
C ARG A 23 -12.70 4.74 2.70
N GLU A 24 -12.48 6.06 2.82
CA GLU A 24 -11.54 6.81 3.60
C GLU A 24 -11.52 6.66 5.08
N ASP A 25 -12.66 6.72 5.81
CA ASP A 25 -12.80 6.34 7.18
C ASP A 25 -11.95 5.25 7.73
N ILE A 26 -11.78 4.11 7.05
CA ILE A 26 -10.85 3.09 7.44
C ILE A 26 -9.43 3.57 7.37
N VAL A 27 -9.06 4.11 6.20
CA VAL A 27 -7.81 4.70 5.84
C VAL A 27 -7.37 5.90 6.60
N GLU A 28 -8.18 6.54 7.46
CA GLU A 28 -7.78 7.67 8.23
C GLU A 28 -6.72 7.31 9.21
N ASN A 29 -6.95 6.32 10.09
CA ASN A 29 -5.91 5.80 10.91
C ASN A 29 -5.39 4.57 10.24
N ARG A 30 -4.11 4.26 10.48
CA ARG A 30 -3.46 3.28 9.66
C ARG A 30 -3.62 1.92 10.23
N ALA A 31 -3.70 1.77 11.57
CA ALA A 31 -4.07 0.60 12.29
C ALA A 31 -5.45 0.10 12.03
N ASN A 32 -6.32 0.88 11.38
CA ASN A 32 -7.65 0.46 11.09
C ASN A 32 -7.57 -0.14 9.72
N PHE A 33 -6.99 0.66 8.80
CA PHE A 33 -6.62 0.19 7.50
C PHE A 33 -5.95 -1.13 7.44
N ILE A 34 -5.06 -1.36 8.43
CA ILE A 34 -4.17 -2.46 8.63
C ILE A 34 -4.88 -3.71 9.06
N ALA A 35 -5.87 -3.65 9.98
CA ALA A 35 -6.84 -4.69 10.07
C ALA A 35 -7.44 -5.14 8.79
N PHE A 36 -8.01 -4.26 7.95
CA PHE A 36 -8.58 -4.70 6.71
C PHE A 36 -7.63 -5.36 5.77
N LEU A 37 -6.33 -5.02 5.89
CA LEU A 37 -5.27 -5.62 5.15
C LEU A 37 -4.86 -6.96 5.68
N ASN A 38 -5.08 -7.23 6.98
CA ASN A 38 -4.90 -8.54 7.52
C ASN A 38 -5.87 -9.54 7.01
N GLU A 39 -7.10 -9.12 6.68
CA GLU A 39 -8.12 -9.87 6.02
C GLU A 39 -7.76 -10.39 4.67
N ILE A 40 -7.31 -9.49 3.77
CA ILE A 40 -6.63 -9.79 2.55
C ILE A 40 -5.54 -10.80 2.74
N GLY A 41 -4.83 -10.67 3.88
CA GLY A 41 -3.84 -11.61 4.33
C GLY A 41 -2.54 -11.38 3.67
N VAL A 42 -2.13 -10.10 3.54
CA VAL A 42 -0.92 -9.74 2.86
C VAL A 42 0.18 -9.83 3.85
N THR A 43 0.92 -10.95 3.82
CA THR A 43 1.82 -11.38 4.85
C THR A 43 3.20 -11.08 4.40
N HIS A 44 4.21 -11.59 5.14
CA HIS A 44 5.58 -11.39 4.77
C HIS A 44 6.37 -12.44 5.47
N GLU A 45 7.28 -12.09 6.40
CA GLU A 45 8.11 -13.00 7.12
C GLU A 45 7.38 -13.57 8.29
N GLY A 46 6.46 -14.54 8.13
CA GLY A 46 5.85 -15.21 9.24
C GLY A 46 4.74 -14.52 9.96
N ARG A 47 4.54 -13.21 9.73
CA ARG A 47 3.72 -12.37 10.54
C ARG A 47 2.73 -11.60 9.75
N LYS A 48 2.07 -10.61 10.39
CA LYS A 48 1.02 -9.79 9.87
C LYS A 48 1.58 -8.48 9.42
N LEU A 49 0.69 -7.56 8.99
CA LEU A 49 0.98 -6.23 8.57
C LEU A 49 0.70 -5.33 9.73
N ASN A 50 1.67 -4.54 10.20
CA ASN A 50 1.51 -3.64 11.30
C ASN A 50 1.52 -2.24 10.78
N GLN A 51 1.16 -1.23 11.58
CA GLN A 51 1.18 0.12 11.11
C GLN A 51 2.57 0.66 11.07
N ASN A 52 3.39 0.09 11.97
CA ASN A 52 4.76 0.41 12.25
C ASN A 52 5.75 -0.25 11.37
N SER A 53 5.36 -1.16 10.46
CA SER A 53 6.27 -2.03 9.77
C SER A 53 7.00 -1.41 8.64
N PHE A 54 7.06 -0.08 8.57
CA PHE A 54 7.48 0.73 7.46
C PHE A 54 8.91 0.54 7.09
N ARG A 55 9.89 0.66 8.01
CA ARG A 55 11.25 0.30 7.76
C ARG A 55 11.49 -1.01 7.09
N LYS A 56 10.71 -2.05 7.44
CA LYS A 56 10.93 -3.40 7.02
C LYS A 56 10.44 -3.62 5.62
N ILE A 57 9.53 -2.76 5.14
CA ILE A 57 9.16 -2.70 3.75
C ILE A 57 10.05 -1.77 2.99
N VAL A 58 10.24 -0.47 3.28
CA VAL A 58 10.70 0.40 2.25
C VAL A 58 12.18 0.48 2.09
N SER A 59 12.97 0.03 3.07
CA SER A 59 14.40 0.13 3.04
C SER A 59 15.01 -1.04 2.36
N GLU A 60 14.23 -2.14 2.20
CA GLU A 60 14.61 -3.31 1.48
C GLU A 60 14.54 -3.14 0.00
N LEU A 61 13.94 -2.04 -0.47
CA LEU A 61 13.78 -1.66 -1.84
C LEU A 61 14.70 -0.53 -2.13
N THR A 62 15.40 -0.50 -3.28
CA THR A 62 16.20 0.58 -3.73
C THR A 62 15.41 1.40 -4.69
N GLN A 63 16.01 2.20 -5.59
CA GLN A 63 15.36 2.86 -6.67
C GLN A 63 14.64 1.99 -7.65
N GLU A 64 14.98 0.69 -7.72
CA GLU A 64 14.51 -0.16 -8.77
C GLU A 64 13.04 -0.41 -8.66
N ASP A 65 12.47 -0.34 -7.45
CA ASP A 65 11.07 -0.45 -7.19
C ASP A 65 10.28 0.58 -7.93
N LYS A 66 10.67 1.86 -7.77
CA LYS A 66 10.19 3.03 -8.41
C LYS A 66 10.08 2.93 -9.89
N LYS A 67 11.12 2.49 -10.63
CA LYS A 67 10.99 2.33 -12.04
C LYS A 67 10.11 1.20 -12.48
N THR A 68 10.32 -0.01 -11.94
CA THR A 68 9.46 -1.15 -11.97
C THR A 68 8.00 -0.86 -11.83
N LEU A 69 7.56 -0.33 -10.68
CA LEU A 69 6.26 0.20 -10.40
C LEU A 69 5.57 0.99 -11.46
N ILE A 70 6.28 1.97 -12.04
CA ILE A 70 5.74 2.96 -12.93
C ILE A 70 5.56 2.41 -14.30
N ASP A 71 6.40 1.42 -14.65
CA ASP A 71 6.51 0.84 -15.95
C ASP A 71 5.40 -0.13 -16.17
N GLU A 72 4.99 -0.86 -15.13
CA GLU A 72 3.90 -1.77 -15.15
C GLU A 72 2.61 -1.15 -14.77
N PHE A 73 2.56 -0.38 -13.66
CA PHE A 73 1.34 0.10 -13.10
C PHE A 73 1.43 1.54 -12.72
N ASN A 74 1.44 2.43 -13.72
CA ASN A 74 1.36 3.86 -13.57
C ASN A 74 0.02 4.27 -13.09
N GLU A 75 -1.03 3.55 -13.51
CA GLU A 75 -2.40 3.68 -13.12
C GLU A 75 -2.63 3.67 -11.65
N GLY A 76 -1.88 2.84 -10.90
CA GLY A 76 -1.90 2.79 -9.47
C GLY A 76 -1.37 4.02 -8.81
N PHE A 77 -0.20 4.49 -9.28
CA PHE A 77 0.44 5.69 -8.82
C PHE A 77 -0.40 6.88 -9.05
N GLU A 78 -0.91 7.06 -10.30
CA GLU A 78 -1.78 8.10 -10.73
C GLU A 78 -3.02 8.24 -9.92
N GLY A 79 -3.69 7.11 -9.66
CA GLY A 79 -4.86 7.00 -8.85
C GLY A 79 -4.63 7.40 -7.44
N VAL A 80 -3.73 6.71 -6.73
CA VAL A 80 -3.43 7.01 -5.36
C VAL A 80 -2.84 8.36 -5.11
N TYR A 81 -1.94 8.89 -5.96
CA TYR A 81 -1.37 10.20 -5.85
C TYR A 81 -2.39 11.28 -5.74
N ARG A 82 -3.44 11.20 -6.56
CA ARG A 82 -4.59 12.07 -6.49
C ARG A 82 -5.29 12.00 -5.17
N TYR A 83 -5.52 10.79 -4.64
CA TYR A 83 -6.11 10.58 -3.35
C TYR A 83 -5.28 11.08 -2.22
N LEU A 84 -3.94 10.94 -2.28
CA LEU A 84 -3.01 11.39 -1.29
C LEU A 84 -3.06 12.86 -1.11
N GLU A 85 -2.94 13.66 -2.19
CA GLU A 85 -2.96 15.09 -2.11
C GLU A 85 -4.32 15.63 -1.86
N MET A 86 -5.39 14.92 -2.29
CA MET A 86 -6.74 15.14 -1.90
C MET A 86 -7.02 15.01 -0.44
N TYR A 87 -6.93 13.79 0.11
CA TYR A 87 -7.19 13.51 1.49
C TYR A 87 -5.94 13.48 2.30
N THR A 88 -5.09 12.46 2.11
CA THR A 88 -4.38 11.93 3.24
C THR A 88 -3.02 11.47 2.84
N ASN A 89 -1.94 12.11 3.32
CA ASN A 89 -0.62 11.81 2.85
C ASN A 89 -0.02 10.77 3.72
N LYS A 90 -0.13 9.50 3.27
CA LYS A 90 0.49 8.36 3.87
C LYS A 90 1.68 7.98 3.00
N ASN A 2 9.40 -13.15 -1.52
CA ASN A 2 8.83 -12.67 -2.74
C ASN A 2 9.63 -11.51 -3.22
N LYS A 3 9.12 -10.72 -4.18
CA LYS A 3 9.71 -9.48 -4.55
C LYS A 3 8.88 -8.40 -3.92
N ASN A 4 9.47 -7.56 -3.05
CA ASN A 4 8.91 -6.46 -2.33
C ASN A 4 8.07 -5.46 -3.04
N ILE A 5 8.06 -5.59 -4.39
CA ILE A 5 7.49 -4.82 -5.45
C ILE A 5 6.16 -5.41 -5.78
N ASP A 6 6.11 -6.71 -6.10
CA ASP A 6 4.95 -7.52 -6.27
C ASP A 6 4.27 -7.65 -4.95
N THR A 7 4.93 -7.53 -3.78
CA THR A 7 4.25 -7.18 -2.58
C THR A 7 3.60 -5.83 -2.62
N VAL A 8 4.34 -4.71 -2.54
CA VAL A 8 3.78 -3.38 -2.44
C VAL A 8 2.79 -2.94 -3.47
N ARG A 9 2.99 -3.38 -4.72
CA ARG A 9 2.14 -3.06 -5.83
C ARG A 9 0.82 -3.74 -5.86
N GLU A 10 0.75 -5.03 -5.45
CA GLU A 10 -0.38 -5.60 -4.79
C GLU A 10 -1.02 -4.71 -3.78
N ILE A 11 -0.42 -4.40 -2.61
CA ILE A 11 -1.00 -3.61 -1.56
C ILE A 11 -1.84 -2.45 -1.97
N ILE A 12 -1.16 -1.42 -2.49
CA ILE A 12 -1.61 -0.23 -3.15
C ILE A 12 -2.80 -0.41 -4.02
N THR A 13 -2.85 -1.48 -4.83
CA THR A 13 -3.94 -1.74 -5.73
C THR A 13 -5.17 -2.13 -5.00
N VAL A 14 -5.14 -3.20 -4.18
CA VAL A 14 -6.20 -3.58 -3.29
C VAL A 14 -6.67 -2.48 -2.40
N ALA A 15 -5.76 -1.81 -1.66
CA ALA A 15 -6.00 -0.62 -0.91
C ALA A 15 -6.76 0.51 -1.53
N SER A 16 -6.39 0.91 -2.76
CA SER A 16 -6.89 2.12 -3.33
C SER A 16 -8.15 1.82 -4.09
N ILE A 17 -8.33 0.58 -4.56
CA ILE A 17 -9.59 0.15 -5.09
C ILE A 17 -10.60 0.07 -4.00
N LEU A 18 -10.22 -0.25 -2.74
CA LEU A 18 -11.23 -0.35 -1.72
C LEU A 18 -11.73 0.98 -1.30
N ILE A 19 -10.86 1.94 -0.96
CA ILE A 19 -11.26 3.20 -0.41
C ILE A 19 -11.94 4.16 -1.33
N LYS A 20 -11.59 4.18 -2.63
CA LYS A 20 -12.04 5.07 -3.64
C LYS A 20 -13.45 5.55 -3.54
N PHE A 21 -14.44 4.66 -3.73
CA PHE A 21 -15.80 4.92 -3.35
C PHE A 21 -16.22 3.93 -2.33
N SER A 22 -15.88 4.06 -1.03
CA SER A 22 -16.46 3.20 -0.05
C SER A 22 -16.55 4.01 1.20
N ARG A 23 -15.58 3.93 2.13
CA ARG A 23 -15.39 4.82 3.23
C ARG A 23 -14.02 5.38 3.26
N GLU A 24 -13.82 6.67 3.59
CA GLU A 24 -12.52 7.26 3.64
C GLU A 24 -11.89 6.98 4.97
N ASP A 25 -12.77 6.59 5.92
CA ASP A 25 -12.56 6.43 7.32
C ASP A 25 -11.42 5.53 7.62
N ILE A 26 -11.35 4.41 6.87
CA ILE A 26 -10.28 3.46 6.84
C ILE A 26 -8.93 3.96 6.49
N VAL A 27 -8.78 5.13 5.84
CA VAL A 27 -7.51 5.77 5.67
C VAL A 27 -7.17 6.77 6.72
N GLU A 28 -8.15 7.53 7.23
CA GLU A 28 -7.99 8.47 8.29
C GLU A 28 -7.19 8.02 9.47
N ASN A 29 -7.50 6.80 9.94
CA ASN A 29 -6.72 6.07 10.89
C ASN A 29 -5.97 5.07 10.08
N ARG A 30 -4.71 4.79 10.47
CA ARG A 30 -3.78 3.92 9.84
C ARG A 30 -4.00 2.49 10.17
N ALA A 31 -4.22 2.22 11.47
CA ALA A 31 -4.57 0.97 12.10
C ALA A 31 -5.59 0.16 11.38
N ASN A 32 -6.61 0.86 10.86
CA ASN A 32 -7.79 0.35 10.22
C ASN A 32 -7.49 -0.02 8.80
N PHE A 33 -6.59 0.72 8.14
CA PHE A 33 -6.26 0.53 6.76
C PHE A 33 -5.55 -0.77 6.59
N ILE A 34 -4.55 -0.96 7.46
CA ILE A 34 -3.81 -2.19 7.60
C ILE A 34 -4.72 -3.30 8.02
N ALA A 35 -5.61 -3.02 8.98
CA ALA A 35 -6.48 -4.05 9.46
C ALA A 35 -7.39 -4.68 8.46
N PHE A 36 -7.73 -4.07 7.31
CA PHE A 36 -8.40 -4.76 6.25
C PHE A 36 -7.52 -5.33 5.20
N LEU A 37 -6.24 -4.93 5.13
CA LEU A 37 -5.16 -5.70 4.60
C LEU A 37 -4.90 -6.99 5.28
N ASN A 38 -4.74 -7.01 6.62
CA ASN A 38 -4.87 -8.12 7.51
C ASN A 38 -5.99 -9.08 7.25
N GLU A 39 -7.20 -8.65 6.89
CA GLU A 39 -8.23 -9.49 6.36
C GLU A 39 -7.92 -10.30 5.15
N ILE A 40 -7.46 -9.65 4.06
CA ILE A 40 -6.99 -10.27 2.86
C ILE A 40 -5.92 -11.28 3.08
N GLY A 41 -5.02 -11.01 4.05
CA GLY A 41 -4.05 -11.95 4.51
C GLY A 41 -2.69 -11.67 3.97
N VAL A 42 -2.38 -10.42 3.60
CA VAL A 42 -1.06 -9.96 3.27
C VAL A 42 -0.07 -10.12 4.37
N THR A 43 1.06 -10.79 4.10
CA THR A 43 2.05 -11.15 5.06
C THR A 43 3.39 -10.66 4.64
N HIS A 44 4.30 -10.56 5.62
CA HIS A 44 5.71 -10.39 5.40
C HIS A 44 6.42 -11.51 6.08
N GLU A 45 7.56 -11.28 6.78
CA GLU A 45 8.24 -12.34 7.46
C GLU A 45 7.46 -12.82 8.63
N GLY A 46 6.99 -14.07 8.52
CA GLY A 46 6.24 -14.83 9.47
C GLY A 46 4.99 -14.27 10.07
N ARG A 47 4.52 -13.07 9.72
CA ARG A 47 3.47 -12.38 10.41
C ARG A 47 2.61 -11.70 9.40
N LYS A 48 1.42 -11.21 9.81
CA LYS A 48 0.68 -10.16 9.18
C LYS A 48 1.46 -8.98 8.74
N LEU A 49 1.03 -8.14 7.77
CA LEU A 49 1.67 -6.88 7.57
C LEU A 49 1.15 -5.88 8.55
N ASN A 50 2.02 -4.95 8.98
CA ASN A 50 1.84 -4.13 10.13
C ASN A 50 1.71 -2.71 9.70
N GLN A 51 1.43 -1.75 10.61
CA GLN A 51 1.58 -0.36 10.32
C GLN A 51 2.83 0.26 10.84
N ASN A 52 3.69 -0.44 11.61
CA ASN A 52 4.95 0.09 12.02
C ASN A 52 6.09 -0.55 11.30
N SER A 53 5.84 -1.61 10.51
CA SER A 53 6.80 -2.38 9.77
C SER A 53 7.30 -1.76 8.51
N PHE A 54 7.25 -0.42 8.35
CA PHE A 54 7.42 0.17 7.06
C PHE A 54 8.83 0.14 6.60
N ARG A 55 9.78 0.07 7.55
CA ARG A 55 11.18 -0.16 7.39
C ARG A 55 11.52 -1.43 6.70
N LYS A 56 10.98 -2.56 7.19
CA LYS A 56 10.95 -3.87 6.62
C LYS A 56 10.53 -4.01 5.19
N ILE A 57 9.62 -3.11 4.81
CA ILE A 57 9.32 -2.72 3.46
C ILE A 57 10.41 -1.96 2.79
N VAL A 58 10.68 -0.69 3.18
CA VAL A 58 11.30 0.30 2.37
C VAL A 58 12.76 0.53 2.56
N SER A 59 13.46 -0.02 3.56
CA SER A 59 14.89 -0.03 3.55
C SER A 59 15.46 -0.76 2.39
N GLU A 60 15.01 -2.02 2.19
CA GLU A 60 15.27 -2.89 1.09
C GLU A 60 15.03 -2.41 -0.30
N LEU A 61 14.29 -1.30 -0.45
CA LEU A 61 13.81 -0.81 -1.70
C LEU A 61 14.72 0.21 -2.30
N THR A 62 15.10 -0.04 -3.57
CA THR A 62 16.16 0.61 -4.26
C THR A 62 15.70 1.40 -5.44
N GLN A 63 16.68 1.88 -6.24
CA GLN A 63 16.54 2.46 -7.53
C GLN A 63 15.78 1.58 -8.46
N GLU A 64 16.12 0.28 -8.50
CA GLU A 64 15.48 -0.79 -9.19
C GLU A 64 14.01 -0.90 -8.98
N ASP A 65 13.57 -0.71 -7.73
CA ASP A 65 12.19 -0.71 -7.32
C ASP A 65 11.47 0.44 -7.94
N LYS A 66 12.00 1.65 -7.70
CA LYS A 66 11.37 2.92 -7.79
C LYS A 66 10.67 3.13 -9.09
N LYS A 67 11.56 2.91 -10.07
CA LYS A 67 11.48 3.16 -11.49
C LYS A 67 10.90 1.99 -12.19
N THR A 68 11.01 0.76 -11.67
CA THR A 68 10.36 -0.40 -12.20
C THR A 68 8.88 -0.35 -12.06
N LEU A 69 8.42 0.23 -10.94
CA LEU A 69 7.06 0.31 -10.50
C LEU A 69 6.26 1.25 -11.32
N ILE A 70 6.78 2.49 -11.44
CA ILE A 70 6.43 3.64 -12.19
C ILE A 70 6.89 3.48 -13.60
N ASP A 71 7.64 2.44 -14.01
CA ASP A 71 7.52 1.92 -15.34
C ASP A 71 6.31 1.06 -15.51
N GLU A 72 6.19 -0.05 -14.77
CA GLU A 72 5.31 -1.14 -15.04
C GLU A 72 3.87 -0.96 -14.74
N PHE A 73 3.49 -0.43 -13.56
CA PHE A 73 2.12 -0.37 -13.14
C PHE A 73 1.73 1.04 -12.83
N ASN A 74 0.83 1.60 -13.66
CA ASN A 74 0.48 2.99 -13.64
C ASN A 74 -0.74 3.23 -12.81
N GLU A 75 -1.82 2.48 -13.07
CA GLU A 75 -3.15 2.85 -12.69
C GLU A 75 -3.48 2.64 -11.25
N GLY A 76 -2.75 1.75 -10.55
CA GLY A 76 -2.88 1.58 -9.14
C GLY A 76 -2.18 2.63 -8.36
N PHE A 77 -1.03 3.12 -8.87
CA PHE A 77 -0.29 4.18 -8.28
C PHE A 77 -1.03 5.48 -8.40
N GLU A 78 -1.64 5.73 -9.58
CA GLU A 78 -2.56 6.79 -9.86
C GLU A 78 -3.65 6.89 -8.86
N GLY A 79 -4.34 5.76 -8.58
CA GLY A 79 -5.30 5.59 -7.54
C GLY A 79 -4.95 6.11 -6.19
N VAL A 80 -3.83 5.65 -5.61
CA VAL A 80 -3.42 6.09 -4.32
C VAL A 80 -2.87 7.49 -4.33
N TYR A 81 -2.10 7.89 -5.35
CA TYR A 81 -1.47 9.17 -5.44
C TYR A 81 -2.43 10.32 -5.45
N ARG A 82 -3.45 10.29 -6.31
CA ARG A 82 -4.40 11.35 -6.37
C ARG A 82 -5.30 11.42 -5.18
N TYR A 83 -5.67 10.27 -4.59
CA TYR A 83 -6.41 10.26 -3.36
C TYR A 83 -5.57 10.75 -2.24
N LEU A 84 -4.27 10.43 -2.15
CA LEU A 84 -3.38 10.93 -1.16
C LEU A 84 -3.19 12.41 -1.18
N GLU A 85 -3.19 13.03 -2.37
CA GLU A 85 -3.17 14.46 -2.56
C GLU A 85 -4.37 15.14 -2.01
N MET A 86 -5.56 14.55 -2.28
CA MET A 86 -6.82 14.76 -1.65
C MET A 86 -6.91 14.54 -0.18
N TYR A 87 -6.87 13.35 0.43
CA TYR A 87 -7.40 13.20 1.75
C TYR A 87 -6.47 13.68 2.80
N THR A 88 -5.37 12.96 3.08
CA THR A 88 -4.63 13.26 4.28
C THR A 88 -3.25 12.70 4.12
N ASN A 89 -2.33 13.63 3.87
CA ASN A 89 -1.05 13.44 3.25
C ASN A 89 0.08 13.61 4.21
N LYS A 90 1.21 12.94 3.96
CA LYS A 90 2.42 12.98 4.73
C LYS A 90 2.97 14.39 4.89
N ASN A 2 6.75 -12.42 -4.09
CA ASN A 2 7.92 -12.72 -3.32
C ASN A 2 8.84 -11.55 -3.31
N LYS A 3 8.39 -10.44 -3.94
CA LYS A 3 9.06 -9.19 -4.02
C LYS A 3 8.40 -8.23 -3.08
N ASN A 4 9.17 -7.28 -2.51
CA ASN A 4 8.68 -6.14 -1.80
C ASN A 4 7.75 -5.28 -2.60
N ILE A 5 7.97 -5.24 -3.92
CA ILE A 5 7.17 -4.64 -4.93
C ILE A 5 5.83 -5.27 -5.05
N ASP A 6 5.76 -6.61 -5.16
CA ASP A 6 4.59 -7.42 -5.11
C ASP A 6 3.92 -7.40 -3.78
N THR A 7 4.59 -7.25 -2.63
CA THR A 7 3.94 -6.84 -1.43
C THR A 7 3.22 -5.54 -1.53
N VAL A 8 3.94 -4.45 -1.88
CA VAL A 8 3.40 -3.13 -1.92
C VAL A 8 2.37 -2.89 -2.97
N ARG A 9 2.55 -3.35 -4.23
CA ARG A 9 1.60 -3.13 -5.27
C ARG A 9 0.26 -3.73 -5.02
N GLU A 10 0.21 -4.94 -4.43
CA GLU A 10 -0.91 -5.50 -3.74
C GLU A 10 -1.59 -4.65 -2.72
N ILE A 11 -0.87 -4.20 -1.68
CA ILE A 11 -1.35 -3.37 -0.61
C ILE A 11 -2.09 -2.16 -1.08
N ILE A 12 -1.41 -1.39 -1.95
CA ILE A 12 -1.83 -0.13 -2.47
C ILE A 12 -3.03 -0.24 -3.35
N THR A 13 -3.12 -1.28 -4.20
CA THR A 13 -4.21 -1.45 -5.11
C THR A 13 -5.49 -1.74 -4.41
N VAL A 14 -5.50 -2.74 -3.50
CA VAL A 14 -6.57 -3.03 -2.60
C VAL A 14 -7.03 -1.87 -1.79
N ALA A 15 -6.11 -1.15 -1.15
CA ALA A 15 -6.34 0.07 -0.45
C ALA A 15 -7.02 1.14 -1.24
N SER A 16 -6.40 1.51 -2.38
CA SER A 16 -6.84 2.48 -3.33
C SER A 16 -8.23 2.20 -3.81
N ILE A 17 -8.56 0.94 -4.15
CA ILE A 17 -9.88 0.63 -4.61
C ILE A 17 -10.89 0.68 -3.50
N LEU A 18 -10.54 0.31 -2.26
CA LEU A 18 -11.45 0.38 -1.17
C LEU A 18 -11.71 1.81 -0.81
N ILE A 19 -10.66 2.66 -0.77
CA ILE A 19 -10.83 4.03 -0.41
C ILE A 19 -11.43 4.88 -1.47
N LYS A 20 -11.31 4.62 -2.79
CA LYS A 20 -11.81 5.49 -3.80
C LYS A 20 -13.29 5.43 -3.80
N PHE A 21 -13.89 4.27 -4.12
CA PHE A 21 -15.30 4.14 -4.29
C PHE A 21 -16.02 3.53 -3.13
N SER A 22 -15.44 3.48 -1.92
CA SER A 22 -16.18 3.00 -0.79
C SER A 22 -15.96 3.80 0.45
N ARG A 23 -14.81 3.66 1.14
CA ARG A 23 -14.72 4.09 2.50
C ARG A 23 -13.36 4.59 2.87
N GLU A 24 -13.16 5.90 2.99
CA GLU A 24 -11.94 6.52 3.42
C GLU A 24 -11.84 6.58 4.90
N ASP A 25 -12.93 6.24 5.61
CA ASP A 25 -13.04 6.08 7.04
C ASP A 25 -12.25 4.94 7.58
N ILE A 26 -11.58 4.12 6.76
CA ILE A 26 -10.68 3.11 7.25
C ILE A 26 -9.28 3.60 7.17
N VAL A 27 -8.99 4.62 6.35
CA VAL A 27 -7.64 5.04 6.08
C VAL A 27 -7.16 6.12 6.99
N GLU A 28 -8.10 6.87 7.59
CA GLU A 28 -7.91 8.02 8.42
C GLU A 28 -6.89 7.93 9.50
N ASN A 29 -6.89 6.78 10.20
CA ASN A 29 -5.89 6.35 11.12
C ASN A 29 -5.39 5.05 10.59
N ARG A 30 -4.23 5.04 9.91
CA ARG A 30 -3.90 4.04 8.94
C ARG A 30 -3.64 2.65 9.39
N ALA A 31 -3.41 2.35 10.68
CA ALA A 31 -3.38 1.01 11.16
C ALA A 31 -4.69 0.29 11.09
N ASN A 32 -5.81 1.01 10.90
CA ASN A 32 -7.10 0.43 10.64
C ASN A 32 -7.21 -0.15 9.28
N PHE A 33 -6.56 0.48 8.29
CA PHE A 33 -6.56 0.05 6.92
C PHE A 33 -5.79 -1.23 6.76
N ILE A 34 -4.57 -1.23 7.31
CA ILE A 34 -3.66 -2.32 7.47
C ILE A 34 -4.30 -3.51 8.10
N ALA A 35 -5.01 -3.24 9.21
CA ALA A 35 -5.70 -4.25 9.96
C ALA A 35 -6.83 -4.88 9.23
N PHE A 36 -7.47 -4.24 8.23
CA PHE A 36 -8.50 -4.81 7.44
C PHE A 36 -7.87 -5.72 6.44
N LEU A 37 -6.64 -5.43 5.98
CA LEU A 37 -5.83 -6.31 5.20
C LEU A 37 -5.24 -7.45 5.96
N ASN A 38 -5.27 -7.46 7.30
CA ASN A 38 -4.99 -8.61 8.09
C ASN A 38 -6.10 -9.60 8.02
N GLU A 39 -7.35 -9.17 7.85
CA GLU A 39 -8.43 -10.03 7.46
C GLU A 39 -8.22 -10.80 6.20
N ILE A 40 -7.75 -10.14 5.11
CA ILE A 40 -7.40 -10.76 3.87
C ILE A 40 -6.28 -11.73 4.03
N GLY A 41 -5.32 -11.37 4.90
CA GLY A 41 -4.16 -12.18 5.20
C GLY A 41 -3.02 -11.82 4.30
N VAL A 42 -2.81 -10.53 4.03
CA VAL A 42 -1.72 -10.04 3.24
C VAL A 42 -0.45 -10.26 3.98
N THR A 43 0.64 -10.74 3.35
CA THR A 43 1.72 -11.38 4.05
C THR A 43 2.95 -10.55 3.94
N HIS A 44 4.03 -10.92 4.64
CA HIS A 44 5.32 -10.32 4.57
C HIS A 44 6.27 -11.37 5.04
N GLU A 45 7.04 -11.19 6.12
CA GLU A 45 8.01 -12.12 6.62
C GLU A 45 7.30 -13.09 7.48
N GLY A 46 6.75 -14.16 6.89
CA GLY A 46 6.10 -15.26 7.54
C GLY A 46 4.88 -15.00 8.34
N ARG A 47 4.34 -13.76 8.31
CA ARG A 47 3.39 -13.21 9.24
C ARG A 47 2.41 -12.38 8.48
N LYS A 48 1.33 -11.85 9.06
CA LYS A 48 0.53 -10.85 8.43
C LYS A 48 0.98 -9.49 8.87
N LEU A 49 0.42 -8.41 8.31
CA LEU A 49 1.12 -7.19 8.07
C LEU A 49 0.99 -6.20 9.17
N ASN A 50 2.14 -5.74 9.71
CA ASN A 50 2.24 -4.78 10.76
C ASN A 50 2.69 -3.45 10.27
N GLN A 51 2.38 -2.40 11.04
CA GLN A 51 2.43 -1.03 10.61
C GLN A 51 3.66 -0.24 10.91
N ASN A 52 4.46 -0.54 11.94
CA ASN A 52 5.74 0.10 12.07
C ASN A 52 6.74 -0.51 11.13
N SER A 53 6.46 -1.74 10.67
CA SER A 53 7.20 -2.43 9.66
C SER A 53 7.04 -1.91 8.27
N PHE A 54 6.40 -0.75 8.06
CA PHE A 54 6.57 -0.02 6.84
C PHE A 54 7.93 0.59 6.75
N ARG A 55 8.70 0.67 7.85
CA ARG A 55 10.09 0.94 7.81
C ARG A 55 10.83 -0.10 7.04
N LYS A 56 10.55 -1.40 7.28
CA LYS A 56 11.04 -2.50 6.54
C LYS A 56 10.73 -2.48 5.08
N ILE A 57 9.59 -1.90 4.67
CA ILE A 57 9.16 -1.80 3.32
C ILE A 57 10.07 -0.90 2.54
N VAL A 58 10.16 0.36 3.00
CA VAL A 58 10.85 1.45 2.39
C VAL A 58 12.31 1.46 2.71
N SER A 59 12.80 0.67 3.67
CA SER A 59 14.15 0.20 3.67
C SER A 59 14.64 -0.42 2.40
N GLU A 60 13.75 -1.17 1.72
CA GLU A 60 14.09 -2.06 0.66
C GLU A 60 13.89 -1.46 -0.68
N LEU A 61 12.85 -0.63 -0.86
CA LEU A 61 12.50 -0.09 -2.13
C LEU A 61 13.29 1.14 -2.44
N THR A 62 14.21 1.02 -3.41
CA THR A 62 15.02 2.06 -3.97
C THR A 62 14.50 2.32 -5.34
N GLN A 63 15.29 2.90 -6.27
CA GLN A 63 14.86 3.29 -7.58
C GLN A 63 14.44 2.16 -8.46
N GLU A 64 14.89 0.92 -8.19
CA GLU A 64 14.41 -0.26 -8.84
C GLU A 64 12.92 -0.41 -8.86
N ASP A 65 12.27 -0.05 -7.75
CA ASP A 65 10.85 -0.10 -7.53
C ASP A 65 10.15 0.89 -8.40
N LYS A 66 10.65 2.14 -8.45
CA LYS A 66 10.19 3.18 -9.32
C LYS A 66 10.12 2.75 -10.75
N LYS A 67 11.21 2.26 -11.37
CA LYS A 67 11.16 1.87 -12.75
C LYS A 67 10.14 0.84 -13.08
N THR A 68 10.14 -0.22 -12.25
CA THR A 68 9.48 -1.48 -12.37
C THR A 68 8.00 -1.37 -12.28
N LEU A 69 7.54 -0.55 -11.31
CA LEU A 69 6.17 -0.36 -10.98
C LEU A 69 5.62 0.77 -11.78
N ILE A 70 6.42 1.74 -12.28
CA ILE A 70 5.92 2.65 -13.28
C ILE A 70 5.65 1.95 -14.56
N ASP A 71 6.62 1.19 -15.11
CA ASP A 71 6.50 0.29 -16.20
C ASP A 71 5.26 -0.55 -16.22
N GLU A 72 4.99 -1.33 -15.16
CA GLU A 72 3.90 -2.25 -15.14
C GLU A 72 2.62 -1.73 -14.60
N PHE A 73 2.62 -0.99 -13.48
CA PHE A 73 1.44 -0.63 -12.76
C PHE A 73 1.43 0.80 -12.39
N ASN A 74 1.37 1.71 -13.38
CA ASN A 74 1.36 3.13 -13.20
C ASN A 74 0.15 3.59 -12.48
N GLU A 75 -1.00 2.94 -12.75
CA GLU A 75 -2.29 3.10 -12.15
C GLU A 75 -2.29 3.10 -10.66
N GLY A 76 -1.42 2.27 -10.05
CA GLY A 76 -1.20 2.21 -8.64
C GLY A 76 -0.63 3.47 -8.08
N PHE A 77 0.49 3.93 -8.65
CA PHE A 77 1.16 5.14 -8.28
C PHE A 77 0.32 6.35 -8.50
N GLU A 78 -0.33 6.44 -9.67
CA GLU A 78 -1.12 7.54 -10.11
C GLU A 78 -2.30 7.85 -9.25
N GLY A 79 -3.12 6.85 -8.90
CA GLY A 79 -4.25 7.04 -8.04
C GLY A 79 -3.89 7.34 -6.62
N VAL A 80 -2.89 6.60 -6.12
CA VAL A 80 -2.37 6.80 -4.80
C VAL A 80 -1.80 8.16 -4.62
N TYR A 81 -1.07 8.69 -5.61
CA TYR A 81 -0.63 10.05 -5.67
C TYR A 81 -1.73 11.04 -5.74
N ARG A 82 -2.75 10.85 -6.60
CA ARG A 82 -3.87 11.71 -6.70
C ARG A 82 -4.67 11.83 -5.45
N TYR A 83 -4.87 10.71 -4.71
CA TYR A 83 -5.47 10.66 -3.41
C TYR A 83 -4.63 11.35 -2.41
N LEU A 84 -3.32 11.05 -2.34
CA LEU A 84 -2.34 11.64 -1.47
C LEU A 84 -2.23 13.12 -1.56
N GLU A 85 -2.24 13.68 -2.79
CA GLU A 85 -2.30 15.07 -3.06
C GLU A 85 -3.49 15.74 -2.49
N MET A 86 -4.69 15.15 -2.71
CA MET A 86 -5.96 15.63 -2.27
C MET A 86 -6.19 15.54 -0.81
N TYR A 87 -6.19 14.31 -0.28
CA TYR A 87 -6.67 13.97 1.02
C TYR A 87 -5.70 14.32 2.10
N THR A 88 -4.57 13.60 2.19
CA THR A 88 -3.98 13.45 3.49
C THR A 88 -2.58 12.93 3.35
N ASN A 89 -1.67 13.53 4.15
CA ASN A 89 -0.27 13.28 4.14
C ASN A 89 0.08 12.12 5.02
N LYS A 90 0.94 11.23 4.50
CA LYS A 90 1.36 10.06 5.20
C LYS A 90 2.68 10.35 5.92
N ASN A 2 9.05 -13.30 -3.77
CA ASN A 2 8.63 -11.96 -4.05
C ASN A 2 9.75 -10.97 -4.07
N LYS A 3 9.56 -9.90 -4.86
CA LYS A 3 10.24 -8.64 -4.74
C LYS A 3 9.27 -7.69 -4.14
N ASN A 4 9.72 -6.67 -3.38
CA ASN A 4 8.86 -5.78 -2.67
C ASN A 4 8.08 -4.86 -3.54
N ILE A 5 8.35 -4.86 -4.86
CA ILE A 5 7.50 -4.47 -5.94
C ILE A 5 6.17 -5.12 -5.92
N ASP A 6 6.08 -6.45 -6.07
CA ASP A 6 4.96 -7.33 -5.90
C ASP A 6 4.09 -6.98 -4.74
N THR A 7 4.79 -6.99 -3.59
CA THR A 7 4.31 -6.68 -2.28
C THR A 7 3.67 -5.33 -2.27
N VAL A 8 4.42 -4.25 -2.49
CA VAL A 8 3.96 -2.91 -2.25
C VAL A 8 2.89 -2.53 -3.22
N ARG A 9 3.04 -2.92 -4.51
CA ARG A 9 2.07 -2.69 -5.53
C ARG A 9 0.74 -3.31 -5.25
N GLU A 10 0.73 -4.57 -4.77
CA GLU A 10 -0.43 -5.23 -4.24
C GLU A 10 -1.13 -4.52 -3.13
N ILE A 11 -0.42 -3.95 -2.15
CA ILE A 11 -0.97 -3.16 -1.09
C ILE A 11 -1.62 -1.93 -1.61
N ILE A 12 -0.90 -1.20 -2.48
CA ILE A 12 -1.33 -0.06 -3.22
C ILE A 12 -2.63 -0.29 -3.91
N THR A 13 -2.73 -1.36 -4.72
CA THR A 13 -3.93 -1.87 -5.33
C THR A 13 -5.07 -2.09 -4.40
N VAL A 14 -5.00 -3.10 -3.51
CA VAL A 14 -6.02 -3.43 -2.58
C VAL A 14 -6.47 -2.35 -1.66
N ALA A 15 -5.60 -1.38 -1.31
CA ALA A 15 -5.97 -0.15 -0.69
C ALA A 15 -6.83 0.71 -1.56
N SER A 16 -6.40 1.05 -2.79
CA SER A 16 -7.13 1.83 -3.73
C SER A 16 -8.50 1.31 -4.03
N ILE A 17 -8.63 0.02 -4.35
CA ILE A 17 -9.86 -0.62 -4.70
C ILE A 17 -10.80 -0.68 -3.54
N LEU A 18 -10.30 -0.73 -2.30
CA LEU A 18 -11.07 -0.47 -1.11
C LEU A 18 -11.55 0.92 -1.01
N ILE A 19 -10.65 1.93 -0.98
CA ILE A 19 -11.00 3.27 -0.63
C ILE A 19 -11.71 4.08 -1.66
N LYS A 20 -11.43 3.87 -2.95
CA LYS A 20 -11.92 4.61 -4.07
C LYS A 20 -13.37 4.95 -4.08
N PHE A 21 -14.27 3.95 -4.17
CA PHE A 21 -15.67 4.15 -4.05
C PHE A 21 -16.24 3.44 -2.86
N SER A 22 -15.96 3.95 -1.65
CA SER A 22 -16.50 3.36 -0.46
C SER A 22 -16.27 4.18 0.75
N ARG A 23 -15.24 3.85 1.55
CA ARG A 23 -14.90 4.46 2.80
C ARG A 23 -13.51 5.01 2.76
N GLU A 24 -13.36 6.28 3.18
CA GLU A 24 -12.12 6.91 3.53
C GLU A 24 -11.84 6.74 4.98
N ASP A 25 -12.81 6.33 5.82
CA ASP A 25 -12.71 6.47 7.25
C ASP A 25 -11.62 5.64 7.83
N ILE A 26 -11.30 4.55 7.12
CA ILE A 26 -10.37 3.51 7.45
C ILE A 26 -8.97 3.93 7.18
N VAL A 27 -8.68 4.48 5.99
CA VAL A 27 -7.45 5.16 5.71
C VAL A 27 -7.23 6.38 6.54
N GLU A 28 -8.27 7.15 6.92
CA GLU A 28 -8.16 8.15 7.94
C GLU A 28 -7.73 7.62 9.26
N ASN A 29 -8.33 6.55 9.82
CA ASN A 29 -7.85 6.05 11.07
C ASN A 29 -6.95 4.90 10.78
N ARG A 30 -5.69 5.30 10.48
CA ARG A 30 -4.52 4.55 10.13
C ARG A 30 -4.37 3.16 10.64
N ALA A 31 -4.67 2.93 11.94
CA ALA A 31 -4.51 1.66 12.58
C ALA A 31 -5.55 0.67 12.15
N ASN A 32 -6.73 1.17 11.76
CA ASN A 32 -7.81 0.39 11.23
C ASN A 32 -7.65 0.25 9.75
N PHE A 33 -6.86 1.04 9.02
CA PHE A 33 -6.35 0.56 7.77
C PHE A 33 -5.63 -0.73 7.85
N ILE A 34 -4.46 -0.72 8.52
CA ILE A 34 -3.57 -1.79 8.81
C ILE A 34 -4.24 -3.11 9.08
N ALA A 35 -5.17 -2.99 10.03
CA ALA A 35 -5.92 -4.10 10.56
C ALA A 35 -7.10 -4.54 9.76
N PHE A 36 -7.58 -3.81 8.74
CA PHE A 36 -8.34 -4.41 7.69
C PHE A 36 -7.51 -5.38 6.91
N LEU A 37 -6.29 -5.00 6.48
CA LEU A 37 -5.36 -5.85 5.80
C LEU A 37 -5.00 -7.13 6.48
N ASN A 38 -5.15 -7.11 7.81
CA ASN A 38 -4.99 -8.22 8.70
C ASN A 38 -6.04 -9.26 8.54
N GLU A 39 -7.32 -8.87 8.47
CA GLU A 39 -8.42 -9.59 7.89
C GLU A 39 -8.20 -10.03 6.49
N ILE A 40 -7.93 -9.22 5.45
CA ILE A 40 -7.92 -9.67 4.09
C ILE A 40 -7.13 -10.87 3.73
N GLY A 41 -6.05 -11.21 4.45
CA GLY A 41 -5.16 -12.26 4.03
C GLY A 41 -3.81 -11.82 3.60
N VAL A 42 -3.49 -10.52 3.69
CA VAL A 42 -2.21 -9.94 3.43
C VAL A 42 -1.14 -10.50 4.30
N THR A 43 -0.13 -11.16 3.71
CA THR A 43 0.88 -11.88 4.42
C THR A 43 2.24 -11.39 4.04
N HIS A 44 3.18 -11.29 5.00
CA HIS A 44 4.56 -11.01 4.73
C HIS A 44 5.40 -12.18 5.13
N GLU A 45 6.57 -11.99 5.76
CA GLU A 45 7.17 -12.88 6.71
C GLU A 45 6.30 -13.46 7.77
N GLY A 46 5.50 -14.48 7.41
CA GLY A 46 4.85 -15.43 8.26
C GLY A 46 3.59 -14.95 8.91
N ARG A 47 3.49 -13.62 9.10
CA ARG A 47 2.52 -12.96 9.91
C ARG A 47 1.84 -11.95 9.06
N LYS A 48 0.77 -11.34 9.61
CA LYS A 48 0.06 -10.23 9.04
C LYS A 48 0.85 -8.98 9.18
N LEU A 49 0.45 -7.94 8.42
CA LEU A 49 1.26 -6.79 8.11
C LEU A 49 1.19 -5.75 9.17
N ASN A 50 2.31 -5.25 9.72
CA ASN A 50 2.29 -4.20 10.68
C ASN A 50 2.42 -2.86 10.02
N GLN A 51 2.52 -1.77 10.80
CA GLN A 51 2.77 -0.46 10.28
C GLN A 51 4.24 -0.20 10.25
N ASN A 52 4.94 -0.53 11.35
CA ASN A 52 6.32 -0.20 11.55
C ASN A 52 7.32 -0.89 10.69
N SER A 53 6.91 -1.90 9.88
CA SER A 53 7.81 -2.64 9.05
C SER A 53 8.24 -1.94 7.80
N PHE A 54 7.69 -0.74 7.53
CA PHE A 54 8.24 0.33 6.74
C PHE A 54 9.72 0.39 6.53
N ARG A 55 10.53 0.35 7.60
CA ARG A 55 11.96 0.45 7.56
C ARG A 55 12.64 -0.52 6.66
N LYS A 56 12.15 -1.77 6.69
CA LYS A 56 12.63 -2.85 5.88
C LYS A 56 12.27 -2.66 4.45
N ILE A 57 10.99 -2.42 4.13
CA ILE A 57 10.51 -2.47 2.78
C ILE A 57 11.23 -1.46 1.95
N VAL A 58 11.45 -0.28 2.54
CA VAL A 58 12.08 0.87 1.96
C VAL A 58 13.56 0.73 1.83
N SER A 59 14.20 -0.19 2.57
CA SER A 59 15.53 -0.62 2.30
C SER A 59 15.61 -1.35 1.00
N GLU A 60 14.77 -2.36 0.76
CA GLU A 60 14.71 -3.09 -0.47
C GLU A 60 14.19 -2.39 -1.69
N LEU A 61 13.08 -1.62 -1.64
CA LEU A 61 12.87 -0.54 -2.55
C LEU A 61 13.95 0.48 -2.67
N THR A 62 14.78 0.25 -3.71
CA THR A 62 15.65 1.16 -4.37
C THR A 62 15.19 1.31 -5.78
N GLN A 63 15.99 1.95 -6.65
CA GLN A 63 15.51 2.68 -7.79
C GLN A 63 15.03 1.81 -8.89
N GLU A 64 15.67 0.64 -9.04
CA GLU A 64 15.27 -0.50 -9.80
C GLU A 64 13.83 -0.84 -9.62
N ASP A 65 13.44 -1.04 -8.35
CA ASP A 65 12.13 -1.40 -7.89
C ASP A 65 11.14 -0.30 -8.02
N LYS A 66 11.52 0.92 -7.61
CA LYS A 66 10.73 2.11 -7.68
C LYS A 66 10.28 2.40 -9.08
N LYS A 67 11.21 2.45 -10.04
CA LYS A 67 10.91 2.78 -11.40
C LYS A 67 10.06 1.74 -12.05
N THR A 68 10.17 0.48 -11.57
CA THR A 68 9.42 -0.64 -12.03
C THR A 68 8.01 -0.59 -11.58
N LEU A 69 7.72 -0.12 -10.35
CA LEU A 69 6.43 0.20 -9.84
C LEU A 69 5.59 1.05 -10.75
N ILE A 70 6.17 2.22 -11.09
CA ILE A 70 5.85 3.14 -12.13
C ILE A 70 5.75 2.53 -13.48
N ASP A 71 6.70 1.71 -13.94
CA ASP A 71 6.68 1.06 -15.21
C ASP A 71 5.50 0.19 -15.42
N GLU A 72 5.23 -0.70 -14.44
CA GLU A 72 4.23 -1.71 -14.57
C GLU A 72 2.86 -1.26 -14.23
N PHE A 73 2.66 -0.55 -13.09
CA PHE A 73 1.34 -0.35 -12.57
C PHE A 73 1.10 1.05 -12.13
N ASN A 74 1.17 2.01 -13.07
CA ASN A 74 0.95 3.39 -12.82
C ASN A 74 -0.45 3.73 -12.44
N GLU A 75 -1.48 2.97 -12.87
CA GLU A 75 -2.83 3.12 -12.42
C GLU A 75 -2.97 2.97 -10.95
N GLY A 76 -2.27 2.03 -10.32
CA GLY A 76 -2.23 1.91 -8.90
C GLY A 76 -1.50 3.04 -8.25
N PHE A 77 -0.24 3.28 -8.66
CA PHE A 77 0.63 4.26 -8.12
C PHE A 77 0.11 5.65 -8.16
N GLU A 78 -0.26 6.15 -9.35
CA GLU A 78 -0.77 7.48 -9.54
C GLU A 78 -2.18 7.61 -9.10
N GLY A 79 -2.91 6.48 -9.00
CA GLY A 79 -4.24 6.42 -8.50
C GLY A 79 -4.31 6.70 -7.03
N VAL A 80 -3.42 6.07 -6.26
CA VAL A 80 -3.31 6.31 -4.84
C VAL A 80 -2.79 7.67 -4.56
N TYR A 81 -1.82 8.18 -5.34
CA TYR A 81 -1.29 9.50 -5.28
C TYR A 81 -2.32 10.57 -5.47
N ARG A 82 -3.13 10.52 -6.54
CA ARG A 82 -4.11 11.53 -6.81
C ARG A 82 -5.17 11.61 -5.77
N TYR A 83 -5.64 10.44 -5.28
CA TYR A 83 -6.54 10.38 -4.17
C TYR A 83 -5.88 10.90 -2.92
N LEU A 84 -4.63 10.52 -2.59
CA LEU A 84 -3.90 11.07 -1.49
C LEU A 84 -3.85 12.56 -1.42
N GLU A 85 -3.68 13.27 -2.55
CA GLU A 85 -3.59 14.70 -2.54
C GLU A 85 -4.93 15.30 -2.29
N MET A 86 -5.99 14.53 -2.56
CA MET A 86 -7.37 14.88 -2.42
C MET A 86 -7.98 14.58 -1.11
N TYR A 87 -7.73 13.42 -0.47
CA TYR A 87 -8.26 13.17 0.84
C TYR A 87 -7.26 13.57 1.87
N THR A 88 -6.18 12.84 2.16
CA THR A 88 -5.35 13.31 3.23
C THR A 88 -4.02 12.62 3.18
N ASN A 89 -2.91 13.37 3.12
CA ASN A 89 -1.59 12.82 3.20
C ASN A 89 -1.20 12.69 4.63
N LYS A 90 -1.64 11.55 5.20
CA LYS A 90 -1.03 10.75 6.21
C LYS A 90 0.22 10.08 5.68
N ASN A 2 5.49 -12.18 -3.68
CA ASN A 2 5.96 -12.64 -4.95
C ASN A 2 6.78 -11.57 -5.58
N LYS A 3 6.98 -10.42 -4.91
CA LYS A 3 8.10 -9.58 -5.15
C LYS A 3 8.18 -8.63 -4.00
N ASN A 4 8.96 -7.54 -4.13
CA ASN A 4 8.78 -6.38 -3.31
C ASN A 4 7.82 -5.47 -4.01
N ILE A 5 7.78 -5.53 -5.35
CA ILE A 5 6.92 -4.76 -6.19
C ILE A 5 5.52 -5.27 -6.13
N ASP A 6 5.26 -6.55 -6.40
CA ASP A 6 4.07 -7.26 -6.01
C ASP A 6 3.57 -6.98 -4.64
N THR A 7 4.33 -7.22 -3.57
CA THR A 7 3.89 -6.96 -2.24
C THR A 7 3.46 -5.56 -1.97
N VAL A 8 4.11 -4.55 -2.55
CA VAL A 8 3.76 -3.19 -2.24
C VAL A 8 2.67 -2.74 -3.15
N ARG A 9 2.64 -3.15 -4.43
CA ARG A 9 1.54 -2.83 -5.29
C ARG A 9 0.34 -3.67 -5.02
N GLU A 10 0.38 -4.73 -4.19
CA GLU A 10 -0.79 -5.32 -3.62
C GLU A 10 -1.43 -4.32 -2.72
N ILE A 11 -0.70 -3.82 -1.70
CA ILE A 11 -1.13 -2.81 -0.78
C ILE A 11 -1.80 -1.63 -1.39
N ILE A 12 -1.11 -1.11 -2.42
CA ILE A 12 -1.45 0.06 -3.16
C ILE A 12 -2.68 -0.15 -3.97
N THR A 13 -2.73 -1.21 -4.80
CA THR A 13 -3.87 -1.53 -5.60
C THR A 13 -5.08 -1.80 -4.77
N VAL A 14 -5.00 -2.67 -3.76
CA VAL A 14 -6.12 -3.12 -2.99
C VAL A 14 -6.56 -2.12 -1.98
N ALA A 15 -5.75 -1.07 -1.76
CA ALA A 15 -6.16 0.07 -1.00
C ALA A 15 -7.00 0.98 -1.83
N SER A 16 -6.68 1.12 -3.13
CA SER A 16 -7.32 1.98 -4.08
C SER A 16 -8.67 1.45 -4.43
N ILE A 17 -8.76 0.16 -4.72
CA ILE A 17 -9.97 -0.57 -4.93
C ILE A 17 -10.89 -0.45 -3.76
N LEU A 18 -10.36 -0.42 -2.52
CA LEU A 18 -11.15 -0.12 -1.36
C LEU A 18 -11.74 1.24 -1.37
N ILE A 19 -10.88 2.27 -1.39
CA ILE A 19 -11.18 3.62 -1.06
C ILE A 19 -11.90 4.44 -2.07
N LYS A 20 -11.61 4.28 -3.38
CA LYS A 20 -12.18 5.01 -4.47
C LYS A 20 -13.67 5.10 -4.44
N PHE A 21 -14.26 3.90 -4.54
CA PHE A 21 -15.63 3.53 -4.39
C PHE A 21 -15.71 2.66 -3.17
N SER A 22 -15.57 3.31 -2.00
CA SER A 22 -16.18 2.91 -0.77
C SER A 22 -15.95 3.98 0.24
N ARG A 23 -14.90 3.88 1.08
CA ARG A 23 -14.70 4.70 2.23
C ARG A 23 -13.35 5.32 2.27
N GLU A 24 -13.15 6.49 2.91
CA GLU A 24 -11.87 6.87 3.42
C GLU A 24 -11.72 6.36 4.82
N ASP A 25 -12.86 6.08 5.47
CA ASP A 25 -13.04 5.66 6.82
C ASP A 25 -12.17 4.57 7.35
N ILE A 26 -11.57 3.70 6.52
CA ILE A 26 -10.52 2.81 6.94
C ILE A 26 -9.19 3.48 6.98
N VAL A 27 -8.81 4.15 5.88
CA VAL A 27 -7.62 4.89 5.61
C VAL A 27 -7.44 6.13 6.41
N GLU A 28 -8.44 6.53 7.21
CA GLU A 28 -8.36 7.68 8.08
C GLU A 28 -7.49 7.54 9.28
N ASN A 29 -7.04 6.34 9.65
CA ASN A 29 -6.13 6.17 10.74
C ASN A 29 -5.26 5.04 10.31
N ARG A 30 -3.98 4.96 10.73
CA ARG A 30 -3.03 4.31 9.88
C ARG A 30 -3.00 2.86 10.22
N ALA A 31 -3.12 2.48 11.51
CA ALA A 31 -3.51 1.20 12.00
C ALA A 31 -4.73 0.58 11.42
N ASN A 32 -5.83 1.31 11.22
CA ASN A 32 -7.07 0.91 10.61
C ASN A 32 -6.95 0.38 9.23
N PHE A 33 -6.34 1.12 8.29
CA PHE A 33 -5.90 0.69 7.00
C PHE A 33 -5.28 -0.66 6.96
N ILE A 34 -4.23 -0.78 7.77
CA ILE A 34 -3.35 -1.90 8.00
C ILE A 34 -4.12 -3.07 8.50
N ALA A 35 -5.08 -2.82 9.41
CA ALA A 35 -5.81 -3.85 10.08
C ALA A 35 -6.73 -4.56 9.14
N PHE A 36 -7.26 -3.87 8.12
CA PHE A 36 -8.00 -4.47 7.05
C PHE A 36 -7.09 -5.18 6.10
N LEU A 37 -5.86 -4.70 5.84
CA LEU A 37 -4.88 -5.44 5.11
C LEU A 37 -4.50 -6.74 5.72
N ASN A 38 -4.50 -6.83 7.06
CA ASN A 38 -4.51 -8.03 7.85
C ASN A 38 -5.63 -8.95 7.51
N GLU A 39 -6.91 -8.55 7.51
CA GLU A 39 -8.01 -9.25 6.89
C GLU A 39 -7.81 -9.98 5.61
N ILE A 40 -7.31 -9.31 4.55
CA ILE A 40 -7.04 -9.83 3.25
C ILE A 40 -6.23 -11.09 3.16
N GLY A 41 -5.19 -11.18 4.01
CA GLY A 41 -4.18 -12.18 3.90
C GLY A 41 -2.83 -11.69 3.50
N VAL A 42 -2.59 -10.37 3.31
CA VAL A 42 -1.28 -9.80 3.22
C VAL A 42 -0.43 -10.06 4.41
N THR A 43 0.81 -10.52 4.18
CA THR A 43 1.78 -10.87 5.18
C THR A 43 3.14 -10.57 4.62
N HIS A 44 4.14 -10.54 5.50
CA HIS A 44 5.52 -10.45 5.11
C HIS A 44 6.31 -11.58 5.68
N GLU A 45 7.58 -11.37 6.08
CA GLU A 45 8.45 -12.42 6.51
C GLU A 45 8.10 -13.00 7.84
N GLY A 46 7.10 -13.90 7.91
CA GLY A 46 6.75 -14.59 9.11
C GLY A 46 5.65 -13.94 9.88
N ARG A 47 5.33 -12.67 9.59
CA ARG A 47 4.36 -11.93 10.35
C ARG A 47 3.57 -11.11 9.41
N LYS A 48 2.36 -10.63 9.77
CA LYS A 48 1.67 -9.63 9.01
C LYS A 48 2.38 -8.32 8.91
N LEU A 49 1.99 -7.48 7.94
CA LEU A 49 2.00 -6.05 8.06
C LEU A 49 1.70 -5.44 9.38
N ASN A 50 2.64 -4.62 9.90
CA ASN A 50 2.53 -3.97 11.17
C ASN A 50 2.38 -2.52 10.87
N GLN A 51 2.42 -1.62 11.87
CA GLN A 51 2.56 -0.22 11.62
C GLN A 51 3.99 0.05 11.30
N ASN A 52 4.85 -0.46 12.20
CA ASN A 52 6.28 -0.37 12.24
C ASN A 52 7.01 -1.09 11.16
N SER A 53 6.34 -1.92 10.34
CA SER A 53 6.90 -2.67 9.25
C SER A 53 7.29 -1.85 8.06
N PHE A 54 7.15 -0.52 8.18
CA PHE A 54 7.39 0.48 7.19
C PHE A 54 8.85 0.60 6.90
N ARG A 55 9.68 0.72 7.95
CA ARG A 55 11.10 0.61 7.95
C ARG A 55 11.66 -0.48 7.09
N LYS A 56 11.25 -1.73 7.32
CA LYS A 56 11.45 -2.88 6.48
C LYS A 56 11.23 -2.67 5.03
N ILE A 57 9.94 -2.53 4.66
CA ILE A 57 9.44 -2.38 3.33
C ILE A 57 10.19 -1.37 2.52
N VAL A 58 10.35 -0.14 3.02
CA VAL A 58 10.83 0.94 2.21
C VAL A 58 12.32 0.95 2.06
N SER A 59 13.06 0.29 2.98
CA SER A 59 14.46 0.05 2.89
C SER A 59 14.78 -1.01 1.90
N GLU A 60 14.16 -2.19 2.04
CA GLU A 60 14.07 -3.26 1.10
C GLU A 60 13.79 -2.95 -0.34
N LEU A 61 13.00 -1.92 -0.67
CA LEU A 61 12.84 -1.49 -2.03
C LEU A 61 14.06 -0.73 -2.41
N THR A 62 14.78 -1.18 -3.45
CA THR A 62 16.01 -0.62 -3.87
C THR A 62 15.76 0.62 -4.65
N GLN A 63 16.72 1.03 -5.51
CA GLN A 63 16.50 2.05 -6.48
C GLN A 63 15.87 1.47 -7.70
N GLU A 64 16.24 0.23 -8.06
CA GLU A 64 15.68 -0.48 -9.17
C GLU A 64 14.21 -0.66 -9.04
N ASP A 65 13.81 -1.18 -7.86
CA ASP A 65 12.49 -1.47 -7.39
C ASP A 65 11.59 -0.28 -7.50
N LYS A 66 12.04 0.89 -7.05
CA LYS A 66 11.33 2.14 -7.07
C LYS A 66 10.73 2.44 -8.41
N LYS A 67 11.63 2.32 -9.41
CA LYS A 67 11.37 2.57 -10.80
C LYS A 67 10.63 1.41 -11.39
N THR A 68 11.09 0.15 -11.28
CA THR A 68 10.37 -1.04 -11.61
C THR A 68 8.93 -0.99 -11.24
N LEU A 69 8.56 -0.72 -9.96
CA LEU A 69 7.21 -0.50 -9.55
C LEU A 69 6.43 0.43 -10.41
N ILE A 70 6.73 1.74 -10.35
CA ILE A 70 5.79 2.78 -10.62
C ILE A 70 5.49 2.71 -12.08
N ASP A 71 6.52 2.31 -12.83
CA ASP A 71 6.68 2.30 -14.26
C ASP A 71 6.01 1.11 -14.87
N GLU A 72 6.08 -0.06 -14.22
CA GLU A 72 5.45 -1.27 -14.66
C GLU A 72 3.98 -1.19 -14.55
N PHE A 73 3.48 -0.69 -13.40
CA PHE A 73 2.08 -0.49 -13.18
C PHE A 73 1.89 0.83 -12.52
N ASN A 74 1.51 1.85 -13.31
CA ASN A 74 1.39 3.22 -12.91
C ASN A 74 0.07 3.55 -12.30
N GLU A 75 -1.01 2.96 -12.84
CA GLU A 75 -2.38 3.31 -12.62
C GLU A 75 -2.81 3.45 -11.20
N GLY A 76 -2.46 2.47 -10.34
CA GLY A 76 -2.79 2.47 -8.95
C GLY A 76 -2.01 3.44 -8.13
N PHE A 77 -0.74 3.70 -8.49
CA PHE A 77 0.10 4.65 -7.85
C PHE A 77 -0.37 6.05 -8.11
N GLU A 78 -0.64 6.40 -9.38
CA GLU A 78 -1.20 7.65 -9.76
C GLU A 78 -2.55 7.87 -9.18
N GLY A 79 -3.41 6.83 -9.21
CA GLY A 79 -4.68 6.78 -8.57
C GLY A 79 -4.73 7.08 -7.11
N VAL A 80 -3.77 6.58 -6.31
CA VAL A 80 -3.75 6.88 -4.90
C VAL A 80 -3.18 8.23 -4.66
N TYR A 81 -2.27 8.74 -5.51
CA TYR A 81 -1.70 10.05 -5.41
C TYR A 81 -2.73 11.12 -5.46
N ARG A 82 -3.73 11.00 -6.35
CA ARG A 82 -4.85 11.88 -6.42
C ARG A 82 -5.73 11.82 -5.22
N TYR A 83 -6.13 10.62 -4.76
CA TYR A 83 -6.94 10.41 -3.60
C TYR A 83 -6.33 11.00 -2.38
N LEU A 84 -5.04 10.72 -2.13
CA LEU A 84 -4.27 11.23 -1.05
C LEU A 84 -4.14 12.71 -1.04
N GLU A 85 -4.13 13.39 -2.20
CA GLU A 85 -3.94 14.80 -2.27
C GLU A 85 -5.21 15.56 -2.05
N MET A 86 -6.42 15.00 -2.22
CA MET A 86 -7.63 15.63 -1.78
C MET A 86 -8.06 15.17 -0.44
N TYR A 87 -7.94 13.87 -0.10
CA TYR A 87 -8.31 13.40 1.21
C TYR A 87 -7.19 13.54 2.17
N THR A 88 -6.14 12.69 2.13
CA THR A 88 -5.34 12.62 3.31
C THR A 88 -4.06 11.91 3.00
N ASN A 89 -2.89 12.49 3.33
CA ASN A 89 -1.63 11.87 3.06
C ASN A 89 -1.38 10.77 4.04
N LYS A 90 -0.74 9.68 3.59
CA LYS A 90 -0.82 8.40 4.23
C LYS A 90 0.12 8.27 5.42
N ASN A 2 9.53 -13.38 -2.63
CA ASN A 2 8.90 -12.35 -3.39
C ASN A 2 9.92 -11.37 -3.86
N LYS A 3 9.52 -10.36 -4.65
CA LYS A 3 10.24 -9.12 -4.74
C LYS A 3 9.52 -8.13 -3.89
N ASN A 4 10.22 -7.21 -3.20
CA ASN A 4 9.72 -6.06 -2.53
C ASN A 4 8.72 -5.23 -3.24
N ILE A 5 8.74 -5.25 -4.59
CA ILE A 5 7.82 -4.64 -5.48
C ILE A 5 6.48 -5.29 -5.45
N ASP A 6 6.37 -6.64 -5.44
CA ASP A 6 5.24 -7.40 -4.99
C ASP A 6 4.63 -6.92 -3.73
N THR A 7 5.34 -6.92 -2.58
CA THR A 7 4.78 -6.50 -1.34
C THR A 7 4.28 -5.09 -1.31
N VAL A 8 4.85 -4.20 -2.14
CA VAL A 8 4.41 -2.83 -2.16
C VAL A 8 3.27 -2.65 -3.11
N ARG A 9 3.29 -3.29 -4.30
CA ARG A 9 2.26 -3.09 -5.27
C ARG A 9 0.95 -3.67 -4.86
N GLU A 10 1.00 -4.67 -3.95
CA GLU A 10 -0.10 -5.20 -3.21
C GLU A 10 -0.71 -4.20 -2.27
N ILE A 11 0.07 -3.53 -1.40
CA ILE A 11 -0.35 -2.40 -0.63
C ILE A 11 -1.12 -1.38 -1.39
N ILE A 12 -0.51 -0.97 -2.51
CA ILE A 12 -0.93 0.01 -3.47
C ILE A 12 -2.24 -0.35 -4.09
N THR A 13 -2.29 -1.53 -4.75
CA THR A 13 -3.44 -2.04 -5.44
C THR A 13 -4.64 -2.16 -4.56
N VAL A 14 -4.53 -2.82 -3.40
CA VAL A 14 -5.64 -3.10 -2.55
C VAL A 14 -6.16 -1.85 -1.91
N ALA A 15 -5.26 -1.02 -1.36
CA ALA A 15 -5.54 0.30 -0.86
C ALA A 15 -6.41 1.17 -1.71
N SER A 16 -6.04 1.33 -2.98
CA SER A 16 -6.72 2.23 -3.88
C SER A 16 -8.04 1.66 -4.25
N ILE A 17 -8.11 0.32 -4.44
CA ILE A 17 -9.34 -0.37 -4.68
C ILE A 17 -10.35 -0.18 -3.59
N LEU A 18 -10.02 -0.25 -2.29
CA LEU A 18 -10.98 -0.05 -1.25
C LEU A 18 -11.18 1.41 -0.99
N ILE A 19 -10.11 2.24 -0.86
CA ILE A 19 -10.34 3.60 -0.51
C ILE A 19 -10.91 4.46 -1.59
N LYS A 20 -10.54 4.31 -2.87
CA LYS A 20 -10.98 5.22 -3.87
C LYS A 20 -12.47 5.27 -4.07
N PHE A 21 -13.20 4.17 -4.28
CA PHE A 21 -14.62 4.22 -4.41
C PHE A 21 -15.41 3.53 -3.35
N SER A 22 -14.88 3.23 -2.16
CA SER A 22 -15.75 2.99 -1.05
C SER A 22 -15.38 3.84 0.13
N ARG A 23 -14.50 3.36 1.02
CA ARG A 23 -14.52 3.81 2.38
C ARG A 23 -13.27 4.51 2.79
N GLU A 24 -13.37 5.79 3.20
CA GLU A 24 -12.26 6.66 3.42
C GLU A 24 -11.72 6.56 4.81
N ASP A 25 -12.65 6.66 5.78
CA ASP A 25 -12.62 6.48 7.20
C ASP A 25 -11.56 5.61 7.78
N ILE A 26 -11.33 4.41 7.22
CA ILE A 26 -10.29 3.51 7.60
C ILE A 26 -8.90 4.00 7.38
N VAL A 27 -8.64 4.66 6.25
CA VAL A 27 -7.37 5.21 5.90
C VAL A 27 -6.97 6.36 6.77
N GLU A 28 -7.93 7.18 7.24
CA GLU A 28 -7.74 8.20 8.22
C GLU A 28 -6.91 7.89 9.41
N ASN A 29 -7.02 6.63 9.90
CA ASN A 29 -6.36 6.09 11.05
C ASN A 29 -5.89 4.72 10.72
N ARG A 30 -4.58 4.48 10.55
CA ARG A 30 -4.21 3.63 9.45
C ARG A 30 -4.19 2.20 9.83
N ALA A 31 -4.07 1.78 11.11
CA ALA A 31 -4.30 0.43 11.49
C ALA A 31 -5.65 -0.15 11.26
N ASN A 32 -6.68 0.60 10.85
CA ASN A 32 -7.98 0.09 10.53
C ASN A 32 -8.08 -0.27 9.09
N PHE A 33 -7.16 0.37 8.33
CA PHE A 33 -6.90 0.15 6.94
C PHE A 33 -6.19 -1.15 6.78
N ILE A 34 -5.12 -1.31 7.57
CA ILE A 34 -4.30 -2.47 7.62
C ILE A 34 -5.16 -3.65 7.91
N ALA A 35 -5.92 -3.59 9.02
CA ALA A 35 -6.51 -4.81 9.49
C ALA A 35 -7.60 -5.35 8.63
N PHE A 36 -8.39 -4.57 7.85
CA PHE A 36 -9.36 -5.13 6.98
C PHE A 36 -8.71 -5.56 5.71
N LEU A 37 -7.48 -5.09 5.43
CA LEU A 37 -6.74 -5.61 4.34
C LEU A 37 -6.02 -6.89 4.66
N ASN A 38 -5.86 -7.28 5.93
CA ASN A 38 -5.26 -8.52 6.28
C ASN A 38 -6.26 -9.62 6.41
N GLU A 39 -7.56 -9.34 6.59
CA GLU A 39 -8.66 -10.20 6.24
C GLU A 39 -8.62 -10.96 4.96
N ILE A 40 -8.15 -10.34 3.87
CA ILE A 40 -7.81 -10.94 2.61
C ILE A 40 -6.97 -12.16 2.67
N GLY A 41 -6.01 -12.21 3.62
CA GLY A 41 -5.08 -13.28 3.76
C GLY A 41 -3.67 -12.88 3.49
N VAL A 42 -3.44 -11.56 3.35
CA VAL A 42 -2.19 -10.89 3.46
C VAL A 42 -1.51 -11.17 4.76
N THR A 43 -0.55 -12.12 4.73
CA THR A 43 0.43 -12.33 5.75
C THR A 43 1.80 -12.17 5.19
N HIS A 44 2.72 -11.75 6.07
CA HIS A 44 4.11 -11.66 5.73
C HIS A 44 4.96 -12.25 6.79
N GLU A 45 6.06 -11.61 7.23
CA GLU A 45 7.16 -12.23 7.88
C GLU A 45 6.91 -12.72 9.26
N GLY A 46 6.24 -13.87 9.43
CA GLY A 46 5.94 -14.42 10.72
C GLY A 46 4.56 -14.05 11.17
N ARG A 47 4.01 -12.96 10.60
CA ARG A 47 3.02 -12.16 11.24
C ARG A 47 2.01 -11.68 10.25
N LYS A 48 0.93 -11.02 10.71
CA LYS A 48 0.19 -10.04 9.97
C LYS A 48 1.03 -8.85 9.66
N LEU A 49 0.60 -7.79 8.97
CA LEU A 49 1.37 -6.59 8.92
C LEU A 49 1.24 -5.80 10.18
N ASN A 50 2.23 -4.94 10.43
CA ASN A 50 2.20 -3.97 11.48
C ASN A 50 2.14 -2.63 10.83
N GLN A 51 2.04 -1.52 11.57
CA GLN A 51 2.06 -0.22 10.96
C GLN A 51 3.49 0.01 10.64
N ASN A 52 4.29 -0.24 11.69
CA ASN A 52 5.70 -0.09 11.84
C ASN A 52 6.55 -0.83 10.88
N SER A 53 6.06 -1.92 10.26
CA SER A 53 6.78 -2.69 9.29
C SER A 53 7.12 -1.94 8.05
N PHE A 54 6.58 -0.72 7.90
CA PHE A 54 6.65 0.10 6.73
C PHE A 54 8.00 0.68 6.50
N ARG A 55 8.90 0.64 7.51
CA ARG A 55 10.30 0.87 7.34
C ARG A 55 10.99 -0.05 6.38
N LYS A 56 10.94 -1.37 6.60
CA LYS A 56 11.47 -2.41 5.75
C LYS A 56 10.56 -2.80 4.64
N ILE A 57 9.32 -2.30 4.62
CA ILE A 57 8.75 -1.82 3.39
C ILE A 57 9.56 -0.76 2.72
N VAL A 58 9.57 0.53 3.09
CA VAL A 58 9.88 1.56 2.15
C VAL A 58 11.33 1.72 1.86
N SER A 59 12.18 1.61 2.89
CA SER A 59 13.57 1.92 2.90
C SER A 59 14.39 1.08 1.98
N GLU A 60 14.25 -0.25 2.09
CA GLU A 60 14.72 -1.28 1.21
C GLU A 60 14.65 -1.07 -0.26
N LEU A 61 13.63 -0.34 -0.75
CA LEU A 61 13.33 -0.17 -2.14
C LEU A 61 14.29 0.77 -2.78
N THR A 62 14.57 0.62 -4.08
CA THR A 62 15.77 1.08 -4.72
C THR A 62 15.37 1.97 -5.85
N GLN A 63 16.23 2.15 -6.87
CA GLN A 63 15.88 2.79 -8.10
C GLN A 63 15.21 1.85 -9.03
N GLU A 64 15.55 0.55 -8.95
CA GLU A 64 14.90 -0.54 -9.62
C GLU A 64 13.43 -0.48 -9.53
N ASP A 65 12.93 -0.35 -8.28
CA ASP A 65 11.57 -0.27 -7.86
C ASP A 65 10.84 0.77 -8.65
N LYS A 66 11.32 2.02 -8.55
CA LYS A 66 10.78 3.23 -9.10
C LYS A 66 10.17 3.09 -10.46
N LYS A 67 11.05 2.77 -11.43
CA LYS A 67 10.66 2.66 -12.79
C LYS A 67 10.13 1.31 -13.14
N THR A 68 10.56 0.21 -12.52
CA THR A 68 10.00 -1.10 -12.71
C THR A 68 8.53 -1.11 -12.51
N LEU A 69 8.12 -0.56 -11.34
CA LEU A 69 6.79 -0.46 -10.84
C LEU A 69 5.88 0.22 -11.81
N ILE A 70 6.23 1.48 -12.12
CA ILE A 70 5.32 2.47 -12.63
C ILE A 70 4.91 1.99 -13.98
N ASP A 71 5.89 1.36 -14.64
CA ASP A 71 5.94 0.80 -15.96
C ASP A 71 4.97 -0.32 -16.12
N GLU A 72 4.93 -1.27 -15.17
CA GLU A 72 4.01 -2.35 -15.18
C GLU A 72 2.63 -1.91 -14.81
N PHE A 73 2.49 -1.10 -13.74
CA PHE A 73 1.22 -0.65 -13.26
C PHE A 73 1.22 0.79 -12.93
N ASN A 74 0.68 1.65 -13.81
CA ASN A 74 0.63 3.07 -13.63
C ASN A 74 -0.45 3.56 -12.73
N GLU A 75 -1.65 2.95 -12.81
CA GLU A 75 -2.88 3.58 -12.45
C GLU A 75 -3.14 3.70 -11.00
N GLY A 76 -2.86 2.64 -10.22
CA GLY A 76 -2.95 2.64 -8.79
C GLY A 76 -2.01 3.58 -8.11
N PHE A 77 -0.79 3.77 -8.66
CA PHE A 77 0.22 4.66 -8.19
C PHE A 77 -0.23 6.08 -8.18
N GLU A 78 -0.76 6.59 -9.30
CA GLU A 78 -1.32 7.90 -9.38
C GLU A 78 -2.57 8.05 -8.55
N GLY A 79 -3.35 6.97 -8.45
CA GLY A 79 -4.56 6.91 -7.68
C GLY A 79 -4.41 7.03 -6.20
N VAL A 80 -3.28 6.56 -5.64
CA VAL A 80 -3.03 6.66 -4.22
C VAL A 80 -2.45 8.00 -3.91
N TYR A 81 -1.60 8.54 -4.79
CA TYR A 81 -1.00 9.84 -4.64
C TYR A 81 -1.97 10.95 -4.74
N ARG A 82 -2.92 10.90 -5.71
CA ARG A 82 -3.99 11.83 -5.87
C ARG A 82 -4.84 11.93 -4.65
N TYR A 83 -5.23 10.77 -4.07
CA TYR A 83 -6.00 10.75 -2.87
C TYR A 83 -5.20 11.14 -1.68
N LEU A 84 -3.94 10.72 -1.51
CA LEU A 84 -3.08 11.05 -0.43
C LEU A 84 -3.00 12.49 -0.08
N GLU A 85 -2.81 13.34 -1.11
CA GLU A 85 -2.79 14.77 -0.98
C GLU A 85 -4.13 15.31 -0.60
N MET A 86 -5.22 14.70 -1.11
CA MET A 86 -6.56 15.12 -0.88
C MET A 86 -7.09 14.83 0.47
N TYR A 87 -6.89 13.62 1.03
CA TYR A 87 -7.40 13.26 2.31
C TYR A 87 -6.53 13.72 3.44
N THR A 88 -5.35 13.13 3.71
CA THR A 88 -4.70 13.46 4.94
C THR A 88 -3.30 12.97 4.96
N ASN A 89 -2.33 13.81 5.35
CA ASN A 89 -0.97 13.42 5.49
C ASN A 89 -0.71 13.04 6.91
N LYS A 90 0.09 11.99 7.16
CA LYS A 90 0.27 11.45 8.47
C LYS A 90 1.29 12.29 9.23
N ASN A 2 6.85 -14.31 -4.08
CA ASN A 2 7.20 -13.25 -3.19
C ASN A 2 8.22 -12.36 -3.84
N LYS A 3 7.81 -11.22 -4.42
CA LYS A 3 8.64 -10.10 -4.66
C LYS A 3 8.13 -9.00 -3.80
N ASN A 4 9.01 -8.08 -3.36
CA ASN A 4 8.68 -6.93 -2.58
C ASN A 4 7.71 -6.03 -3.29
N ILE A 5 7.88 -5.91 -4.61
CA ILE A 5 7.12 -5.08 -5.50
C ILE A 5 5.71 -5.56 -5.62
N ASP A 6 5.52 -6.85 -5.94
CA ASP A 6 4.36 -7.66 -5.74
C ASP A 6 3.59 -7.44 -4.48
N THR A 7 4.23 -7.52 -3.30
CA THR A 7 3.60 -7.24 -2.04
C THR A 7 3.16 -5.81 -1.96
N VAL A 8 4.06 -4.85 -2.22
CA VAL A 8 3.78 -3.45 -2.25
C VAL A 8 2.72 -3.00 -3.20
N ARG A 9 2.68 -3.42 -4.47
CA ARG A 9 1.70 -2.98 -5.40
C ARG A 9 0.31 -3.36 -5.00
N GLU A 10 0.20 -4.58 -4.43
CA GLU A 10 -0.94 -5.11 -3.76
C GLU A 10 -1.40 -4.32 -2.58
N ILE A 11 -0.53 -3.76 -1.73
CA ILE A 11 -0.87 -2.84 -0.70
C ILE A 11 -1.62 -1.66 -1.23
N ILE A 12 -1.07 -1.04 -2.29
CA ILE A 12 -1.59 0.13 -2.93
C ILE A 12 -2.92 -0.15 -3.54
N THR A 13 -3.01 -1.20 -4.37
CA THR A 13 -4.16 -1.62 -5.12
C THR A 13 -5.39 -1.79 -4.29
N VAL A 14 -5.32 -2.71 -3.32
CA VAL A 14 -6.46 -3.20 -2.60
C VAL A 14 -7.02 -2.15 -1.68
N ALA A 15 -6.13 -1.35 -1.08
CA ALA A 15 -6.46 -0.19 -0.33
C ALA A 15 -7.21 0.87 -1.07
N SER A 16 -6.61 1.30 -2.19
CA SER A 16 -7.12 2.33 -3.06
C SER A 16 -8.46 1.96 -3.61
N ILE A 17 -8.67 0.72 -4.07
CA ILE A 17 -9.95 0.33 -4.58
C ILE A 17 -11.02 0.22 -3.54
N LEU A 18 -10.71 0.07 -2.23
CA LEU A 18 -11.71 0.20 -1.22
C LEU A 18 -11.95 1.63 -0.88
N ILE A 19 -10.94 2.48 -0.67
CA ILE A 19 -11.18 3.82 -0.21
C ILE A 19 -11.79 4.76 -1.19
N LYS A 20 -11.48 4.64 -2.50
CA LYS A 20 -12.03 5.38 -3.60
C LYS A 20 -13.49 5.69 -3.54
N PHE A 21 -14.43 4.90 -4.07
CA PHE A 21 -15.79 5.35 -4.09
C PHE A 21 -16.63 4.78 -3.00
N SER A 22 -16.04 4.24 -1.92
CA SER A 22 -16.78 3.63 -0.86
C SER A 22 -16.57 4.26 0.47
N ARG A 23 -15.48 3.93 1.18
CA ARG A 23 -15.34 4.21 2.57
C ARG A 23 -13.92 4.56 2.88
N GLU A 24 -13.65 5.83 3.22
CA GLU A 24 -12.35 6.37 3.43
C GLU A 24 -11.87 6.18 4.83
N ASP A 25 -12.80 6.07 5.80
CA ASP A 25 -12.62 5.91 7.21
C ASP A 25 -11.49 5.04 7.65
N ILE A 26 -11.26 3.94 6.91
CA ILE A 26 -10.27 2.94 7.16
C ILE A 26 -8.88 3.45 7.03
N VAL A 27 -8.57 4.22 5.97
CA VAL A 27 -7.27 4.75 5.71
C VAL A 27 -6.90 5.92 6.57
N GLU A 28 -7.90 6.71 6.98
CA GLU A 28 -7.79 7.80 7.89
C GLU A 28 -7.25 7.45 9.24
N ASN A 29 -7.68 6.26 9.69
CA ASN A 29 -7.31 5.67 10.94
C ASN A 29 -6.43 4.53 10.60
N ARG A 30 -5.11 4.71 10.42
CA ARG A 30 -4.14 3.77 9.97
C ARG A 30 -4.19 2.36 10.46
N ALA A 31 -4.39 2.13 11.77
CA ALA A 31 -4.41 0.84 12.37
C ALA A 31 -5.55 -0.02 11.93
N ASN A 32 -6.59 0.64 11.39
CA ASN A 32 -7.73 0.04 10.76
C ASN A 32 -7.42 -0.34 9.36
N PHE A 33 -6.67 0.48 8.60
CA PHE A 33 -6.21 0.17 7.28
C PHE A 33 -5.38 -1.06 7.29
N ILE A 34 -4.30 -1.13 8.09
CA ILE A 34 -3.40 -2.25 8.11
C ILE A 34 -4.10 -3.49 8.53
N ALA A 35 -4.75 -3.48 9.70
CA ALA A 35 -5.39 -4.65 10.20
C ALA A 35 -6.61 -5.08 9.45
N PHE A 36 -7.10 -4.28 8.49
CA PHE A 36 -8.04 -4.71 7.51
C PHE A 36 -7.35 -5.37 6.37
N LEU A 37 -6.11 -5.02 6.00
CA LEU A 37 -5.28 -5.87 5.19
C LEU A 37 -4.96 -7.18 5.81
N ASN A 38 -5.07 -7.36 7.14
CA ASN A 38 -4.91 -8.66 7.71
C ASN A 38 -6.07 -9.53 7.41
N GLU A 39 -7.32 -9.06 7.56
CA GLU A 39 -8.51 -9.65 7.03
C GLU A 39 -8.43 -10.27 5.68
N ILE A 40 -7.91 -9.54 4.68
CA ILE A 40 -7.70 -9.97 3.33
C ILE A 40 -6.76 -11.12 3.23
N GLY A 41 -5.73 -11.10 4.08
CA GLY A 41 -4.74 -12.13 4.17
C GLY A 41 -3.40 -11.67 3.71
N VAL A 42 -2.97 -10.45 4.10
CA VAL A 42 -1.71 -9.92 3.68
C VAL A 42 -0.69 -9.86 4.76
N THR A 43 0.51 -10.32 4.38
CA THR A 43 1.54 -10.90 5.18
C THR A 43 2.89 -10.50 4.68
N HIS A 44 3.92 -10.82 5.47
CA HIS A 44 5.29 -10.53 5.17
C HIS A 44 6.18 -11.61 5.69
N GLU A 45 7.24 -11.25 6.44
CA GLU A 45 8.25 -12.16 6.91
C GLU A 45 7.78 -13.00 8.03
N GLY A 46 6.98 -14.02 7.72
CA GLY A 46 6.41 -14.94 8.66
C GLY A 46 5.15 -14.47 9.31
N ARG A 47 4.92 -13.15 9.37
CA ARG A 47 3.91 -12.55 10.19
C ARG A 47 2.90 -11.84 9.34
N LYS A 48 1.73 -11.54 9.90
CA LYS A 48 0.74 -10.61 9.41
C LYS A 48 1.33 -9.26 9.19
N LEU A 49 0.90 -8.46 8.20
CA LEU A 49 1.58 -7.24 7.91
C LEU A 49 1.32 -6.19 8.92
N ASN A 50 2.37 -5.63 9.55
CA ASN A 50 2.28 -4.73 10.65
C ASN A 50 2.61 -3.32 10.29
N GLN A 51 2.00 -2.33 10.97
CA GLN A 51 2.07 -0.94 10.61
C GLN A 51 3.43 -0.35 10.84
N ASN A 52 4.15 -0.82 11.86
CA ASN A 52 5.49 -0.44 12.16
C ASN A 52 6.54 -0.86 11.19
N SER A 53 6.28 -1.81 10.28
CA SER A 53 7.22 -2.45 9.42
C SER A 53 7.58 -1.73 8.16
N PHE A 54 7.41 -0.39 8.10
CA PHE A 54 7.76 0.45 7.01
C PHE A 54 9.19 0.40 6.57
N ARG A 55 10.17 0.29 7.48
CA ARG A 55 11.55 0.13 7.16
C ARG A 55 11.85 -1.11 6.38
N LYS A 56 11.36 -2.27 6.86
CA LYS A 56 11.45 -3.55 6.22
C LYS A 56 10.91 -3.65 4.84
N ILE A 57 9.95 -2.77 4.47
CA ILE A 57 9.57 -2.49 3.11
C ILE A 57 10.41 -1.43 2.51
N VAL A 58 10.37 -0.13 2.88
CA VAL A 58 10.70 0.90 1.95
C VAL A 58 12.14 0.97 1.58
N SER A 59 13.05 0.74 2.54
CA SER A 59 14.46 0.64 2.35
C SER A 59 14.95 -0.67 1.84
N GLU A 60 14.09 -1.68 1.62
CA GLU A 60 14.50 -2.84 0.88
C GLU A 60 14.28 -2.68 -0.58
N LEU A 61 13.49 -1.67 -0.97
CA LEU A 61 13.30 -1.24 -2.31
C LEU A 61 14.36 -0.28 -2.74
N THR A 62 15.09 -0.55 -3.84
CA THR A 62 16.10 0.32 -4.36
C THR A 62 15.51 1.24 -5.35
N GLN A 63 16.29 2.11 -6.02
CA GLN A 63 15.86 2.92 -7.11
C GLN A 63 15.40 2.12 -8.29
N GLU A 64 16.14 1.02 -8.55
CA GLU A 64 15.81 -0.10 -9.36
C GLU A 64 14.40 -0.56 -9.24
N ASP A 65 14.05 -0.97 -8.01
CA ASP A 65 12.76 -1.45 -7.60
C ASP A 65 11.72 -0.39 -7.68
N LYS A 66 12.04 0.82 -7.17
CA LYS A 66 11.17 1.93 -6.98
C LYS A 66 10.43 2.28 -8.21
N LYS A 67 11.22 2.45 -9.30
CA LYS A 67 10.77 2.88 -10.58
C LYS A 67 10.19 1.74 -11.36
N THR A 68 10.68 0.50 -11.18
CA THR A 68 10.09 -0.69 -11.72
C THR A 68 8.64 -0.83 -11.39
N LEU A 69 8.31 -0.60 -10.11
CA LEU A 69 7.00 -0.65 -9.57
C LEU A 69 6.06 0.29 -10.24
N ILE A 70 6.48 1.57 -10.29
CA ILE A 70 5.85 2.65 -10.98
C ILE A 70 5.67 2.40 -12.43
N ASP A 71 6.71 2.02 -13.19
CA ASP A 71 6.69 1.64 -14.57
C ASP A 71 5.69 0.59 -14.90
N GLU A 72 5.77 -0.56 -14.21
CA GLU A 72 4.94 -1.70 -14.48
C GLU A 72 3.52 -1.53 -14.04
N PHE A 73 3.27 -0.83 -12.91
CA PHE A 73 1.96 -0.58 -12.39
C PHE A 73 1.71 0.88 -12.25
N ASN A 74 1.56 1.61 -13.37
CA ASN A 74 1.35 3.02 -13.38
C ASN A 74 -0.03 3.40 -12.98
N GLU A 75 -0.99 2.48 -13.14
CA GLU A 75 -2.33 2.56 -12.65
C GLU A 75 -2.43 2.74 -11.17
N GLY A 76 -1.57 2.05 -10.41
CA GLY A 76 -1.47 2.17 -8.99
C GLY A 76 -1.01 3.51 -8.52
N PHE A 77 -0.01 4.09 -9.22
CA PHE A 77 0.51 5.40 -9.00
C PHE A 77 -0.55 6.45 -9.12
N GLU A 78 -1.29 6.46 -10.25
CA GLU A 78 -2.37 7.35 -10.55
C GLU A 78 -3.32 7.59 -9.43
N GLY A 79 -4.06 6.54 -9.02
CA GLY A 79 -5.04 6.63 -7.98
C GLY A 79 -4.56 7.17 -6.68
N VAL A 80 -3.53 6.55 -6.07
CA VAL A 80 -3.07 6.93 -4.77
C VAL A 80 -2.33 8.23 -4.70
N TYR A 81 -1.78 8.73 -5.83
CA TYR A 81 -1.26 10.05 -5.96
C TYR A 81 -2.32 11.08 -5.77
N ARG A 82 -3.42 11.00 -6.54
CA ARG A 82 -4.51 11.93 -6.44
C ARG A 82 -5.25 11.84 -5.15
N TYR A 83 -5.45 10.63 -4.61
CA TYR A 83 -6.05 10.43 -3.34
C TYR A 83 -5.26 11.04 -2.23
N LEU A 84 -3.93 10.84 -2.17
CA LEU A 84 -3.11 11.38 -1.14
C LEU A 84 -3.10 12.86 -1.10
N GLU A 85 -3.04 13.52 -2.28
CA GLU A 85 -3.07 14.94 -2.40
C GLU A 85 -4.35 15.52 -1.88
N MET A 86 -5.51 14.97 -2.26
CA MET A 86 -6.78 15.50 -1.89
C MET A 86 -7.23 15.13 -0.51
N TYR A 87 -7.04 13.86 -0.07
CA TYR A 87 -7.52 13.40 1.19
C TYR A 87 -6.48 13.42 2.26
N THR A 88 -5.50 12.50 2.26
CA THR A 88 -4.88 12.17 3.51
C THR A 88 -3.65 11.36 3.28
N ASN A 89 -2.79 11.15 4.28
CA ASN A 89 -1.57 10.42 4.12
C ASN A 89 -1.73 9.03 4.62
N LYS A 90 -1.30 8.02 3.83
CA LYS A 90 -1.29 6.66 4.26
C LYS A 90 -0.23 6.45 5.34
N ASN A 2 8.70 -7.46 -8.42
CA ASN A 2 9.57 -8.52 -8.81
C ASN A 2 9.58 -9.51 -7.69
N LYS A 3 9.63 -8.89 -6.49
CA LYS A 3 9.96 -9.39 -5.20
C LYS A 3 9.24 -8.58 -4.17
N ASN A 4 9.78 -7.43 -3.72
CA ASN A 4 9.17 -6.61 -2.73
C ASN A 4 8.22 -5.64 -3.34
N ILE A 5 8.50 -5.10 -4.54
CA ILE A 5 7.57 -4.22 -5.20
C ILE A 5 6.34 -4.91 -5.67
N ASP A 6 6.38 -6.22 -5.99
CA ASP A 6 5.28 -7.13 -5.94
C ASP A 6 4.43 -7.07 -4.71
N THR A 7 4.98 -7.39 -3.53
CA THR A 7 4.32 -7.36 -2.26
C THR A 7 3.64 -6.07 -1.95
N VAL A 8 4.38 -4.95 -1.98
CA VAL A 8 3.91 -3.60 -1.97
C VAL A 8 2.84 -3.22 -2.93
N ARG A 9 2.98 -3.38 -4.26
CA ARG A 9 2.00 -2.97 -5.21
C ARG A 9 0.69 -3.63 -5.04
N GLU A 10 0.67 -4.91 -4.60
CA GLU A 10 -0.50 -5.61 -4.20
C GLU A 10 -1.24 -4.96 -3.09
N ILE A 11 -0.54 -4.50 -2.05
CA ILE A 11 -1.09 -3.86 -0.89
C ILE A 11 -1.58 -2.49 -1.20
N ILE A 12 -0.93 -1.79 -2.16
CA ILE A 12 -1.33 -0.48 -2.57
C ILE A 12 -2.56 -0.58 -3.39
N THR A 13 -2.69 -1.64 -4.21
CA THR A 13 -3.81 -1.92 -5.05
C THR A 13 -5.03 -2.20 -4.24
N VAL A 14 -5.01 -3.21 -3.35
CA VAL A 14 -6.13 -3.53 -2.53
C VAL A 14 -6.57 -2.45 -1.59
N ALA A 15 -5.64 -1.59 -1.11
CA ALA A 15 -5.98 -0.43 -0.34
C ALA A 15 -6.52 0.70 -1.14
N SER A 16 -6.21 0.78 -2.45
CA SER A 16 -6.83 1.71 -3.34
C SER A 16 -8.25 1.35 -3.63
N ILE A 17 -8.56 0.06 -3.82
CA ILE A 17 -9.87 -0.50 -4.01
C ILE A 17 -10.78 -0.18 -2.89
N LEU A 18 -10.37 -0.49 -1.64
CA LEU A 18 -10.89 -0.02 -0.40
C LEU A 18 -11.35 1.39 -0.35
N ILE A 19 -10.43 2.36 -0.53
CA ILE A 19 -10.74 3.74 -0.38
C ILE A 19 -11.48 4.36 -1.52
N LYS A 20 -11.25 3.92 -2.77
CA LYS A 20 -11.92 4.38 -3.94
C LYS A 20 -13.41 4.40 -3.82
N PHE A 21 -14.09 3.24 -3.86
CA PHE A 21 -15.51 3.19 -3.93
C PHE A 21 -16.19 2.64 -2.72
N SER A 22 -15.51 2.59 -1.55
CA SER A 22 -16.15 2.13 -0.35
C SER A 22 -16.05 3.13 0.74
N ARG A 23 -14.90 3.12 1.45
CA ARG A 23 -14.68 3.92 2.62
C ARG A 23 -13.29 4.43 2.72
N GLU A 24 -13.16 5.78 2.76
CA GLU A 24 -11.96 6.49 3.02
C GLU A 24 -11.79 6.68 4.49
N ASP A 25 -12.87 6.56 5.28
CA ASP A 25 -12.90 6.90 6.68
C ASP A 25 -11.93 6.10 7.49
N ILE A 26 -11.69 4.88 6.98
CA ILE A 26 -10.87 3.84 7.53
C ILE A 26 -9.44 4.20 7.34
N VAL A 27 -9.13 4.93 6.26
CA VAL A 27 -7.83 5.43 5.91
C VAL A 27 -7.42 6.57 6.77
N GLU A 28 -8.37 7.35 7.34
CA GLU A 28 -8.11 8.42 8.25
C GLU A 28 -7.72 7.96 9.61
N ASN A 29 -7.64 6.63 9.79
CA ASN A 29 -7.08 6.00 10.95
C ASN A 29 -6.28 4.83 10.49
N ARG A 30 -4.95 4.99 10.35
CA ARG A 30 -4.11 4.05 9.67
C ARG A 30 -3.96 2.72 10.35
N ALA A 31 -4.31 2.64 11.63
CA ALA A 31 -4.38 1.41 12.38
C ALA A 31 -5.59 0.62 12.05
N ASN A 32 -6.76 1.26 11.88
CA ASN A 32 -7.94 0.65 11.34
C ASN A 32 -7.75 0.24 9.92
N PHE A 33 -7.31 1.10 8.99
CA PHE A 33 -6.91 0.75 7.66
C PHE A 33 -6.18 -0.54 7.47
N ILE A 34 -5.14 -0.79 8.30
CA ILE A 34 -4.22 -1.89 8.19
C ILE A 34 -4.85 -3.11 8.76
N ALA A 35 -5.63 -2.96 9.84
CA ALA A 35 -6.29 -4.07 10.46
C ALA A 35 -7.39 -4.59 9.59
N PHE A 36 -8.14 -3.70 8.92
CA PHE A 36 -9.03 -4.07 7.86
C PHE A 36 -8.36 -4.81 6.75
N LEU A 37 -7.20 -4.34 6.24
CA LEU A 37 -6.50 -5.04 5.21
C LEU A 37 -5.81 -6.30 5.60
N ASN A 38 -5.72 -6.61 6.91
CA ASN A 38 -5.19 -7.84 7.42
C ASN A 38 -6.17 -8.95 7.27
N GLU A 39 -7.47 -8.67 7.41
CA GLU A 39 -8.58 -9.46 6.96
C GLU A 39 -8.46 -10.05 5.61
N ILE A 40 -7.99 -9.33 4.57
CA ILE A 40 -7.73 -9.83 3.26
C ILE A 40 -6.93 -11.08 3.16
N GLY A 41 -5.97 -11.29 4.07
CA GLY A 41 -4.98 -12.33 3.96
C GLY A 41 -3.62 -11.79 3.72
N VAL A 42 -3.28 -10.63 4.29
CA VAL A 42 -2.01 -9.99 4.12
C VAL A 42 -1.04 -10.44 5.16
N THR A 43 -0.11 -11.32 4.77
CA THR A 43 0.88 -11.92 5.61
C THR A 43 2.23 -11.67 5.02
N HIS A 44 3.24 -11.34 5.84
CA HIS A 44 4.59 -11.20 5.38
C HIS A 44 5.36 -12.36 5.91
N GLU A 45 6.54 -12.19 6.54
CA GLU A 45 7.33 -13.31 6.97
C GLU A 45 6.68 -14.15 8.02
N GLY A 46 5.75 -15.05 7.66
CA GLY A 46 4.89 -15.79 8.54
C GLY A 46 3.77 -15.05 9.18
N ARG A 47 3.91 -13.73 9.39
CA ARG A 47 3.18 -12.97 10.36
C ARG A 47 2.31 -11.92 9.74
N LYS A 48 1.43 -11.29 10.54
CA LYS A 48 0.45 -10.29 10.21
C LYS A 48 1.11 -8.97 10.03
N LEU A 49 0.46 -7.96 9.42
CA LEU A 49 1.12 -6.77 9.01
C LEU A 49 1.02 -5.69 10.05
N ASN A 50 2.16 -5.11 10.43
CA ASN A 50 2.29 -4.08 11.41
C ASN A 50 2.12 -2.71 10.84
N GLN A 51 1.83 -1.70 11.67
CA GLN A 51 1.65 -0.35 11.22
C GLN A 51 2.91 0.44 11.30
N ASN A 52 3.97 -0.17 11.85
CA ASN A 52 5.25 0.43 12.07
C ASN A 52 6.31 -0.05 11.15
N SER A 53 6.04 -1.09 10.32
CA SER A 53 7.02 -1.74 9.51
C SER A 53 7.21 -1.16 8.15
N PHE A 54 6.73 0.07 7.92
CA PHE A 54 7.06 0.94 6.84
C PHE A 54 8.52 1.03 6.55
N ARG A 55 9.34 1.33 7.58
CA ARG A 55 10.77 1.37 7.57
C ARG A 55 11.50 0.28 6.87
N LYS A 56 11.08 -0.99 7.04
CA LYS A 56 11.73 -2.15 6.49
C LYS A 56 11.12 -2.56 5.20
N ILE A 57 9.91 -2.11 4.82
CA ILE A 57 9.41 -2.32 3.50
C ILE A 57 10.15 -1.43 2.55
N VAL A 58 10.21 -0.12 2.84
CA VAL A 58 10.78 0.85 1.95
C VAL A 58 12.25 0.65 1.72
N SER A 59 12.98 0.26 2.78
CA SER A 59 14.34 -0.16 2.76
C SER A 59 14.73 -1.19 1.76
N GLU A 60 13.84 -2.10 1.31
CA GLU A 60 14.21 -3.09 0.34
C GLU A 60 13.75 -2.80 -1.05
N LEU A 61 12.79 -1.87 -1.22
CA LEU A 61 12.45 -1.22 -2.44
C LEU A 61 13.56 -0.35 -2.93
N THR A 62 14.30 -0.89 -3.92
CA THR A 62 15.43 -0.24 -4.53
C THR A 62 15.09 0.70 -5.63
N GLN A 63 16.06 1.16 -6.45
CA GLN A 63 15.84 1.87 -7.67
C GLN A 63 15.26 1.08 -8.79
N GLU A 64 15.70 -0.18 -8.99
CA GLU A 64 14.98 -1.23 -9.65
C GLU A 64 13.50 -1.28 -9.47
N ASP A 65 13.06 -1.38 -8.19
CA ASP A 65 11.72 -1.48 -7.75
C ASP A 65 10.93 -0.27 -8.08
N LYS A 66 11.50 0.91 -7.77
CA LYS A 66 11.03 2.20 -8.16
C LYS A 66 10.74 2.28 -9.62
N LYS A 67 11.69 1.99 -10.52
CA LYS A 67 11.50 2.09 -11.93
C LYS A 67 10.38 1.27 -12.44
N THR A 68 10.34 0.00 -11.99
CA THR A 68 9.36 -1.01 -12.22
C THR A 68 7.94 -0.63 -11.90
N LEU A 69 7.70 0.00 -10.73
CA LEU A 69 6.42 0.49 -10.32
C LEU A 69 5.78 1.45 -11.27
N ILE A 70 6.48 2.58 -11.39
CA ILE A 70 6.29 3.78 -12.15
C ILE A 70 5.96 3.52 -13.58
N ASP A 71 6.96 2.94 -14.26
CA ASP A 71 7.00 2.61 -15.66
C ASP A 71 5.98 1.63 -16.14
N GLU A 72 5.83 0.47 -15.49
CA GLU A 72 4.98 -0.57 -16.00
C GLU A 72 3.53 -0.25 -15.83
N PHE A 73 3.11 0.23 -14.65
CA PHE A 73 1.73 0.37 -14.33
C PHE A 73 1.42 1.76 -13.88
N ASN A 74 1.29 2.67 -14.87
CA ASN A 74 1.01 4.06 -14.70
C ASN A 74 -0.29 4.34 -14.02
N GLU A 75 -1.33 3.56 -14.37
CA GLU A 75 -2.70 3.73 -14.00
C GLU A 75 -2.99 3.80 -12.54
N GLY A 76 -2.45 2.86 -11.74
CA GLY A 76 -2.69 2.79 -10.33
C GLY A 76 -1.98 3.85 -9.58
N PHE A 77 -0.76 4.23 -10.02
CA PHE A 77 0.04 5.28 -9.47
C PHE A 77 -0.60 6.62 -9.62
N GLU A 78 -1.12 6.93 -10.82
CA GLU A 78 -1.82 8.15 -11.12
C GLU A 78 -3.04 8.37 -10.29
N GLY A 79 -3.78 7.28 -9.99
CA GLY A 79 -4.99 7.36 -9.21
C GLY A 79 -4.73 7.36 -7.75
N VAL A 80 -3.58 6.78 -7.34
CA VAL A 80 -3.23 6.75 -5.96
C VAL A 80 -2.62 8.04 -5.54
N TYR A 81 -1.89 8.76 -6.42
CA TYR A 81 -1.40 10.07 -6.14
C TYR A 81 -2.46 11.08 -5.89
N ARG A 82 -3.56 11.08 -6.65
CA ARG A 82 -4.71 11.88 -6.38
C ARG A 82 -5.37 11.58 -5.08
N TYR A 83 -5.56 10.30 -4.73
CA TYR A 83 -6.11 9.87 -3.48
C TYR A 83 -5.21 10.14 -2.32
N LEU A 84 -3.88 10.10 -2.51
CA LEU A 84 -2.86 10.31 -1.53
C LEU A 84 -2.77 11.72 -1.05
N GLU A 85 -2.93 12.73 -1.94
CA GLU A 85 -2.94 14.10 -1.54
C GLU A 85 -4.14 14.47 -0.74
N MET A 86 -5.33 14.03 -1.20
CA MET A 86 -6.60 14.17 -0.57
C MET A 86 -6.73 13.64 0.82
N TYR A 87 -6.38 12.35 0.93
CA TYR A 87 -6.64 11.45 2.02
C TYR A 87 -5.45 10.97 2.79
N THR A 88 -4.19 11.21 2.39
CA THR A 88 -3.09 11.34 3.31
C THR A 88 -2.40 10.06 3.59
N ASN A 89 -3.14 8.97 3.87
CA ASN A 89 -2.65 7.64 3.99
C ASN A 89 -2.85 6.92 2.70
N LYS A 90 -1.78 6.32 2.14
CA LYS A 90 -1.75 5.78 0.82
C LYS A 90 -2.58 4.51 0.69
N ASN A 2 6.35 -11.92 -2.38
CA ASN A 2 7.14 -12.27 -3.53
C ASN A 2 8.36 -11.43 -3.55
N LYS A 3 8.16 -10.11 -3.65
CA LYS A 3 9.16 -9.10 -3.83
C LYS A 3 8.67 -7.89 -3.11
N ASN A 4 9.48 -6.81 -3.05
CA ASN A 4 9.20 -5.67 -2.22
C ASN A 4 8.30 -4.72 -2.94
N ILE A 5 8.46 -4.58 -4.26
CA ILE A 5 7.47 -4.31 -5.25
C ILE A 5 6.12 -4.90 -5.01
N ASP A 6 5.98 -6.23 -4.96
CA ASP A 6 4.82 -6.95 -4.53
C ASP A 6 4.19 -6.52 -3.26
N THR A 7 4.91 -6.52 -2.12
CA THR A 7 4.40 -6.18 -0.83
C THR A 7 3.88 -4.78 -0.73
N VAL A 8 4.48 -3.86 -1.51
CA VAL A 8 4.14 -2.48 -1.64
C VAL A 8 3.02 -2.22 -2.59
N ARG A 9 3.05 -2.77 -3.82
CA ARG A 9 1.94 -2.74 -4.72
C ARG A 9 0.72 -3.42 -4.22
N GLU A 10 0.84 -4.30 -3.19
CA GLU A 10 -0.25 -4.82 -2.44
C GLU A 10 -0.86 -3.77 -1.58
N ILE A 11 -0.08 -3.15 -0.68
CA ILE A 11 -0.45 -2.03 0.13
C ILE A 11 -1.23 -0.96 -0.55
N ILE A 12 -0.77 -0.46 -1.72
CA ILE A 12 -1.32 0.65 -2.40
C ILE A 12 -2.54 0.26 -3.17
N THR A 13 -2.42 -0.74 -4.05
CA THR A 13 -3.45 -1.22 -4.92
C THR A 13 -4.68 -1.63 -4.19
N VAL A 14 -4.57 -2.51 -3.18
CA VAL A 14 -5.70 -3.05 -2.49
C VAL A 14 -6.39 -1.98 -1.72
N ALA A 15 -5.64 -1.13 -1.00
CA ALA A 15 -6.19 0.06 -0.45
C ALA A 15 -6.95 0.96 -1.37
N SER A 16 -6.40 1.27 -2.56
CA SER A 16 -6.97 2.17 -3.50
C SER A 16 -8.27 1.70 -4.04
N ILE A 17 -8.35 0.39 -4.36
CA ILE A 17 -9.53 -0.30 -4.76
C ILE A 17 -10.68 -0.07 -3.85
N LEU A 18 -10.50 -0.21 -2.53
CA LEU A 18 -11.55 -0.04 -1.58
C LEU A 18 -11.76 1.38 -1.18
N ILE A 19 -10.73 2.19 -0.85
CA ILE A 19 -10.95 3.51 -0.34
C ILE A 19 -11.65 4.45 -1.27
N LYS A 20 -11.44 4.27 -2.59
CA LYS A 20 -12.25 4.80 -3.63
C LYS A 20 -13.72 4.93 -3.41
N PHE A 21 -14.48 3.83 -3.36
CA PHE A 21 -15.91 3.91 -3.29
C PHE A 21 -16.44 3.35 -2.01
N SER A 22 -15.53 3.17 -1.04
CA SER A 22 -15.91 2.70 0.26
C SER A 22 -15.81 3.78 1.28
N ARG A 23 -14.58 4.17 1.66
CA ARG A 23 -14.34 4.73 2.95
C ARG A 23 -12.93 5.22 3.12
N GLU A 24 -12.86 6.49 3.54
CA GLU A 24 -11.74 7.28 3.94
C GLU A 24 -11.45 7.09 5.39
N ASP A 25 -12.48 6.99 6.24
CA ASP A 25 -12.48 6.53 7.59
C ASP A 25 -11.40 5.59 8.03
N ILE A 26 -11.22 4.47 7.34
CA ILE A 26 -10.25 3.44 7.61
C ILE A 26 -8.85 3.93 7.46
N VAL A 27 -8.56 4.54 6.29
CA VAL A 27 -7.30 5.16 5.99
C VAL A 27 -6.92 6.27 6.90
N GLU A 28 -7.82 7.19 7.29
CA GLU A 28 -7.59 8.28 8.19
C GLU A 28 -6.79 8.00 9.42
N ASN A 29 -6.94 6.77 9.94
CA ASN A 29 -6.06 6.32 10.97
C ASN A 29 -5.52 5.03 10.48
N ARG A 30 -4.45 5.14 9.66
CA ARG A 30 -3.68 4.08 9.09
C ARG A 30 -3.56 2.72 9.68
N ALA A 31 -3.32 2.52 10.99
CA ALA A 31 -3.32 1.22 11.59
C ALA A 31 -4.60 0.46 11.56
N ASN A 32 -5.72 1.10 11.19
CA ASN A 32 -7.00 0.48 11.04
C ASN A 32 -7.13 -0.01 9.64
N PHE A 33 -6.70 0.74 8.60
CA PHE A 33 -6.38 0.14 7.34
C PHE A 33 -5.65 -1.15 7.28
N ILE A 34 -4.56 -1.21 8.06
CA ILE A 34 -3.62 -2.29 8.14
C ILE A 34 -4.34 -3.41 8.82
N ALA A 35 -5.07 -3.21 9.92
CA ALA A 35 -5.88 -4.31 10.35
C ALA A 35 -7.04 -4.64 9.49
N PHE A 36 -7.51 -3.82 8.52
CA PHE A 36 -8.57 -4.28 7.69
C PHE A 36 -7.94 -5.09 6.60
N LEU A 37 -6.61 -4.96 6.46
CA LEU A 37 -5.81 -5.80 5.63
C LEU A 37 -5.51 -7.08 6.32
N ASN A 38 -5.57 -7.16 7.66
CA ASN A 38 -5.38 -8.39 8.36
C ASN A 38 -6.66 -9.15 8.40
N GLU A 39 -7.79 -8.55 8.00
CA GLU A 39 -9.00 -9.21 7.59
C GLU A 39 -8.90 -9.92 6.29
N ILE A 40 -8.46 -9.33 5.17
CA ILE A 40 -8.21 -10.00 3.93
C ILE A 40 -7.43 -11.27 3.94
N GLY A 41 -6.42 -11.35 4.83
CA GLY A 41 -5.47 -12.41 4.84
C GLY A 41 -4.31 -12.21 3.93
N VAL A 42 -3.74 -11.00 3.88
CA VAL A 42 -2.54 -10.75 3.16
C VAL A 42 -1.40 -10.98 4.08
N THR A 43 -0.51 -11.93 3.76
CA THR A 43 0.50 -12.40 4.65
C THR A 43 1.78 -12.54 3.93
N HIS A 44 2.94 -12.25 4.55
CA HIS A 44 4.22 -12.41 3.93
C HIS A 44 5.04 -13.41 4.67
N GLU A 45 6.14 -13.00 5.32
CA GLU A 45 7.14 -13.90 5.81
C GLU A 45 6.74 -14.57 7.08
N GLY A 46 5.73 -15.46 7.11
CA GLY A 46 5.21 -15.98 8.32
C GLY A 46 4.22 -15.11 9.02
N ARG A 47 4.26 -13.78 8.78
CA ARG A 47 3.79 -12.84 9.75
C ARG A 47 2.89 -11.82 9.13
N LYS A 48 1.74 -11.56 9.79
CA LYS A 48 0.90 -10.42 9.60
C LYS A 48 1.62 -9.13 9.50
N LEU A 49 1.45 -8.32 8.45
CA LEU A 49 2.16 -7.08 8.37
C LEU A 49 1.58 -6.06 9.29
N ASN A 50 2.33 -5.68 10.35
CA ASN A 50 2.01 -4.62 11.25
C ASN A 50 2.60 -3.35 10.78
N GLN A 51 2.43 -2.20 11.46
CA GLN A 51 2.75 -0.94 10.88
C GLN A 51 4.22 -0.79 10.79
N ASN A 52 4.86 -1.36 11.82
CA ASN A 52 6.25 -1.45 12.16
C ASN A 52 7.11 -2.10 11.12
N SER A 53 6.51 -2.97 10.29
CA SER A 53 7.19 -3.69 9.25
C SER A 53 7.65 -2.81 8.14
N PHE A 54 7.20 -1.55 8.06
CA PHE A 54 7.51 -0.62 7.03
C PHE A 54 8.93 -0.17 6.97
N ARG A 55 9.72 -0.41 8.03
CA ARG A 55 11.13 -0.14 8.05
C ARG A 55 11.85 -1.09 7.15
N LYS A 56 11.53 -2.39 7.31
CA LYS A 56 11.86 -3.50 6.48
C LYS A 56 11.61 -3.29 5.03
N ILE A 57 10.40 -2.82 4.70
CA ILE A 57 9.99 -2.25 3.46
C ILE A 57 10.86 -1.13 3.01
N VAL A 58 10.81 0.08 3.57
CA VAL A 58 11.22 1.26 2.86
C VAL A 58 12.65 1.30 2.44
N SER A 59 13.51 0.53 3.13
CA SER A 59 14.90 0.36 2.84
C SER A 59 15.20 -0.73 1.86
N GLU A 60 14.44 -1.84 1.87
CA GLU A 60 14.48 -2.85 0.85
C GLU A 60 13.65 -2.58 -0.35
N LEU A 61 13.05 -1.39 -0.48
CA LEU A 61 12.84 -0.71 -1.72
C LEU A 61 14.02 0.12 -2.02
N THR A 62 14.55 0.04 -3.25
CA THR A 62 15.83 0.54 -3.66
C THR A 62 15.57 1.62 -4.65
N GLN A 63 16.56 1.96 -5.50
CA GLN A 63 16.28 2.69 -6.69
C GLN A 63 15.62 1.84 -7.73
N GLU A 64 16.12 0.63 -8.01
CA GLU A 64 15.72 -0.10 -9.17
C GLU A 64 14.32 -0.56 -9.07
N ASP A 65 13.91 -0.90 -7.84
CA ASP A 65 12.59 -1.29 -7.43
C ASP A 65 11.58 -0.23 -7.68
N LYS A 66 11.86 1.01 -7.23
CA LYS A 66 11.12 2.21 -7.46
C LYS A 66 10.70 2.40 -8.87
N LYS A 67 11.61 2.20 -9.84
CA LYS A 67 11.35 2.42 -11.22
C LYS A 67 10.49 1.36 -11.83
N THR A 68 10.93 0.10 -11.72
CA THR A 68 10.25 -1.14 -11.89
C THR A 68 8.84 -1.16 -11.39
N LEU A 69 8.53 -0.67 -10.19
CA LEU A 69 7.20 -0.45 -9.71
C LEU A 69 6.30 0.30 -10.63
N ILE A 70 6.71 1.56 -10.87
CA ILE A 70 5.98 2.64 -11.45
C ILE A 70 5.65 2.34 -12.87
N ASP A 71 6.67 1.78 -13.54
CA ASP A 71 6.84 1.48 -14.93
C ASP A 71 5.91 0.41 -15.39
N GLU A 72 5.49 -0.46 -14.46
CA GLU A 72 4.51 -1.47 -14.68
C GLU A 72 3.12 -0.97 -14.48
N PHE A 73 2.85 -0.26 -13.38
CA PHE A 73 1.55 0.20 -13.02
C PHE A 73 1.55 1.67 -12.77
N ASN A 74 1.39 2.47 -13.83
CA ASN A 74 1.33 3.90 -13.76
C ASN A 74 -0.06 4.35 -13.47
N GLU A 75 -1.07 3.56 -13.90
CA GLU A 75 -2.47 3.81 -13.67
C GLU A 75 -2.81 3.92 -12.23
N GLY A 76 -2.40 2.94 -11.42
CA GLY A 76 -2.54 2.97 -9.99
C GLY A 76 -1.69 3.96 -9.28
N PHE A 77 -0.54 4.35 -9.87
CA PHE A 77 0.35 5.34 -9.37
C PHE A 77 -0.28 6.68 -9.39
N GLU A 78 -0.86 7.10 -10.54
CA GLU A 78 -1.71 8.25 -10.61
C GLU A 78 -2.90 8.10 -9.72
N GLY A 79 -3.62 6.97 -9.81
CA GLY A 79 -4.78 6.65 -9.05
C GLY A 79 -4.75 6.89 -7.57
N VAL A 80 -3.62 6.67 -6.88
CA VAL A 80 -3.55 6.87 -5.47
C VAL A 80 -3.05 8.24 -5.15
N TYR A 81 -2.34 8.91 -6.08
CA TYR A 81 -1.94 10.27 -5.98
C TYR A 81 -3.10 11.19 -6.11
N ARG A 82 -4.10 10.82 -6.93
CA ARG A 82 -5.38 11.45 -7.01
C ARG A 82 -6.14 11.37 -5.72
N TYR A 83 -6.13 10.20 -5.06
CA TYR A 83 -6.69 10.05 -3.75
C TYR A 83 -5.94 10.81 -2.71
N LEU A 84 -4.60 10.86 -2.77
CA LEU A 84 -3.75 11.59 -1.88
C LEU A 84 -4.02 13.06 -1.83
N GLU A 85 -4.02 13.74 -2.99
CA GLU A 85 -4.19 15.15 -3.09
C GLU A 85 -5.59 15.57 -2.77
N MET A 86 -6.60 14.76 -3.10
CA MET A 86 -7.94 14.97 -2.65
C MET A 86 -8.14 14.78 -1.18
N TYR A 87 -7.72 13.62 -0.62
CA TYR A 87 -8.05 13.24 0.72
C TYR A 87 -6.95 13.34 1.72
N THR A 88 -5.98 12.42 1.63
CA THR A 88 -5.38 11.86 2.80
C THR A 88 -4.10 11.19 2.45
N ASN A 89 -3.03 11.25 3.27
CA ASN A 89 -1.81 10.57 2.98
C ASN A 89 -1.50 9.45 3.89
N LYS A 90 -1.70 8.22 3.38
CA LYS A 90 -1.02 7.03 3.82
C LYS A 90 0.18 6.75 2.93
N ASN A 2 12.04 -9.81 -0.42
CA ASN A 2 12.76 -10.24 -1.59
C ASN A 2 11.84 -10.10 -2.76
N LYS A 3 10.54 -9.86 -2.52
CA LYS A 3 9.78 -9.00 -3.37
C LYS A 3 8.89 -8.19 -2.47
N ASN A 4 9.35 -6.98 -2.11
CA ASN A 4 8.57 -6.12 -1.28
C ASN A 4 7.70 -5.30 -2.16
N ILE A 5 7.94 -5.38 -3.49
CA ILE A 5 7.27 -4.64 -4.52
C ILE A 5 5.98 -5.32 -4.83
N ASP A 6 5.97 -6.64 -5.08
CA ASP A 6 4.80 -7.47 -5.17
C ASP A 6 3.95 -7.36 -3.96
N THR A 7 4.46 -7.48 -2.71
CA THR A 7 3.70 -7.17 -1.55
C THR A 7 3.13 -5.80 -1.45
N VAL A 8 3.83 -4.74 -1.90
CA VAL A 8 3.34 -3.41 -1.70
C VAL A 8 2.37 -3.03 -2.76
N ARG A 9 2.59 -3.37 -4.04
CA ARG A 9 1.67 -3.02 -5.08
C ARG A 9 0.44 -3.87 -5.09
N GLU A 10 0.43 -5.00 -4.35
CA GLU A 10 -0.78 -5.66 -3.99
C GLU A 10 -1.60 -4.84 -3.04
N ILE A 11 -1.00 -4.35 -1.95
CA ILE A 11 -1.61 -3.47 -0.99
C ILE A 11 -2.17 -2.23 -1.60
N ILE A 12 -1.36 -1.53 -2.43
CA ILE A 12 -1.74 -0.33 -3.11
C ILE A 12 -2.90 -0.53 -4.02
N THR A 13 -2.98 -1.69 -4.71
CA THR A 13 -4.11 -2.09 -5.48
C THR A 13 -5.34 -2.20 -4.64
N VAL A 14 -5.36 -3.09 -3.63
CA VAL A 14 -6.53 -3.40 -2.87
C VAL A 14 -6.97 -2.32 -1.95
N ALA A 15 -6.13 -1.30 -1.72
CA ALA A 15 -6.41 -0.20 -0.86
C ALA A 15 -7.10 0.90 -1.59
N SER A 16 -6.76 1.09 -2.88
CA SER A 16 -7.29 2.12 -3.71
C SER A 16 -8.59 1.69 -4.32
N ILE A 17 -8.72 0.40 -4.64
CA ILE A 17 -9.96 -0.21 -5.03
C ILE A 17 -10.91 -0.28 -3.88
N LEU A 18 -10.41 -0.24 -2.62
CA LEU A 18 -11.24 -0.03 -1.49
C LEU A 18 -11.91 1.30 -1.44
N ILE A 19 -11.09 2.34 -1.19
CA ILE A 19 -11.48 3.63 -0.71
C ILE A 19 -12.21 4.51 -1.67
N LYS A 20 -11.87 4.47 -2.96
CA LYS A 20 -12.41 5.23 -4.03
C LYS A 20 -13.88 5.45 -3.97
N PHE A 21 -14.67 4.37 -4.07
CA PHE A 21 -16.09 4.34 -3.94
C PHE A 21 -16.55 3.65 -2.70
N SER A 22 -15.91 3.92 -1.55
CA SER A 22 -16.38 3.41 -0.29
C SER A 22 -16.37 4.43 0.79
N ARG A 23 -15.31 4.46 1.62
CA ARG A 23 -15.21 5.28 2.79
C ARG A 23 -13.79 5.69 2.95
N GLU A 24 -13.50 6.92 3.42
CA GLU A 24 -12.17 7.32 3.72
C GLU A 24 -11.68 6.72 4.99
N ASP A 25 -12.65 6.59 5.92
CA ASP A 25 -12.53 6.38 7.33
C ASP A 25 -11.62 5.28 7.77
N ILE A 26 -11.37 4.27 6.93
CA ILE A 26 -10.37 3.28 7.17
C ILE A 26 -8.98 3.80 7.07
N VAL A 27 -8.65 4.57 6.01
CA VAL A 27 -7.39 5.21 5.79
C VAL A 27 -7.19 6.44 6.61
N GLU A 28 -8.24 6.89 7.33
CA GLU A 28 -8.19 7.99 8.24
C GLU A 28 -7.37 7.80 9.46
N ASN A 29 -7.10 6.60 9.99
CA ASN A 29 -6.01 6.37 10.90
C ASN A 29 -5.30 5.23 10.27
N ARG A 30 -3.97 5.11 10.16
CA ARG A 30 -3.38 4.02 9.44
C ARG A 30 -3.38 2.72 10.16
N ALA A 31 -3.50 2.73 11.50
CA ALA A 31 -3.72 1.57 12.32
C ALA A 31 -4.89 0.74 11.92
N ASN A 32 -6.12 1.26 11.99
CA ASN A 32 -7.28 0.88 11.26
C ASN A 32 -7.21 0.43 9.84
N PHE A 33 -6.48 1.12 8.96
CA PHE A 33 -6.24 0.80 7.59
C PHE A 33 -5.58 -0.54 7.44
N ILE A 34 -4.43 -0.71 8.12
CA ILE A 34 -3.63 -1.89 8.14
C ILE A 34 -4.40 -3.04 8.70
N ALA A 35 -5.17 -2.78 9.77
CA ALA A 35 -5.89 -3.82 10.44
C ALA A 35 -6.90 -4.43 9.53
N PHE A 36 -7.65 -3.58 8.80
CA PHE A 36 -8.31 -4.01 7.61
C PHE A 36 -7.57 -4.74 6.54
N LEU A 37 -6.28 -4.47 6.26
CA LEU A 37 -5.53 -5.26 5.33
C LEU A 37 -5.12 -6.60 5.84
N ASN A 38 -5.23 -6.86 7.16
CA ASN A 38 -5.10 -8.15 7.78
C ASN A 38 -6.28 -9.02 7.58
N GLU A 39 -7.53 -8.52 7.63
CA GLU A 39 -8.66 -9.09 6.96
C GLU A 39 -8.56 -9.54 5.55
N ILE A 40 -7.72 -8.94 4.69
CA ILE A 40 -7.42 -9.46 3.40
C ILE A 40 -6.18 -10.28 3.44
N GLY A 41 -5.28 -10.08 4.42
CA GLY A 41 -4.23 -11.01 4.73
C GLY A 41 -2.98 -10.73 3.96
N VAL A 42 -2.62 -9.44 3.85
CA VAL A 42 -1.49 -8.94 3.14
C VAL A 42 -0.20 -9.43 3.72
N THR A 43 0.60 -10.24 2.98
CA THR A 43 1.55 -11.10 3.64
C THR A 43 2.94 -10.59 3.67
N HIS A 44 3.68 -10.97 4.74
CA HIS A 44 5.10 -10.87 4.77
C HIS A 44 5.61 -12.19 5.26
N GLU A 45 6.93 -12.32 5.44
CA GLU A 45 7.59 -13.48 5.96
C GLU A 45 6.97 -14.08 7.18
N GLY A 46 6.09 -15.07 6.97
CA GLY A 46 5.44 -15.87 7.96
C GLY A 46 4.16 -15.34 8.50
N ARG A 47 3.93 -14.01 8.52
CA ARG A 47 2.86 -13.42 9.24
C ARG A 47 2.17 -12.39 8.40
N LYS A 48 1.03 -11.83 8.84
CA LYS A 48 0.43 -10.71 8.17
C LYS A 48 1.14 -9.48 8.60
N LEU A 49 0.83 -8.29 8.03
CA LEU A 49 1.62 -7.12 8.22
C LEU A 49 1.07 -6.21 9.27
N ASN A 50 1.87 -5.90 10.30
CA ASN A 50 1.57 -4.93 11.31
C ASN A 50 2.19 -3.63 10.96
N GLN A 51 2.04 -2.56 11.76
CA GLN A 51 2.32 -1.23 11.30
C GLN A 51 3.79 -1.05 11.16
N ASN A 52 4.45 -1.32 12.30
CA ASN A 52 5.85 -1.26 12.65
C ASN A 52 6.85 -1.62 11.61
N SER A 53 6.60 -2.64 10.75
CA SER A 53 7.57 -3.10 9.82
C SER A 53 7.63 -2.34 8.54
N PHE A 54 7.03 -1.14 8.48
CA PHE A 54 7.08 -0.21 7.40
C PHE A 54 8.47 0.16 7.00
N ARG A 55 9.39 0.24 7.99
CA ARG A 55 10.80 0.05 7.85
C ARG A 55 11.25 -0.93 6.81
N LYS A 56 11.02 -2.24 6.97
CA LYS A 56 11.55 -3.27 6.13
C LYS A 56 10.76 -3.55 4.90
N ILE A 57 9.54 -2.99 4.74
CA ILE A 57 9.03 -2.64 3.45
C ILE A 57 10.00 -1.93 2.56
N VAL A 58 10.38 -0.70 2.89
CA VAL A 58 11.04 0.22 2.01
C VAL A 58 12.53 0.24 2.13
N SER A 59 13.12 0.02 3.32
CA SER A 59 14.52 -0.01 3.60
C SER A 59 15.32 -0.85 2.67
N GLU A 60 14.84 -2.08 2.38
CA GLU A 60 15.45 -3.03 1.51
C GLU A 60 15.53 -2.69 0.06
N LEU A 61 14.80 -1.67 -0.41
CA LEU A 61 14.60 -1.39 -1.79
C LEU A 61 15.39 -0.22 -2.28
N THR A 62 15.82 -0.30 -3.55
CA THR A 62 16.64 0.61 -4.27
C THR A 62 15.89 1.02 -5.49
N GLN A 63 16.13 2.24 -6.02
CA GLN A 63 15.65 2.90 -7.20
C GLN A 63 15.17 2.12 -8.37
N GLU A 64 15.77 0.93 -8.58
CA GLU A 64 15.30 -0.18 -9.36
C GLU A 64 13.83 -0.33 -9.35
N ASP A 65 13.28 -0.39 -8.12
CA ASP A 65 11.90 -0.46 -7.75
C ASP A 65 11.05 0.57 -8.39
N LYS A 66 11.45 1.85 -8.24
CA LYS A 66 10.68 3.03 -8.49
C LYS A 66 10.18 3.06 -9.89
N LYS A 67 11.11 2.75 -10.82
CA LYS A 67 10.85 2.72 -12.22
C LYS A 67 10.23 1.44 -12.69
N THR A 68 10.67 0.27 -12.19
CA THR A 68 10.10 -1.01 -12.47
C THR A 68 8.64 -1.08 -12.23
N LEU A 69 8.20 -0.65 -11.04
CA LEU A 69 6.84 -0.55 -10.63
C LEU A 69 6.06 0.41 -11.47
N ILE A 70 6.45 1.69 -11.52
CA ILE A 70 5.64 2.71 -12.11
C ILE A 70 5.41 2.46 -13.56
N ASP A 71 6.36 1.86 -14.29
CA ASP A 71 6.21 1.42 -15.64
C ASP A 71 5.03 0.53 -15.89
N GLU A 72 4.79 -0.47 -15.03
CA GLU A 72 3.60 -1.27 -15.08
C GLU A 72 2.40 -0.54 -14.58
N PHE A 73 2.55 0.14 -13.43
CA PHE A 73 1.50 0.50 -12.53
C PHE A 73 1.22 1.96 -12.55
N ASN A 74 1.50 2.66 -13.67
CA ASN A 74 1.27 4.06 -13.90
C ASN A 74 -0.10 4.50 -13.55
N GLU A 75 -1.14 3.82 -14.10
CA GLU A 75 -2.51 4.12 -13.86
C GLU A 75 -2.93 3.91 -12.44
N GLY A 76 -2.43 2.84 -11.81
CA GLY A 76 -2.68 2.51 -10.43
C GLY A 76 -2.07 3.46 -9.46
N PHE A 77 -0.84 3.92 -9.74
CA PHE A 77 -0.11 4.90 -9.00
C PHE A 77 -0.77 6.24 -9.04
N GLU A 78 -1.08 6.76 -10.24
CA GLU A 78 -1.74 8.02 -10.40
C GLU A 78 -3.08 8.10 -9.76
N GLY A 79 -3.87 7.02 -9.84
CA GLY A 79 -5.16 6.92 -9.21
C GLY A 79 -5.11 7.18 -7.74
N VAL A 80 -4.30 6.43 -6.98
CA VAL A 80 -4.14 6.61 -5.57
C VAL A 80 -3.43 7.87 -5.19
N TYR A 81 -2.48 8.37 -5.99
CA TYR A 81 -1.82 9.63 -5.80
C TYR A 81 -2.79 10.75 -5.69
N ARG A 82 -3.82 10.78 -6.56
CA ARG A 82 -4.88 11.74 -6.54
C ARG A 82 -5.81 11.59 -5.39
N TYR A 83 -6.02 10.40 -4.84
CA TYR A 83 -6.75 10.20 -3.62
C TYR A 83 -6.02 10.81 -2.47
N LEU A 84 -4.70 10.58 -2.40
CA LEU A 84 -3.80 11.13 -1.43
C LEU A 84 -3.70 12.61 -1.51
N GLU A 85 -3.70 13.23 -2.70
CA GLU A 85 -3.74 14.65 -2.83
C GLU A 85 -5.04 15.21 -2.33
N MET A 86 -6.20 14.64 -2.70
CA MET A 86 -7.47 15.22 -2.36
C MET A 86 -7.90 14.94 -0.97
N TYR A 87 -7.71 13.75 -0.39
CA TYR A 87 -8.05 13.48 0.97
C TYR A 87 -6.93 13.72 1.93
N THR A 88 -5.88 12.88 1.91
CA THR A 88 -5.06 12.79 3.08
C THR A 88 -3.79 12.07 2.82
N ASN A 89 -2.71 12.50 3.50
CA ASN A 89 -1.38 12.02 3.28
C ASN A 89 -0.95 11.21 4.45
N LYS A 90 -1.26 9.90 4.44
CA LYS A 90 -1.10 9.02 5.55
C LYS A 90 -0.66 7.68 4.98
#